data_7PR0
#
_entry.id   7PR0
#
_cell.length_a   231.308
_cell.length_b   146.064
_cell.length_c   78.578
_cell.angle_alpha   90.000
_cell.angle_beta   103.680
_cell.angle_gamma   90.000
#
_symmetry.space_group_name_H-M   'C 1 2 1'
#
loop_
_entity.id
_entity.type
_entity.pdbx_description
1 polymer 'Spike protein S1'
2 polymer 'FD-5D Fab light chain'
3 polymer 'FD-5D Fab heavy chain'
4 non-polymer 2-acetamido-2-deoxy-beta-D-glucopyranose
5 non-polymer 'SULFATE ION'
6 non-polymer 'NITRATE ION'
7 non-polymer 'CHLORIDE ION'
8 non-polymer GLYCEROL
#
loop_
_entity_poly.entity_id
_entity_poly.type
_entity_poly.pdbx_seq_one_letter_code
_entity_poly.pdbx_strand_id
1 'polypeptide(L)'
;ETGHHHHHHTNLCPFGEVFNATRFASVYAWNRKRISNCVADYSVLYNSASFSTFKCYGVSPTKLNDLCFTNVYADSFVIR
GDEVRQIAPGQTGKIADYNYKLPDDFTGCVIAWNSNNLDSKVGGNYNYLYRLFRKSNLKPFERDISTEIYQAGSTPCNGV
EGFNCYFPLQSYGFQPTNGVGYQPYRVVVLSFELLHAPATVCGKK
;
E,A,D
2 'polypeptide(L)'
;DIVMTQSPLSLPVTPGEPASISCRSSQSLLHSNGYNYLDWYLQKPGQSPQLLIYLGSNRASGVPDRFSGSGSGTDFTLKI
SRVEAEDVGVYYCMQALQTPITWTFGQGTKVDIKRTVAAPSVFIFPPSDEQLKSGTASVVCLLNNFYPREAKVQWKVDNA
LQSGNSQESVTEQDSKDSTYSLSSTLTLSKADYEKHKVYACEVTHQGLSSPVTKSFNRGEC
;
L,B,F
3 'polypeptide(L)'
;EVQLVESGGGLVQPGGSLRLSCAASGFTFSSYSMNWVRQAPGKGLEWVSYISSSSSTIYYADSVKGRFTISRDNAKNSLY
LQMNSLRAEDTAVYYCASPGGITAAGTSVLFGYYGMDVWGQGTTVTVSSASTKGPSVFPLAPSSKSTSGGTAALGCLVKD
YFPEPVTVSWNSGALTSGVHTFPAVLQSSGLYSLSSVVTVPSSSLGTQTYICNVNHKPSNTKVDKRVEPKSCDK
;
H,C,G
#
loop_
_chem_comp.id
_chem_comp.type
_chem_comp.name
_chem_comp.formula
CL non-polymer 'CHLORIDE ION' 'Cl -1'
GOL non-polymer GLYCEROL 'C3 H8 O3'
NAG D-saccharide, beta linking 2-acetamido-2-deoxy-beta-D-glucopyranose 'C8 H15 N O6'
NO3 non-polymer 'NITRATE ION' 'N O3 -1'
SO4 non-polymer 'SULFATE ION' 'O4 S -2'
#
# COMPACT_ATOMS: atom_id res chain seq x y z
N HIS A 6 5.84 7.65 28.27
CA HIS A 6 4.83 8.68 28.10
C HIS A 6 4.48 8.89 26.62
N HIS A 7 3.39 8.24 26.18
CA HIS A 7 2.90 8.36 24.81
C HIS A 7 1.47 7.84 24.72
N HIS A 8 0.56 8.66 24.19
CA HIS A 8 -0.85 8.30 24.09
C HIS A 8 -1.44 8.88 22.82
N HIS A 9 -2.51 8.26 22.34
CA HIS A 9 -3.18 8.75 21.14
C HIS A 9 -3.85 10.10 21.37
N THR A 10 -3.97 10.53 22.63
CA THR A 10 -4.55 11.82 22.96
C THR A 10 -3.52 12.93 22.98
N ASN A 11 -2.24 12.60 23.00
CA ASN A 11 -1.18 13.59 22.82
C ASN A 11 -1.46 14.43 21.58
N LEU A 12 -1.38 15.75 21.74
CA LEU A 12 -1.56 16.62 20.59
C LEU A 12 -0.43 16.42 19.59
N CYS A 13 -0.76 16.49 18.31
CA CYS A 13 0.22 16.29 17.26
C CYS A 13 1.30 17.36 17.37
N PRO A 14 2.57 16.99 17.47
CA PRO A 14 3.63 17.98 17.67
C PRO A 14 3.93 18.77 16.40
N PHE A 15 2.99 19.61 15.95
CA PHE A 15 3.25 20.43 14.78
C PHE A 15 4.32 21.48 15.06
N GLY A 16 4.31 22.06 16.25
CA GLY A 16 5.32 23.05 16.61
C GLY A 16 6.74 22.55 16.45
N GLU A 17 6.99 21.32 16.90
CA GLU A 17 8.34 20.78 16.85
C GLU A 17 8.73 20.41 15.42
N VAL A 18 7.88 19.67 14.72
CA VAL A 18 8.20 19.20 13.37
C VAL A 18 8.32 20.38 12.40
N PHE A 19 7.52 21.43 12.60
CA PHE A 19 7.62 22.58 11.70
C PHE A 19 8.95 23.29 11.88
N ASN A 20 9.46 23.31 13.11
CA ASN A 20 10.70 23.98 13.49
C ASN A 20 11.95 23.16 13.18
N ALA A 21 11.84 22.10 12.38
CA ALA A 21 12.97 21.20 12.13
C ALA A 21 14.13 21.95 11.48
N THR A 22 15.34 21.40 11.66
CA THR A 22 16.54 22.06 11.15
C THR A 22 16.57 22.09 9.62
N ARG A 23 16.05 21.06 8.96
CA ARG A 23 16.06 20.98 7.51
C ARG A 23 14.72 20.45 7.00
N PHE A 24 14.29 20.96 5.86
CA PHE A 24 13.14 20.46 5.11
C PHE A 24 13.62 19.76 3.83
N ALA A 25 12.66 19.19 3.09
CA ALA A 25 12.96 18.54 1.83
C ALA A 25 12.87 19.53 0.68
N SER A 26 13.73 19.35 -0.32
CA SER A 26 13.61 20.12 -1.55
C SER A 26 12.23 19.93 -2.15
N VAL A 27 11.73 20.98 -2.80
CA VAL A 27 10.36 20.93 -3.32
C VAL A 27 10.21 19.80 -4.34
N TYR A 28 11.25 19.54 -5.13
CA TYR A 28 11.14 18.50 -6.16
C TYR A 28 10.97 17.12 -5.54
N ALA A 29 11.54 16.89 -4.37
CA ALA A 29 11.33 15.63 -3.67
C ALA A 29 10.53 15.87 -2.40
N TRP A 30 9.43 16.59 -2.53
CA TRP A 30 8.62 16.99 -1.39
C TRP A 30 8.28 15.80 -0.49
N ASN A 31 8.41 16.02 0.81
CA ASN A 31 8.22 14.97 1.80
C ASN A 31 6.76 14.94 2.24
N ARG A 32 6.24 13.74 2.50
CA ARG A 32 4.84 13.55 2.86
C ARG A 32 4.73 12.69 4.11
N LYS A 33 4.05 13.21 5.13
CA LYS A 33 3.79 12.51 6.38
C LYS A 33 2.30 12.20 6.52
N ARG A 34 2.00 11.06 7.13
CA ARG A 34 0.63 10.77 7.53
C ARG A 34 0.46 11.14 9.01
N ILE A 35 -0.38 12.13 9.29
CA ILE A 35 -0.71 12.45 10.67
C ILE A 35 -1.66 11.38 11.19
N SER A 36 -1.19 10.58 12.15
CA SER A 36 -1.99 9.45 12.62
C SER A 36 -1.81 9.27 14.12
N ASN A 37 -2.91 8.87 14.77
CA ASN A 37 -2.90 8.52 16.20
C ASN A 37 -2.41 9.68 17.07
N CYS A 38 -2.91 10.88 16.76
CA CYS A 38 -2.66 12.05 17.59
C CYS A 38 -3.79 13.04 17.36
N VAL A 39 -3.94 13.95 18.32
CA VAL A 39 -5.00 14.95 18.27
C VAL A 39 -4.43 16.21 17.62
N ALA A 40 -5.02 16.60 16.49
CA ALA A 40 -4.59 17.79 15.75
C ALA A 40 -5.55 18.93 16.10
N ASP A 41 -5.04 19.94 16.80
CA ASP A 41 -5.82 21.13 17.14
C ASP A 41 -5.45 22.23 16.15
N TYR A 42 -6.24 22.35 15.08
CA TYR A 42 -5.90 23.26 14.01
C TYR A 42 -6.09 24.72 14.39
N SER A 43 -6.81 25.01 15.47
CA SER A 43 -6.92 26.40 15.94
C SER A 43 -5.61 26.89 16.53
N VAL A 44 -4.79 26.00 17.10
CA VAL A 44 -3.51 26.43 17.67
C VAL A 44 -2.58 26.91 16.56
N LEU A 45 -2.62 26.25 15.39
CA LEU A 45 -1.92 26.77 14.22
C LEU A 45 -2.59 28.03 13.70
N TYR A 46 -3.89 27.94 13.40
CA TYR A 46 -4.60 29.03 12.74
C TYR A 46 -4.60 30.31 13.57
N ASN A 47 -4.61 30.19 14.91
CA ASN A 47 -4.62 31.35 15.78
C ASN A 47 -3.23 31.76 16.26
N SER A 48 -2.19 30.98 15.94
CA SER A 48 -0.82 31.45 16.08
C SER A 48 -0.47 32.32 14.89
N ALA A 49 -0.12 33.58 15.14
CA ALA A 49 0.23 34.51 14.07
C ALA A 49 1.61 34.19 13.49
N SER A 50 2.03 32.93 13.60
CA SER A 50 3.37 32.55 13.15
C SER A 50 3.45 32.48 11.63
N PHE A 51 2.35 32.13 10.96
CA PHE A 51 2.38 31.75 9.54
C PHE A 51 1.94 32.91 8.67
N SER A 52 2.70 33.14 7.59
CA SER A 52 2.33 34.17 6.61
C SER A 52 1.11 33.75 5.80
N THR A 53 1.13 32.55 5.24
CA THR A 53 0.04 32.04 4.42
C THR A 53 -0.66 30.90 5.17
N PHE A 54 -1.99 30.98 5.25
CA PHE A 54 -2.79 29.92 5.86
C PHE A 54 -4.16 29.96 5.17
N LYS A 55 -4.20 29.42 3.95
CA LYS A 55 -5.38 29.46 3.10
C LYS A 55 -5.88 28.04 2.88
N CYS A 56 -7.15 27.81 3.19
CA CYS A 56 -7.77 26.49 3.05
C CYS A 56 -8.71 26.44 1.84
N TYR A 57 -8.93 25.22 1.35
CA TYR A 57 -9.74 25.00 0.17
C TYR A 57 -10.65 23.79 0.40
N GLY A 58 -11.90 23.92 -0.02
CA GLY A 58 -12.88 22.87 0.19
C GLY A 58 -13.33 22.66 1.62
N VAL A 59 -12.83 23.47 2.57
CA VAL A 59 -13.18 23.37 3.98
C VAL A 59 -13.05 24.76 4.60
N SER A 60 -13.91 25.06 5.56
CA SER A 60 -13.72 26.34 6.22
C SER A 60 -12.71 26.20 7.36
N PRO A 61 -11.68 27.03 7.42
CA PRO A 61 -10.67 26.86 8.48
C PRO A 61 -11.19 27.13 9.88
N THR A 62 -12.31 27.85 10.02
CA THR A 62 -12.90 28.04 11.33
C THR A 62 -13.47 26.75 11.91
N LYS A 63 -13.80 25.79 11.06
CA LYS A 63 -14.46 24.56 11.49
C LYS A 63 -13.60 23.33 11.23
N LEU A 64 -12.28 23.50 11.20
CA LEU A 64 -11.39 22.34 11.06
C LEU A 64 -11.42 21.43 12.28
N ASN A 65 -11.58 22.00 13.48
CA ASN A 65 -11.46 21.22 14.71
C ASN A 65 -12.66 20.32 14.97
N ASP A 66 -13.83 20.63 14.41
CA ASP A 66 -15.03 19.83 14.60
C ASP A 66 -15.41 19.07 13.34
N LEU A 67 -14.42 18.60 12.60
CA LEU A 67 -14.62 17.73 11.45
C LEU A 67 -14.02 16.36 11.73
N CYS A 68 -14.47 15.36 10.97
CA CYS A 68 -14.00 13.98 11.10
C CYS A 68 -13.18 13.62 9.87
N PHE A 69 -11.93 13.21 10.09
CA PHE A 69 -10.99 12.92 9.01
C PHE A 69 -10.59 11.46 9.03
N THR A 70 -10.77 10.77 7.91
CA THR A 70 -10.28 9.41 7.77
C THR A 70 -8.76 9.38 7.65
N ASN A 71 -8.21 10.33 6.91
CA ASN A 71 -6.79 10.34 6.58
C ASN A 71 -6.33 11.79 6.42
N VAL A 72 -5.21 12.13 7.06
CA VAL A 72 -4.62 13.45 6.94
C VAL A 72 -3.17 13.31 6.47
N TYR A 73 -2.82 14.09 5.46
CA TYR A 73 -1.48 14.10 4.88
C TYR A 73 -0.84 15.48 5.04
N ALA A 74 0.43 15.50 5.39
CA ALA A 74 1.20 16.73 5.54
C ALA A 74 2.38 16.71 4.56
N ASP A 75 2.22 17.42 3.45
CA ASP A 75 3.29 17.58 2.47
C ASP A 75 4.11 18.83 2.82
N SER A 76 5.43 18.67 2.89
CA SER A 76 6.31 19.75 3.33
C SER A 76 7.48 19.89 2.35
N PHE A 77 7.91 21.14 2.15
CA PHE A 77 9.02 21.45 1.26
C PHE A 77 9.41 22.91 1.46
N VAL A 78 10.43 23.34 0.73
CA VAL A 78 10.92 24.72 0.79
C VAL A 78 10.97 25.30 -0.62
N ILE A 79 10.34 26.45 -0.81
CA ILE A 79 10.40 27.24 -2.02
C ILE A 79 10.64 28.70 -1.64
N ARG A 80 10.78 29.55 -2.65
CA ARG A 80 10.99 30.98 -2.42
C ARG A 80 9.66 31.72 -2.34
N GLY A 81 9.68 32.86 -1.62
CA GLY A 81 8.44 33.57 -1.34
C GLY A 81 7.67 33.97 -2.57
N ASP A 82 8.37 34.31 -3.66
CA ASP A 82 7.72 34.52 -4.95
C ASP A 82 6.83 33.37 -5.34
N GLU A 83 7.25 32.14 -5.05
CA GLU A 83 6.60 30.96 -5.59
C GLU A 83 5.51 30.41 -4.69
N VAL A 84 5.27 31.03 -3.51
CA VAL A 84 4.26 30.52 -2.60
C VAL A 84 2.87 30.64 -3.22
N ARG A 85 2.66 31.64 -4.09
CA ARG A 85 1.36 31.83 -4.73
C ARG A 85 1.02 30.72 -5.72
N GLN A 86 2.00 29.89 -6.07
CA GLN A 86 1.76 28.71 -6.92
C GLN A 86 1.27 27.51 -6.13
N ILE A 87 1.34 27.54 -4.81
CA ILE A 87 0.84 26.42 -3.99
C ILE A 87 -0.64 26.70 -3.75
N ALA A 88 -1.42 26.44 -4.78
CA ALA A 88 -2.86 26.67 -4.76
C ALA A 88 -3.46 25.94 -5.95
N PRO A 89 -4.74 25.55 -5.87
CA PRO A 89 -5.36 24.84 -7.00
C PRO A 89 -5.45 25.72 -8.24
N GLY A 90 -5.22 25.10 -9.39
CA GLY A 90 -5.34 25.79 -10.66
C GLY A 90 -4.32 26.87 -10.91
N GLN A 91 -3.10 26.70 -10.39
CA GLN A 91 -2.03 27.66 -10.60
C GLN A 91 -1.04 27.12 -11.63
N THR A 92 -0.20 28.03 -12.12
CA THR A 92 0.78 27.71 -13.15
C THR A 92 2.12 28.31 -12.76
N GLY A 93 3.17 27.78 -13.37
CA GLY A 93 4.51 28.26 -13.13
C GLY A 93 5.49 27.10 -13.14
N LYS A 94 6.72 27.39 -12.68
CA LYS A 94 7.75 26.37 -12.64
C LYS A 94 7.47 25.35 -11.55
N ILE A 95 7.01 25.81 -10.39
CA ILE A 95 6.79 24.91 -9.26
C ILE A 95 5.55 24.06 -9.49
N ALA A 96 4.42 24.72 -9.74
CA ALA A 96 3.16 24.01 -9.89
C ALA A 96 3.22 23.01 -11.05
N ASP A 97 4.00 23.30 -12.08
CA ASP A 97 4.04 22.42 -13.24
C ASP A 97 5.08 21.32 -13.14
N TYR A 98 6.22 21.58 -12.49
CA TYR A 98 7.32 20.62 -12.48
C TYR A 98 7.71 20.18 -11.08
N ASN A 99 6.98 20.56 -10.04
CA ASN A 99 7.40 20.22 -8.69
C ASN A 99 6.25 19.74 -7.81
N TYR A 100 5.27 20.61 -7.56
CA TYR A 100 4.16 20.30 -6.68
C TYR A 100 2.89 20.91 -7.25
N LYS A 101 2.02 20.07 -7.82
CA LYS A 101 0.75 20.50 -8.38
C LYS A 101 -0.38 20.20 -7.41
N LEU A 102 -1.24 21.21 -7.15
CA LEU A 102 -2.46 20.90 -6.43
C LEU A 102 -3.61 20.65 -7.39
N PRO A 103 -4.52 19.73 -7.05
CA PRO A 103 -5.66 19.45 -7.92
C PRO A 103 -6.73 20.53 -7.81
N ASP A 104 -7.60 20.56 -8.83
CA ASP A 104 -8.68 21.54 -8.83
C ASP A 104 -9.68 21.28 -7.70
N ASP A 105 -9.91 20.01 -7.35
CA ASP A 105 -10.82 19.63 -6.28
C ASP A 105 -10.11 19.48 -4.94
N PHE A 106 -9.02 20.23 -4.73
CA PHE A 106 -8.23 20.09 -3.52
C PHE A 106 -9.03 20.50 -2.29
N THR A 107 -9.10 19.59 -1.31
CA THR A 107 -9.77 19.83 -0.03
C THR A 107 -8.70 19.78 1.06
N GLY A 108 -8.23 20.94 1.48
CA GLY A 108 -7.15 20.98 2.46
C GLY A 108 -6.73 22.40 2.75
N CYS A 109 -5.56 22.54 3.36
CA CYS A 109 -5.02 23.85 3.74
C CYS A 109 -3.55 23.96 3.33
N VAL A 110 -3.15 25.16 2.91
CA VAL A 110 -1.76 25.48 2.57
C VAL A 110 -1.21 26.41 3.64
N ILE A 111 -0.15 25.97 4.32
CA ILE A 111 0.50 26.73 5.38
C ILE A 111 1.92 27.06 4.95
N ALA A 112 2.30 28.33 5.06
CA ALA A 112 3.62 28.78 4.66
C ALA A 112 4.10 29.87 5.59
N TRP A 113 5.42 29.97 5.74
CA TRP A 113 6.03 30.99 6.59
C TRP A 113 7.48 31.18 6.20
N ASN A 114 7.96 32.41 6.37
CA ASN A 114 9.34 32.75 6.03
C ASN A 114 10.32 32.04 6.96
N SER A 115 11.29 31.36 6.36
CA SER A 115 12.30 30.60 7.08
C SER A 115 13.70 31.10 6.75
N ASN A 116 13.86 32.42 6.70
CA ASN A 116 15.18 32.98 6.37
C ASN A 116 16.21 32.61 7.44
N ASN A 117 15.86 32.79 8.70
CA ASN A 117 16.81 32.53 9.79
C ASN A 117 17.14 31.04 9.92
N LEU A 118 16.32 30.15 9.37
CA LEU A 118 16.51 28.71 9.53
C LEU A 118 17.18 28.05 8.33
N ASP A 119 16.91 28.55 7.11
CA ASP A 119 17.38 27.92 5.87
C ASP A 119 18.41 28.73 5.10
N SER A 120 18.48 30.05 5.32
CA SER A 120 19.50 30.87 4.67
C SER A 120 20.81 30.80 5.43
N LYS A 121 21.91 30.73 4.68
CA LYS A 121 23.25 30.67 5.23
C LYS A 121 24.10 31.76 4.57
N VAL A 122 25.00 32.37 5.34
CA VAL A 122 25.79 33.48 4.79
C VAL A 122 26.71 32.98 3.68
N GLY A 123 27.27 31.78 3.82
CA GLY A 123 28.01 31.16 2.73
C GLY A 123 27.18 30.97 1.47
N GLY A 124 25.86 30.97 1.59
CA GLY A 124 24.98 30.54 0.53
C GLY A 124 24.56 29.10 0.76
N ASN A 125 23.25 28.84 0.78
CA ASN A 125 22.72 27.50 0.96
C ASN A 125 22.22 27.02 -0.40
N TYR A 126 22.97 26.10 -1.02
CA TYR A 126 22.67 25.61 -2.35
C TYR A 126 22.09 24.19 -2.33
N ASN A 127 21.61 23.72 -1.17
CA ASN A 127 21.17 22.34 -1.04
C ASN A 127 19.67 22.15 -1.25
N TYR A 128 18.88 23.22 -1.16
CA TYR A 128 17.48 23.14 -1.55
C TYR A 128 17.39 23.29 -3.06
N LEU A 129 16.77 22.32 -3.72
CA LEU A 129 16.72 22.29 -5.17
C LEU A 129 15.27 22.42 -5.62
N TYR A 130 15.12 22.66 -6.92
CA TYR A 130 13.81 22.69 -7.56
C TYR A 130 13.98 22.16 -8.98
N ARG A 131 12.92 21.55 -9.50
CA ARG A 131 12.95 21.03 -10.86
C ARG A 131 12.63 22.15 -11.85
N LEU A 132 13.46 22.25 -12.89
CA LEU A 132 13.36 23.31 -13.88
C LEU A 132 12.84 22.85 -15.23
N PHE A 133 13.13 21.61 -15.62
CA PHE A 133 12.69 21.08 -16.90
C PHE A 133 11.97 19.76 -16.69
N ARG A 134 10.96 19.51 -17.53
CA ARG A 134 10.28 18.24 -17.55
C ARG A 134 9.48 18.17 -18.85
N LYS A 135 9.37 16.96 -19.40
CA LYS A 135 8.69 16.82 -20.69
C LYS A 135 7.23 17.28 -20.58
N SER A 136 6.54 16.87 -19.53
CA SER A 136 5.15 17.23 -19.34
C SER A 136 4.95 17.75 -17.92
N ASN A 137 3.79 18.38 -17.70
CA ASN A 137 3.46 18.88 -16.37
C ASN A 137 3.08 17.74 -15.44
N LEU A 138 3.32 17.94 -14.15
CA LEU A 138 3.01 16.92 -13.17
C LEU A 138 1.51 16.83 -12.94
N LYS A 139 1.00 15.60 -12.84
CA LYS A 139 -0.35 15.37 -12.36
C LYS A 139 -0.42 15.75 -10.88
N PRO A 140 -1.61 16.10 -10.38
CA PRO A 140 -1.70 16.55 -8.99
C PRO A 140 -1.17 15.49 -8.03
N PHE A 141 -0.40 15.95 -7.04
CA PHE A 141 0.24 15.13 -6.02
C PHE A 141 1.27 14.15 -6.59
N GLU A 142 1.66 14.31 -7.85
CA GLU A 142 2.76 13.53 -8.39
C GLU A 142 4.08 14.09 -7.87
N ARG A 143 5.10 13.23 -7.82
CA ARG A 143 6.44 13.64 -7.40
C ARG A 143 7.45 13.01 -8.35
N ASP A 144 8.30 13.84 -8.94
CA ASP A 144 9.32 13.39 -9.89
C ASP A 144 10.69 13.69 -9.31
N ILE A 145 11.50 12.65 -9.13
CA ILE A 145 12.86 12.77 -8.60
C ILE A 145 13.90 12.21 -9.54
N SER A 146 13.53 11.96 -10.80
CA SER A 146 14.50 11.46 -11.76
C SER A 146 15.49 12.56 -12.14
N THR A 147 16.69 12.14 -12.53
CA THR A 147 17.75 13.05 -12.94
C THR A 147 18.14 12.85 -14.40
N GLU A 148 17.21 12.38 -15.22
CA GLU A 148 17.48 12.18 -16.64
C GLU A 148 17.80 13.51 -17.32
N ILE A 149 18.79 13.49 -18.20
CA ILE A 149 19.24 14.71 -18.87
C ILE A 149 18.14 15.21 -19.80
N TYR A 150 17.70 16.45 -19.59
CA TYR A 150 16.59 17.03 -20.33
C TYR A 150 17.04 17.45 -21.72
N GLN A 151 16.28 17.03 -22.74
CA GLN A 151 16.51 17.40 -24.12
C GLN A 151 15.82 18.72 -24.43
N ALA A 152 16.58 19.68 -24.96
CA ALA A 152 16.05 21.02 -25.25
C ALA A 152 14.78 20.98 -26.10
N GLY A 153 14.77 20.20 -27.18
CA GLY A 153 13.64 20.23 -28.08
C GLY A 153 13.92 19.75 -29.49
N SER A 154 15.11 20.03 -30.01
CA SER A 154 15.47 19.72 -31.39
C SER A 154 16.38 18.51 -31.49
N THR A 155 17.72 18.67 -31.09
CA THR A 155 18.87 17.79 -31.18
C THR A 155 18.92 16.80 -30.02
N PRO A 156 19.46 15.61 -30.25
CA PRO A 156 19.49 14.60 -29.18
C PRO A 156 20.57 14.88 -28.14
N CYS A 157 20.36 14.29 -26.95
CA CYS A 157 21.25 14.43 -25.80
C CYS A 157 22.07 13.18 -25.49
N ASN A 158 21.50 12.00 -25.74
CA ASN A 158 22.19 10.72 -25.51
C ASN A 158 22.61 10.53 -24.06
N GLY A 159 21.79 11.04 -23.13
CA GLY A 159 22.05 10.89 -21.71
C GLY A 159 23.32 11.55 -21.22
N VAL A 160 23.81 12.58 -21.91
CA VAL A 160 25.01 13.30 -21.52
C VAL A 160 24.69 14.79 -21.49
N GLU A 161 25.30 15.50 -20.54
CA GLU A 161 25.02 16.92 -20.34
C GLU A 161 25.86 17.76 -21.30
N GLY A 162 25.33 18.93 -21.66
CA GLY A 162 26.08 19.84 -22.51
C GLY A 162 25.16 20.87 -23.16
N PHE A 163 25.56 21.30 -24.34
CA PHE A 163 24.82 22.31 -25.10
C PHE A 163 23.42 21.81 -25.43
N ASN A 164 22.41 22.58 -25.01
CA ASN A 164 21.00 22.23 -25.16
C ASN A 164 20.61 20.99 -24.38
N CYS A 165 21.48 20.50 -23.51
CA CYS A 165 21.23 19.30 -22.71
C CYS A 165 21.55 19.65 -21.26
N TYR A 166 20.52 19.98 -20.50
CA TYR A 166 20.67 20.52 -19.15
C TYR A 166 20.26 19.49 -18.12
N PHE A 167 20.95 19.53 -16.98
CA PHE A 167 20.51 18.79 -15.80
C PHE A 167 19.19 19.39 -15.32
N PRO A 168 18.17 18.56 -15.05
CA PRO A 168 16.82 19.11 -14.80
C PRO A 168 16.67 19.79 -13.45
N LEU A 169 17.63 19.65 -12.53
CA LEU A 169 17.53 20.22 -11.19
C LEU A 169 18.55 21.34 -11.03
N GLN A 170 18.10 22.47 -10.49
CA GLN A 170 18.96 23.60 -10.18
C GLN A 170 18.81 23.97 -8.71
N SER A 171 19.85 24.59 -8.16
CA SER A 171 19.89 24.93 -6.74
C SER A 171 19.37 26.33 -6.51
N TYR A 172 18.55 26.48 -5.47
CA TYR A 172 18.25 27.82 -4.96
C TYR A 172 19.50 28.43 -4.34
N GLY A 173 19.57 29.76 -4.37
CA GLY A 173 20.69 30.43 -3.74
C GLY A 173 20.29 31.18 -2.49
N PHE A 174 20.00 30.46 -1.41
CA PHE A 174 19.43 31.06 -0.20
C PHE A 174 20.52 31.64 0.69
N GLN A 175 20.70 32.96 0.61
CA GLN A 175 21.48 33.78 1.51
C GLN A 175 20.57 34.73 2.29
N PRO A 176 20.93 35.13 3.52
CA PRO A 176 20.02 35.98 4.29
C PRO A 176 19.92 37.40 3.77
N THR A 177 20.84 37.85 2.92
CA THR A 177 20.75 39.18 2.34
C THR A 177 19.80 39.25 1.13
N ASN A 178 19.25 38.12 0.70
CA ASN A 178 18.28 38.08 -0.39
C ASN A 178 17.08 38.99 -0.15
N GLY A 179 16.43 39.41 -1.22
CA GLY A 179 15.14 40.05 -1.09
C GLY A 179 14.10 39.09 -0.55
N VAL A 180 13.01 39.66 -0.03
CA VAL A 180 11.96 38.84 0.56
C VAL A 180 11.43 37.82 -0.44
N GLY A 181 11.39 38.18 -1.73
CA GLY A 181 10.92 37.26 -2.75
C GLY A 181 11.89 36.16 -3.08
N TYR A 182 13.18 36.36 -2.84
CA TYR A 182 14.18 35.34 -3.07
C TYR A 182 14.56 34.59 -1.80
N GLN A 183 13.94 34.94 -0.66
CA GLN A 183 14.16 34.29 0.63
C GLN A 183 13.41 32.97 0.71
N PRO A 184 13.94 31.99 1.45
CA PRO A 184 13.27 30.68 1.52
C PRO A 184 12.02 30.74 2.38
N TYR A 185 10.94 30.16 1.88
CA TYR A 185 9.72 29.98 2.64
C TYR A 185 9.46 28.49 2.80
N ARG A 186 9.09 28.08 4.01
CA ARG A 186 8.69 26.71 4.27
C ARG A 186 7.20 26.58 4.05
N VAL A 187 6.80 25.48 3.42
CA VAL A 187 5.41 25.22 3.06
C VAL A 187 4.99 23.89 3.66
N VAL A 188 3.80 23.86 4.27
CA VAL A 188 3.16 22.62 4.71
C VAL A 188 1.76 22.58 4.12
N VAL A 189 1.41 21.45 3.51
CA VAL A 189 0.13 21.29 2.80
C VAL A 189 -0.63 20.14 3.45
N LEU A 190 -1.79 20.45 4.02
CA LEU A 190 -2.65 19.45 4.64
C LEU A 190 -3.67 18.93 3.62
N SER A 191 -3.75 17.61 3.50
CA SER A 191 -4.70 16.93 2.61
C SER A 191 -5.68 16.14 3.46
N PHE A 192 -6.96 16.41 3.29
CA PHE A 192 -8.00 15.84 4.15
C PHE A 192 -8.82 14.79 3.40
N GLU A 193 -9.15 13.72 4.12
CA GLU A 193 -10.10 12.71 3.67
C GLU A 193 -11.21 12.65 4.71
N LEU A 194 -12.43 13.00 4.31
CA LEU A 194 -13.52 13.09 5.27
C LEU A 194 -14.16 11.73 5.57
N LEU A 195 -14.85 11.69 6.70
CA LEU A 195 -15.59 10.52 7.13
C LEU A 195 -16.98 10.54 6.50
N HIS A 196 -17.24 9.59 5.60
CA HIS A 196 -18.60 9.38 5.14
C HIS A 196 -19.49 9.01 6.32
N ALA A 197 -20.36 9.93 6.74
CA ALA A 197 -21.18 9.71 7.92
C ALA A 197 -22.34 10.67 7.89
N PRO A 198 -23.47 10.33 8.50
CA PRO A 198 -24.61 11.26 8.53
C PRO A 198 -24.26 12.55 9.25
N ALA A 199 -25.08 13.58 8.99
CA ALA A 199 -24.94 14.84 9.71
C ALA A 199 -25.06 14.64 11.22
N THR A 200 -25.89 13.69 11.65
CA THR A 200 -26.17 13.51 13.07
C THR A 200 -24.92 13.17 13.88
N VAL A 201 -23.92 12.57 13.25
CA VAL A 201 -22.71 12.19 13.95
C VAL A 201 -21.57 13.16 13.70
N CYS A 202 -21.42 13.66 12.47
CA CYS A 202 -20.33 14.57 12.19
C CYS A 202 -20.67 15.52 11.05
N ASP B 1 46.47 18.24 8.39
CA ASP B 1 47.78 18.47 8.99
C ASP B 1 47.83 19.83 9.66
N ILE B 2 46.66 20.37 9.97
CA ILE B 2 46.52 21.62 10.69
C ILE B 2 46.14 21.31 12.13
N VAL B 3 46.89 21.89 13.07
CA VAL B 3 46.75 21.55 14.49
C VAL B 3 45.92 22.63 15.16
N MET B 4 44.81 22.22 15.77
CA MET B 4 43.96 23.11 16.55
C MET B 4 44.40 23.12 18.02
N THR B 5 44.48 24.32 18.60
CA THR B 5 44.89 24.49 19.99
C THR B 5 43.85 25.34 20.70
N GLN B 6 42.99 24.69 21.49
CA GLN B 6 42.01 25.39 22.30
C GLN B 6 42.59 25.77 23.65
N SER B 7 42.09 26.87 24.20
CA SER B 7 42.48 27.30 25.54
C SER B 7 41.30 28.06 26.12
N PRO B 8 40.98 27.85 27.40
CA PRO B 8 41.64 26.90 28.31
C PRO B 8 41.13 25.46 28.17
N LEU B 9 41.58 24.59 29.08
CA LEU B 9 41.06 23.24 29.14
C LEU B 9 39.72 23.21 29.84
N SER B 10 39.66 23.84 31.01
CA SER B 10 38.46 24.03 31.79
C SER B 10 38.22 25.52 31.98
N LEU B 11 36.96 25.89 32.12
CA LEU B 11 36.58 27.30 32.20
C LEU B 11 35.31 27.41 33.02
N PRO B 12 35.43 27.77 34.30
CA PRO B 12 34.22 28.03 35.09
C PRO B 12 33.60 29.34 34.69
N VAL B 13 32.27 29.40 34.73
CA VAL B 13 31.52 30.57 34.30
C VAL B 13 30.42 30.87 35.29
N THR B 14 30.17 32.16 35.52
CA THR B 14 29.05 32.61 36.34
C THR B 14 27.85 32.92 35.45
N PRO B 15 26.69 32.32 35.69
CA PRO B 15 25.51 32.65 34.88
C PRO B 15 25.14 34.12 35.03
N GLY B 16 25.12 34.83 33.90
CA GLY B 16 24.89 36.25 33.86
C GLY B 16 26.12 37.10 33.58
N GLU B 17 27.29 36.49 33.39
CA GLU B 17 28.53 37.19 33.12
C GLU B 17 29.19 36.61 31.87
N PRO B 18 30.07 37.37 31.22
CA PRO B 18 30.61 36.92 29.93
C PRO B 18 31.63 35.79 30.09
N ALA B 19 32.07 35.29 28.94
CA ALA B 19 33.01 34.18 28.87
C ALA B 19 33.66 34.17 27.49
N SER B 20 34.86 33.61 27.41
CA SER B 20 35.59 33.60 26.15
C SER B 20 36.44 32.33 26.04
N ILE B 21 36.33 31.65 24.90
CA ILE B 21 37.19 30.51 24.56
C ILE B 21 38.01 30.88 23.33
N SER B 22 39.24 30.36 23.27
CA SER B 22 40.14 30.66 22.17
C SER B 22 40.51 29.39 21.41
N CYS B 23 40.61 29.52 20.09
CA CYS B 23 41.06 28.44 19.21
C CYS B 23 42.14 28.99 18.30
N ARG B 24 43.33 28.38 18.35
CA ARG B 24 44.45 28.79 17.53
C ARG B 24 44.79 27.68 16.55
N SER B 25 45.11 28.05 15.32
CA SER B 25 45.41 27.11 14.25
C SER B 25 46.89 27.17 13.89
N SER B 26 47.43 26.02 13.45
CA SER B 26 48.83 25.98 13.05
C SER B 26 49.05 26.69 11.72
N GLN B 27 48.02 26.81 10.90
CA GLN B 27 48.09 27.50 9.62
C GLN B 27 46.85 28.37 9.47
N SER B 28 46.96 29.40 8.63
CA SER B 28 45.85 30.31 8.41
C SER B 28 44.64 29.55 7.86
N LEU B 29 43.46 29.92 8.34
CA LEU B 29 42.20 29.33 7.89
C LEU B 29 41.40 30.27 7.00
N LEU B 30 42.00 31.38 6.56
CA LEU B 30 41.32 32.36 5.72
C LEU B 30 41.52 31.95 4.26
N HIS B 31 40.42 31.56 3.61
CA HIS B 31 40.44 31.15 2.21
C HIS B 31 40.43 32.35 1.28
N SER B 32 40.84 32.13 0.03
CA SER B 32 40.96 33.19 -0.97
C SER B 32 39.62 33.81 -1.38
N ASN B 33 38.49 33.33 -0.87
CA ASN B 33 37.20 33.97 -1.12
C ASN B 33 36.80 34.90 0.02
N GLY B 34 37.58 34.96 1.09
CA GLY B 34 37.30 35.85 2.19
C GLY B 34 36.52 35.26 3.34
N TYR B 35 36.45 33.93 3.43
CA TYR B 35 35.77 33.25 4.52
C TYR B 35 36.79 32.50 5.36
N ASN B 36 36.56 32.45 6.67
CA ASN B 36 37.40 31.71 7.59
C ASN B 36 36.74 30.36 7.87
N TYR B 37 37.31 29.29 7.31
CA TYR B 37 36.75 27.95 7.43
C TYR B 37 37.10 27.39 8.81
N LEU B 38 36.29 27.78 9.80
CA LEU B 38 36.39 27.30 11.17
C LEU B 38 35.00 27.29 11.79
N ASP B 39 34.62 26.15 12.36
CA ASP B 39 33.32 25.98 13.00
C ASP B 39 33.50 25.78 14.50
N TRP B 40 32.44 26.10 15.23
CA TRP B 40 32.37 25.85 16.66
C TRP B 40 31.20 24.92 16.96
N TYR B 41 31.45 23.92 17.79
CA TYR B 41 30.43 22.97 18.20
C TYR B 41 30.36 22.90 19.73
N LEU B 42 29.16 22.61 20.24
CA LEU B 42 28.93 22.45 21.67
C LEU B 42 28.33 21.08 21.94
N GLN B 43 28.88 20.36 22.92
CA GLN B 43 28.36 19.06 23.31
C GLN B 43 27.89 19.14 24.76
N LYS B 44 26.64 19.53 24.93
CA LYS B 44 25.97 19.51 26.23
C LYS B 44 26.08 18.12 26.84
N PRO B 45 26.04 18.00 28.16
CA PRO B 45 26.27 16.70 28.81
C PRO B 45 25.27 15.65 28.34
N GLY B 46 25.78 14.47 28.00
CA GLY B 46 24.96 13.36 27.54
C GLY B 46 24.12 13.71 26.33
N GLN B 47 24.66 14.52 25.42
CA GLN B 47 23.93 14.98 24.26
C GLN B 47 24.86 14.98 23.06
N SER B 48 24.26 15.02 21.88
CA SER B 48 25.01 15.05 20.65
C SER B 48 25.72 16.40 20.50
N PRO B 49 26.76 16.44 19.67
CA PRO B 49 27.36 17.73 19.32
C PRO B 49 26.35 18.65 18.64
N GLN B 50 26.50 19.95 18.88
CA GLN B 50 25.58 20.96 18.36
C GLN B 50 26.38 22.05 17.65
N LEU B 51 25.96 22.41 16.44
CA LEU B 51 26.65 23.48 15.71
C LEU B 51 26.31 24.84 16.29
N LEU B 52 27.34 25.63 16.59
CA LEU B 52 27.20 26.97 17.13
C LEU B 52 27.59 28.05 16.11
N ILE B 53 28.80 27.98 15.58
CA ILE B 53 29.30 28.97 14.64
C ILE B 53 29.83 28.26 13.41
N TYR B 54 29.49 28.81 12.23
CA TYR B 54 30.00 28.33 10.95
C TYR B 54 30.64 29.49 10.21
N LEU B 55 31.65 29.15 9.39
CA LEU B 55 32.41 30.13 8.62
C LEU B 55 33.01 31.22 9.51
N GLY B 56 33.54 30.81 10.66
CA GLY B 56 34.31 31.72 11.49
C GLY B 56 33.55 32.57 12.50
N SER B 57 32.47 33.23 12.04
CA SER B 57 31.83 34.22 12.89
C SER B 57 30.31 34.29 12.73
N ASN B 58 29.69 33.33 12.06
CA ASN B 58 28.26 33.37 11.74
C ASN B 58 27.50 32.32 12.55
N ARG B 59 26.44 32.76 13.24
CA ARG B 59 25.69 31.86 14.10
C ARG B 59 24.85 30.89 13.29
N ALA B 60 24.82 29.63 13.74
CA ALA B 60 23.94 28.64 13.15
C ALA B 60 22.50 28.95 13.51
N SER B 61 21.58 28.16 12.97
CA SER B 61 20.16 28.39 13.20
C SER B 61 19.78 28.13 14.64
N GLY B 62 18.94 29.00 15.21
CA GLY B 62 18.43 28.84 16.55
C GLY B 62 19.34 29.31 17.67
N VAL B 63 20.62 29.56 17.38
CA VAL B 63 21.59 29.93 18.40
C VAL B 63 21.29 31.34 18.91
N PRO B 64 21.11 31.53 20.22
CA PRO B 64 20.70 32.84 20.74
C PRO B 64 21.73 33.94 20.47
N ASP B 65 21.28 35.18 20.69
CA ASP B 65 22.15 36.35 20.55
C ASP B 65 23.43 36.21 21.37
N ARG B 66 23.31 35.69 22.59
CA ARG B 66 24.40 35.59 23.55
C ARG B 66 25.70 35.09 22.93
N PHE B 67 25.61 34.19 21.95
CA PHE B 67 26.79 33.61 21.31
C PHE B 67 27.25 34.45 20.13
N SER B 68 28.57 34.51 19.94
CA SER B 68 29.16 35.26 18.84
C SER B 68 30.59 34.79 18.63
N GLY B 69 30.95 34.52 17.37
CA GLY B 69 32.30 34.15 17.00
C GLY B 69 33.03 35.31 16.36
N SER B 70 34.35 35.32 16.51
CA SER B 70 35.18 36.37 15.93
C SER B 70 36.57 35.80 15.66
N GLY B 71 37.43 36.64 15.11
CA GLY B 71 38.78 36.25 14.77
C GLY B 71 38.96 36.01 13.28
N SER B 72 40.21 36.08 12.84
CA SER B 72 40.51 35.88 11.42
C SER B 72 41.87 35.24 11.27
N GLY B 73 42.05 34.53 10.17
CA GLY B 73 43.34 33.97 9.82
C GLY B 73 43.76 32.80 10.69
N THR B 74 44.24 33.09 11.90
CA THR B 74 44.84 32.05 12.74
C THR B 74 44.41 32.07 14.20
N ASP B 75 43.83 33.17 14.70
CA ASP B 75 43.41 33.27 16.09
C ASP B 75 41.94 33.65 16.13
N PHE B 76 41.09 32.72 16.59
CA PHE B 76 39.66 32.92 16.69
C PHE B 76 39.20 32.78 18.13
N THR B 77 38.03 33.34 18.43
CA THR B 77 37.49 33.34 19.79
C THR B 77 35.97 33.24 19.77
N LEU B 78 35.41 32.50 20.73
CA LEU B 78 33.98 32.54 21.02
C LEU B 78 33.70 33.50 22.17
N LYS B 79 32.49 34.03 22.20
CA LYS B 79 32.13 35.01 23.22
C LYS B 79 30.65 34.86 23.55
N ILE B 80 30.37 34.51 24.80
CA ILE B 80 29.01 34.51 25.34
C ILE B 80 28.85 35.78 26.17
N SER B 81 27.93 36.65 25.75
CA SER B 81 27.74 37.89 26.49
C SER B 81 27.16 37.63 27.88
N ARG B 82 26.07 36.86 27.95
CA ARG B 82 25.46 36.44 29.20
C ARG B 82 25.42 34.92 29.25
N VAL B 83 26.38 34.32 29.97
CA VAL B 83 26.35 32.89 30.19
C VAL B 83 25.12 32.52 31.01
N GLU B 84 24.46 31.43 30.62
CA GLU B 84 23.32 30.95 31.38
C GLU B 84 23.48 29.46 31.63
N ALA B 85 22.78 29.00 32.68
CA ALA B 85 22.98 27.66 33.23
C ALA B 85 23.13 26.59 32.14
N GLU B 86 22.27 26.62 31.12
CA GLU B 86 22.22 25.54 30.14
C GLU B 86 23.46 25.48 29.24
N ASP B 87 24.35 26.48 29.28
CA ASP B 87 25.52 26.53 28.42
C ASP B 87 26.64 25.58 28.87
N VAL B 88 26.45 24.89 29.99
CA VAL B 88 27.45 23.94 30.49
C VAL B 88 27.64 22.80 29.51
N GLY B 89 28.89 22.53 29.15
CA GLY B 89 29.19 21.44 28.25
C GLY B 89 30.66 21.47 27.84
N VAL B 90 30.94 20.88 26.68
CA VAL B 90 32.26 20.88 26.08
C VAL B 90 32.19 21.57 24.72
N TYR B 91 33.04 22.57 24.51
CA TYR B 91 33.05 23.36 23.28
C TYR B 91 34.25 22.96 22.45
N TYR B 92 34.01 22.48 21.23
CA TYR B 92 35.07 22.14 20.29
C TYR B 92 35.07 23.13 19.13
N CYS B 93 36.26 23.51 18.68
CA CYS B 93 36.42 24.20 17.41
C CYS B 93 36.90 23.21 16.37
N MET B 94 36.60 23.51 15.10
CA MET B 94 36.96 22.63 14.00
C MET B 94 37.35 23.47 12.80
N GLN B 95 38.56 23.24 12.29
CA GLN B 95 38.95 23.83 11.02
C GLN B 95 38.24 23.11 9.88
N ALA B 96 37.79 23.87 8.89
CA ALA B 96 37.11 23.30 7.73
C ALA B 96 37.84 23.60 6.43
N LEU B 97 39.02 24.20 6.52
CA LEU B 97 39.75 24.61 5.32
C LEU B 97 40.05 23.42 4.41
N GLN B 98 40.41 22.29 5.00
CA GLN B 98 40.85 21.12 4.24
C GLN B 98 39.73 20.09 4.06
N THR B 99 38.47 20.49 4.22
CA THR B 99 37.36 19.61 3.86
C THR B 99 37.35 19.35 2.37
N PRO B 100 36.94 18.14 1.94
CA PRO B 100 36.51 17.03 2.78
C PRO B 100 37.60 15.97 2.99
N ILE B 101 38.87 16.37 2.93
CA ILE B 101 39.94 15.40 3.10
C ILE B 101 40.25 15.19 4.57
N THR B 102 40.33 16.27 5.34
CA THR B 102 40.59 16.19 6.77
C THR B 102 39.70 17.17 7.50
N TRP B 103 39.17 16.72 8.64
CA TRP B 103 38.29 17.51 9.49
C TRP B 103 38.91 17.46 10.88
N THR B 104 39.61 18.52 11.27
CA THR B 104 40.41 18.53 12.48
C THR B 104 39.72 19.35 13.56
N PHE B 105 39.56 18.74 14.74
CA PHE B 105 38.94 19.38 15.88
C PHE B 105 39.99 19.87 16.87
N GLY B 106 39.53 20.64 17.85
CA GLY B 106 40.34 21.01 18.99
C GLY B 106 40.18 20.02 20.14
N GLN B 107 40.92 20.30 21.21
CA GLN B 107 40.87 19.45 22.40
C GLN B 107 39.55 19.58 23.15
N GLY B 108 38.79 20.64 22.90
CA GLY B 108 37.60 20.91 23.67
C GLY B 108 37.89 21.76 24.90
N THR B 109 36.82 22.32 25.45
CA THR B 109 36.90 23.21 26.61
C THR B 109 35.73 22.86 27.54
N LYS B 110 36.01 22.19 28.64
CA LYS B 110 34.96 21.83 29.59
C LYS B 110 34.52 23.06 30.37
N VAL B 111 33.21 23.23 30.51
CA VAL B 111 32.64 24.41 31.15
C VAL B 111 31.93 23.98 32.43
N ASP B 112 32.35 24.58 33.55
CA ASP B 112 31.75 24.36 34.86
C ASP B 112 30.88 25.54 35.25
N ILE B 113 30.03 25.32 36.24
CA ILE B 113 29.40 26.42 36.96
C ILE B 113 30.37 26.89 38.04
N LYS B 114 30.72 28.18 38.00
CA LYS B 114 31.64 28.72 38.98
C LYS B 114 30.95 28.81 40.34
N ARG B 115 31.62 28.31 41.37
CA ARG B 115 31.12 28.43 42.74
C ARG B 115 32.30 28.60 43.67
N THR B 116 32.01 28.96 44.92
CA THR B 116 33.06 29.16 45.91
C THR B 116 33.81 27.86 46.16
N VAL B 117 35.07 28.00 46.60
CA VAL B 117 35.89 26.82 46.85
C VAL B 117 35.25 25.96 47.93
N ALA B 118 35.49 24.65 47.85
CA ALA B 118 34.90 23.72 48.80
C ALA B 118 35.90 22.60 49.07
N ALA B 119 36.37 22.52 50.31
CA ALA B 119 37.33 21.49 50.66
C ALA B 119 36.65 20.12 50.67
N PRO B 120 37.29 19.10 50.08
CA PRO B 120 36.67 17.78 50.06
C PRO B 120 36.75 17.13 51.43
N SER B 121 35.61 16.60 51.88
CA SER B 121 35.59 15.75 53.07
C SER B 121 36.12 14.38 52.68
N VAL B 122 37.16 13.93 53.36
CA VAL B 122 37.88 12.72 52.98
C VAL B 122 37.48 11.59 53.91
N PHE B 123 37.14 10.43 53.33
CA PHE B 123 36.80 9.25 54.09
C PHE B 123 37.51 8.05 53.46
N ILE B 124 38.12 7.20 54.29
CA ILE B 124 38.86 6.04 53.81
C ILE B 124 38.15 4.77 54.27
N PHE B 125 38.11 3.77 53.39
CA PHE B 125 37.42 2.51 53.67
C PHE B 125 38.39 1.36 53.49
N PRO B 126 38.72 0.62 54.54
CA PRO B 126 39.57 -0.57 54.38
C PRO B 126 38.86 -1.64 53.55
N PRO B 127 39.61 -2.60 52.99
CA PRO B 127 38.94 -3.69 52.26
C PRO B 127 38.18 -4.58 53.23
N SER B 128 36.90 -4.78 52.94
CA SER B 128 36.08 -5.65 53.77
C SER B 128 36.63 -7.07 53.75
N ASP B 129 36.58 -7.73 54.90
CA ASP B 129 37.09 -9.10 54.99
C ASP B 129 36.32 -10.05 54.09
N GLU B 130 35.07 -9.71 53.74
CA GLU B 130 34.33 -10.49 52.76
C GLU B 130 35.04 -10.49 51.41
N GLN B 131 35.44 -9.30 50.94
CA GLN B 131 36.28 -9.21 49.75
C GLN B 131 37.63 -9.87 49.97
N LEU B 132 38.21 -9.68 51.15
CA LEU B 132 39.55 -10.19 51.45
C LEU B 132 39.71 -11.67 51.09
N LYS B 133 38.63 -12.44 51.17
CA LYS B 133 38.68 -13.87 50.87
C LYS B 133 38.74 -14.15 49.38
N SER B 134 38.26 -13.23 48.54
CA SER B 134 38.34 -13.42 47.08
C SER B 134 39.78 -13.66 46.63
N GLY B 135 40.70 -12.84 47.11
CA GLY B 135 42.09 -12.94 46.70
C GLY B 135 42.71 -11.57 46.52
N THR B 136 41.86 -10.58 46.26
CA THR B 136 42.26 -9.19 46.07
C THR B 136 41.75 -8.35 47.23
N ALA B 137 42.22 -7.10 47.27
CA ALA B 137 41.87 -6.17 48.34
C ALA B 137 41.82 -4.76 47.79
N SER B 138 40.66 -4.13 47.87
CA SER B 138 40.44 -2.78 47.35
C SER B 138 40.26 -1.81 48.52
N VAL B 139 41.22 -0.90 48.67
CA VAL B 139 41.13 0.21 49.60
C VAL B 139 40.56 1.41 48.86
N VAL B 140 39.57 2.07 49.46
CA VAL B 140 38.81 3.11 48.81
C VAL B 140 38.95 4.41 49.58
N CYS B 141 39.21 5.50 48.86
CA CYS B 141 39.27 6.85 49.42
C CYS B 141 38.27 7.74 48.71
N LEU B 142 37.51 8.50 49.49
CA LEU B 142 36.38 9.29 48.99
C LEU B 142 36.61 10.76 49.29
N LEU B 143 36.73 11.57 48.24
CA LEU B 143 36.62 13.03 48.34
C LEU B 143 35.19 13.42 48.01
N ASN B 144 34.55 14.16 48.90
CA ASN B 144 33.12 14.39 48.81
C ASN B 144 32.80 15.87 48.75
N ASN B 145 32.02 16.25 47.73
CA ASN B 145 31.40 17.58 47.60
C ASN B 145 32.45 18.69 47.71
N PHE B 146 33.26 18.81 46.65
CA PHE B 146 34.33 19.79 46.60
C PHE B 146 34.30 20.56 45.28
N TYR B 147 35.07 21.66 45.25
CA TYR B 147 35.22 22.50 44.07
C TYR B 147 36.43 23.39 44.24
N PRO B 148 37.26 23.59 43.20
CA PRO B 148 37.09 23.02 41.85
C PRO B 148 37.47 21.54 41.74
N ARG B 149 37.44 21.04 40.50
CA ARG B 149 37.63 19.61 40.29
C ARG B 149 39.09 19.20 40.47
N GLU B 150 40.04 20.11 40.25
CA GLU B 150 41.46 19.78 40.31
C GLU B 150 41.83 19.25 41.69
N ALA B 151 42.14 17.96 41.77
CA ALA B 151 42.44 17.31 43.03
C ALA B 151 43.43 16.19 42.79
N LYS B 152 44.37 16.02 43.73
CA LYS B 152 45.41 15.00 43.64
C LYS B 152 45.32 14.06 44.83
N VAL B 153 45.05 12.79 44.57
CA VAL B 153 45.09 11.76 45.61
C VAL B 153 46.38 10.97 45.46
N GLN B 154 47.01 10.63 46.57
CA GLN B 154 48.20 9.79 46.58
C GLN B 154 48.06 8.69 47.62
N TRP B 155 48.41 7.47 47.23
CA TRP B 155 48.37 6.32 48.13
C TRP B 155 49.77 6.01 48.64
N LYS B 156 49.90 6.00 49.97
CA LYS B 156 51.15 5.63 50.63
C LYS B 156 50.92 4.40 51.49
N VAL B 157 51.66 3.34 51.21
CA VAL B 157 51.59 2.08 51.95
C VAL B 157 52.86 1.94 52.76
N ASP B 158 52.75 2.07 54.08
CA ASP B 158 53.93 2.18 54.96
C ASP B 158 54.82 3.35 54.53
N ASN B 159 54.19 4.47 54.20
CA ASN B 159 54.84 5.72 53.78
C ASN B 159 55.52 5.61 52.42
N ALA B 160 55.34 4.49 51.72
CA ALA B 160 55.89 4.33 50.38
C ALA B 160 54.85 4.75 49.35
N LEU B 161 55.25 5.62 48.42
CA LEU B 161 54.37 6.14 47.39
C LEU B 161 54.02 5.05 46.39
N GLN B 162 52.73 4.81 46.20
CA GLN B 162 52.25 3.79 45.27
C GLN B 162 51.91 4.43 43.93
N SER B 163 52.25 3.75 42.84
CA SER B 163 51.99 4.29 41.50
C SER B 163 51.59 3.16 40.55
N GLY B 164 50.68 3.49 39.64
CA GLY B 164 50.24 2.53 38.63
C GLY B 164 49.53 1.33 39.19
N ASN B 165 48.83 1.48 40.31
CA ASN B 165 48.06 0.38 40.90
C ASN B 165 46.73 0.85 41.48
N SER B 166 46.22 2.00 41.03
CA SER B 166 44.96 2.51 41.52
C SER B 166 44.30 3.32 40.40
N GLN B 167 42.97 3.39 40.46
CA GLN B 167 42.18 4.17 39.50
C GLN B 167 41.22 5.08 40.25
N GLU B 168 40.87 6.20 39.64
CA GLU B 168 39.91 7.13 40.21
C GLU B 168 38.85 7.49 39.19
N SER B 169 37.74 8.05 39.69
CA SER B 169 36.62 8.44 38.85
C SER B 169 35.79 9.46 39.61
N VAL B 170 35.36 10.51 38.93
CA VAL B 170 34.71 11.64 39.57
C VAL B 170 33.32 11.82 38.98
N THR B 171 32.39 12.23 39.83
CA THR B 171 31.04 12.50 39.39
C THR B 171 30.98 13.83 38.66
N GLU B 172 30.02 13.96 37.74
CA GLU B 172 29.81 15.25 37.10
C GLU B 172 29.20 16.23 38.10
N GLN B 173 29.39 17.53 37.83
CA GLN B 173 28.89 18.60 38.69
C GLN B 173 27.45 18.38 39.12
N ASP B 174 27.20 18.49 40.42
CA ASP B 174 25.85 18.42 40.94
C ASP B 174 25.08 19.69 40.55
N SER B 175 23.78 19.51 40.30
CA SER B 175 22.94 20.60 39.81
C SER B 175 22.42 21.52 40.91
N LYS B 176 22.65 21.19 42.18
CA LYS B 176 22.18 22.03 43.29
C LYS B 176 23.31 22.76 44.00
N ASP B 177 24.47 22.14 44.19
CA ASP B 177 25.58 22.80 44.85
C ASP B 177 26.85 22.90 43.98
N SER B 178 26.80 22.43 42.73
CA SER B 178 27.89 22.60 41.77
C SER B 178 29.19 21.95 42.23
N THR B 179 29.11 20.87 42.99
CA THR B 179 30.28 20.21 43.57
C THR B 179 30.61 18.92 42.83
N TYR B 180 31.82 18.42 43.08
CA TYR B 180 32.27 17.12 42.58
C TYR B 180 32.47 16.16 43.74
N SER B 181 32.60 14.88 43.40
CA SER B 181 33.01 13.85 44.36
C SER B 181 33.88 12.83 43.64
N LEU B 182 34.95 12.39 44.31
CA LEU B 182 35.99 11.58 43.69
C LEU B 182 36.31 10.37 44.55
N SER B 183 36.33 9.18 43.93
CA SER B 183 36.71 7.95 44.59
C SER B 183 37.96 7.38 43.97
N SER B 184 38.97 7.09 44.80
CA SER B 184 40.19 6.41 44.39
C SER B 184 40.22 5.01 44.99
N THR B 185 40.45 4.01 44.14
CA THR B 185 40.36 2.61 44.54
C THR B 185 41.74 1.98 44.40
N LEU B 186 42.41 1.81 45.54
CA LEU B 186 43.69 1.10 45.58
C LEU B 186 43.42 -0.40 45.60
N THR B 187 43.82 -1.09 44.53
CA THR B 187 43.62 -2.54 44.41
C THR B 187 44.94 -3.27 44.57
N LEU B 188 44.98 -4.24 45.48
CA LEU B 188 46.17 -5.03 45.75
C LEU B 188 45.79 -6.48 46.04
N SER B 189 46.72 -7.39 45.73
CA SER B 189 46.54 -8.78 46.09
C SER B 189 46.48 -8.94 47.60
N LYS B 190 45.71 -9.94 48.05
CA LYS B 190 45.57 -10.18 49.49
C LYS B 190 46.93 -10.36 50.16
N ALA B 191 47.86 -11.03 49.49
CA ALA B 191 49.21 -11.19 50.02
C ALA B 191 49.86 -9.84 50.30
N ASP B 192 49.89 -8.96 49.28
CA ASP B 192 50.54 -7.66 49.44
C ASP B 192 49.83 -6.81 50.49
N TYR B 193 48.51 -6.95 50.62
CA TYR B 193 47.77 -6.17 51.60
C TYR B 193 48.19 -6.50 53.03
N GLU B 194 48.34 -7.79 53.35
CA GLU B 194 48.63 -8.15 54.72
C GLU B 194 50.06 -7.82 55.13
N LYS B 195 51.00 -7.81 54.19
CA LYS B 195 52.40 -7.60 54.53
C LYS B 195 52.75 -6.17 54.92
N HIS B 196 51.78 -5.26 54.93
CA HIS B 196 52.03 -3.87 55.27
C HIS B 196 50.93 -3.40 56.21
N LYS B 197 51.27 -2.46 57.08
CA LYS B 197 50.39 -2.10 58.19
C LYS B 197 49.62 -0.79 57.93
N VAL B 198 50.33 0.31 57.72
CA VAL B 198 49.71 1.63 57.63
C VAL B 198 49.33 1.93 56.18
N TYR B 199 48.04 2.08 55.93
CA TYR B 199 47.51 2.47 54.63
C TYR B 199 46.94 3.87 54.73
N ALA B 200 47.50 4.80 53.95
CA ALA B 200 47.16 6.21 54.04
C ALA B 200 46.70 6.72 52.68
N CYS B 201 45.73 7.65 52.73
CA CYS B 201 45.21 8.35 51.56
C CYS B 201 45.58 9.81 51.70
N GLU B 202 46.35 10.33 50.74
CA GLU B 202 46.90 11.67 50.81
C GLU B 202 46.22 12.53 49.76
N VAL B 203 45.54 13.59 50.20
CA VAL B 203 44.71 14.44 49.35
C VAL B 203 45.27 15.85 49.33
N THR B 204 45.60 16.35 48.14
CA THR B 204 45.94 17.75 47.95
C THR B 204 44.82 18.46 47.18
N HIS B 205 44.30 19.55 47.75
CA HIS B 205 43.26 20.30 47.07
C HIS B 205 43.35 21.76 47.45
N GLN B 206 43.01 22.61 46.47
CA GLN B 206 43.09 24.06 46.63
C GLN B 206 42.34 24.53 47.88
N GLY B 207 41.18 23.94 48.17
CA GLY B 207 40.42 24.34 49.33
C GLY B 207 41.06 24.01 50.66
N LEU B 208 42.02 23.09 50.67
CA LEU B 208 42.69 22.67 51.90
C LEU B 208 43.96 23.50 52.09
N SER B 209 44.03 24.22 53.21
CA SER B 209 45.25 24.97 53.53
C SER B 209 46.46 24.06 53.67
N SER B 210 46.24 22.77 53.98
CA SER B 210 47.30 21.79 54.10
C SER B 210 46.77 20.45 53.62
N PRO B 211 47.61 19.62 52.99
CA PRO B 211 47.15 18.30 52.55
C PRO B 211 46.58 17.50 53.71
N VAL B 212 45.47 16.81 53.44
CA VAL B 212 44.81 15.97 54.44
C VAL B 212 45.24 14.53 54.22
N THR B 213 45.59 13.85 55.30
CA THR B 213 45.95 12.44 55.27
C THR B 213 44.95 11.66 56.10
N LYS B 214 44.26 10.72 55.47
CA LYS B 214 43.42 9.75 56.15
C LYS B 214 44.09 8.39 56.11
N SER B 215 44.23 7.76 57.26
CA SER B 215 44.96 6.50 57.34
C SER B 215 44.25 5.58 58.31
N PHE B 216 44.72 4.33 58.34
CA PHE B 216 44.17 3.33 59.23
C PHE B 216 45.20 2.23 59.41
N ASN B 217 44.94 1.35 60.38
CA ASN B 217 45.72 0.15 60.60
C ASN B 217 44.86 -1.05 60.25
N ARG B 218 45.50 -2.14 59.84
CA ARG B 218 44.77 -3.32 59.41
C ARG B 218 43.78 -3.78 60.47
N GLY B 219 44.17 -3.73 61.74
CA GLY B 219 43.26 -4.08 62.82
C GLY B 219 42.86 -2.89 63.67
N GLU B 220 41.63 -2.41 63.50
CA GLU B 220 41.16 -1.27 64.29
C GLU B 220 39.62 -1.33 64.34
N CYS B 221 38.99 -0.17 64.53
CA CYS B 221 37.53 -0.09 64.52
C CYS B 221 37.06 1.24 63.93
N VAL C 2 14.78 14.94 15.75
CA VAL C 2 16.02 14.37 15.25
C VAL C 2 15.82 13.81 13.84
N GLN C 3 16.72 14.15 12.94
CA GLN C 3 16.61 13.82 11.53
C GLN C 3 17.61 12.77 11.06
N LEU C 4 18.58 12.41 11.89
CA LEU C 4 19.50 11.31 11.60
C LEU C 4 19.52 10.36 12.78
N VAL C 5 19.50 9.06 12.52
CA VAL C 5 19.41 8.06 13.56
C VAL C 5 20.36 6.92 13.26
N GLU C 6 21.35 6.73 14.11
CA GLU C 6 22.32 5.65 13.98
C GLU C 6 21.80 4.38 14.64
N SER C 7 22.21 3.24 14.09
CA SER C 7 21.85 1.94 14.64
C SER C 7 22.98 0.97 14.33
N GLY C 8 22.88 -0.22 14.92
CA GLY C 8 23.79 -1.31 14.66
C GLY C 8 24.93 -1.45 15.66
N GLY C 9 25.18 -0.42 16.45
CA GLY C 9 26.25 -0.49 17.42
C GLY C 9 25.99 -1.53 18.49
N GLY C 10 27.06 -2.00 19.09
CA GLY C 10 26.94 -2.97 20.16
C GLY C 10 28.28 -3.52 20.58
N LEU C 11 28.25 -4.71 21.15
CA LEU C 11 29.44 -5.38 21.65
C LEU C 11 30.02 -6.28 20.56
N VAL C 12 31.34 -6.21 20.41
CA VAL C 12 32.05 -6.96 19.38
C VAL C 12 33.44 -7.31 19.91
N GLN C 13 33.91 -8.48 19.55
CA GLN C 13 35.22 -8.92 20.01
C GLN C 13 36.30 -8.46 19.05
N PRO C 14 37.51 -8.18 19.55
CA PRO C 14 38.56 -7.61 18.69
C PRO C 14 38.86 -8.50 17.50
N GLY C 15 39.21 -7.86 16.39
CA GLY C 15 39.39 -8.55 15.13
C GLY C 15 38.12 -8.84 14.37
N GLY C 16 36.96 -8.62 14.98
CA GLY C 16 35.68 -8.90 14.36
C GLY C 16 35.18 -7.73 13.53
N SER C 17 33.89 -7.78 13.20
CA SER C 17 33.29 -6.78 12.35
C SER C 17 31.85 -6.52 12.76
N LEU C 18 31.37 -5.33 12.42
CA LEU C 18 29.93 -5.05 12.37
C LEU C 18 29.73 -3.84 11.45
N ARG C 19 28.47 -3.61 11.09
CA ARG C 19 28.12 -2.50 10.22
C ARG C 19 27.18 -1.55 10.95
N LEU C 20 27.41 -0.26 10.76
CA LEU C 20 26.54 0.77 11.29
C LEU C 20 25.64 1.32 10.20
N SER C 21 24.47 1.85 10.61
CA SER C 21 23.51 2.40 9.66
C SER C 21 22.93 3.69 10.24
N CYS C 22 22.83 4.70 9.37
CA CYS C 22 22.33 6.03 9.73
C CYS C 22 21.17 6.36 8.81
N ALA C 23 19.97 6.50 9.40
CA ALA C 23 18.73 6.59 8.64
C ALA C 23 18.23 8.04 8.68
N ALA C 24 18.20 8.69 7.52
CA ALA C 24 17.72 10.04 7.40
C ALA C 24 16.21 10.08 7.22
N SER C 25 15.58 11.12 7.75
CA SER C 25 14.16 11.35 7.59
C SER C 25 13.86 12.82 7.78
N GLY C 26 12.92 13.35 7.00
CA GLY C 26 12.48 14.73 7.10
C GLY C 26 13.06 15.67 6.07
N PHE C 27 14.20 15.33 5.47
CA PHE C 27 14.81 16.18 4.46
C PHE C 27 15.30 15.30 3.31
N THR C 28 15.81 15.95 2.26
CA THR C 28 16.25 15.23 1.05
C THR C 28 17.68 14.75 1.28
N PHE C 29 17.78 13.48 1.71
CA PHE C 29 19.07 12.86 1.98
C PHE C 29 20.01 12.95 0.79
N SER C 30 19.48 12.81 -0.43
CA SER C 30 20.32 12.78 -1.63
C SER C 30 21.00 14.12 -1.92
N SER C 31 20.61 15.21 -1.25
CA SER C 31 21.13 16.55 -1.55
C SER C 31 22.34 16.94 -0.71
N TYR C 32 22.63 16.21 0.37
CA TYR C 32 23.70 16.56 1.28
C TYR C 32 24.75 15.45 1.32
N SER C 33 25.97 15.82 1.68
CA SER C 33 27.03 14.87 1.94
C SER C 33 26.96 14.38 3.39
N MET C 34 27.67 13.30 3.68
CA MET C 34 27.57 12.67 4.98
C MET C 34 28.95 12.47 5.60
N ASN C 35 28.98 12.48 6.94
CA ASN C 35 30.19 12.27 7.72
C ASN C 35 29.90 11.32 8.87
N TRP C 36 30.90 10.50 9.18
CA TRP C 36 30.92 9.70 10.40
C TRP C 36 31.92 10.31 11.37
N VAL C 37 31.49 10.55 12.61
CA VAL C 37 32.32 11.18 13.63
C VAL C 37 32.13 10.41 14.93
N ARG C 38 33.24 9.98 15.52
CA ARG C 38 33.19 9.15 16.72
C ARG C 38 33.84 9.87 17.89
N GLN C 39 33.46 9.44 19.09
CA GLN C 39 33.98 10.01 20.34
C GLN C 39 34.32 8.86 21.28
N ALA C 40 35.61 8.59 21.43
CA ALA C 40 36.06 7.55 22.34
C ALA C 40 35.68 7.90 23.77
N PRO C 41 35.52 6.89 24.64
CA PRO C 41 35.13 7.16 26.04
C PRO C 41 36.06 8.14 26.73
N GLY C 42 35.52 9.24 27.21
CA GLY C 42 36.30 10.28 27.88
C GLY C 42 36.93 11.28 26.93
N LYS C 43 37.34 10.82 25.76
CA LYS C 43 38.08 11.63 24.81
C LYS C 43 37.13 12.54 24.01
N GLY C 44 37.70 13.25 23.03
CA GLY C 44 36.98 14.22 22.24
C GLY C 44 36.51 13.65 20.91
N LEU C 45 36.15 14.56 20.01
CA LEU C 45 35.57 14.18 18.72
C LEU C 45 36.65 13.84 17.70
N GLU C 46 36.42 12.79 16.92
CA GLU C 46 37.33 12.39 15.85
C GLU C 46 36.52 12.07 14.60
N TRP C 47 36.80 12.78 13.51
CA TRP C 47 36.18 12.49 12.23
C TRP C 47 36.67 11.15 11.71
N VAL C 48 35.78 10.42 11.03
CA VAL C 48 36.08 9.07 10.54
C VAL C 48 36.12 9.03 9.01
N SER C 49 35.02 9.37 8.35
CA SER C 49 34.99 9.30 6.90
C SER C 49 33.95 10.28 6.35
N TYR C 50 33.99 10.44 5.04
CA TYR C 50 33.16 11.39 4.32
C TYR C 50 32.71 10.77 3.02
N ILE C 51 31.44 10.95 2.68
CA ILE C 51 30.89 10.51 1.40
C ILE C 51 30.09 11.67 0.81
N SER C 52 30.28 11.90 -0.49
CA SER C 52 29.61 13.00 -1.15
C SER C 52 28.15 12.66 -1.41
N SER C 53 27.40 13.67 -1.87
CA SER C 53 25.98 13.49 -2.17
C SER C 53 25.78 12.40 -3.20
N SER C 54 26.43 12.53 -4.35
CA SER C 54 26.33 11.54 -5.42
C SER C 54 27.16 10.28 -5.12
N SER C 55 27.69 10.15 -3.91
CA SER C 55 28.45 8.97 -3.50
C SER C 55 29.70 8.77 -4.35
N SER C 56 30.22 9.86 -4.92
CA SER C 56 31.29 9.81 -5.91
C SER C 56 32.66 10.18 -5.36
N THR C 57 32.73 10.88 -4.23
CA THR C 57 33.99 11.29 -3.63
C THR C 57 34.00 10.84 -2.17
N ILE C 58 34.92 9.94 -1.83
CA ILE C 58 34.98 9.32 -0.50
C ILE C 58 36.37 9.51 0.08
N TYR C 59 36.44 9.95 1.33
CA TYR C 59 37.69 10.08 2.07
C TYR C 59 37.55 9.48 3.46
N TYR C 60 38.54 8.70 3.85
CA TYR C 60 38.65 8.21 5.23
C TYR C 60 39.79 8.94 5.93
N ALA C 61 39.93 8.67 7.22
CA ALA C 61 41.05 9.15 8.01
C ALA C 61 42.16 8.11 8.04
N ASP C 62 43.37 8.55 8.40
CA ASP C 62 44.51 7.64 8.38
C ASP C 62 44.34 6.47 9.34
N SER C 63 43.62 6.68 10.45
CA SER C 63 43.52 5.64 11.47
C SER C 63 42.65 4.47 11.02
N VAL C 64 41.70 4.70 10.13
CA VAL C 64 40.74 3.66 9.74
C VAL C 64 40.92 3.17 8.31
N LYS C 65 41.82 3.78 7.53
CA LYS C 65 42.05 3.37 6.15
C LYS C 65 42.30 1.86 6.04
N GLY C 66 41.76 1.26 4.98
CA GLY C 66 41.91 -0.15 4.73
C GLY C 66 41.15 -1.05 5.68
N ARG C 67 40.40 -0.49 6.61
CA ARG C 67 39.61 -1.22 7.59
C ARG C 67 38.14 -0.81 7.59
N PHE C 68 37.85 0.49 7.50
CA PHE C 68 36.49 0.98 7.39
C PHE C 68 36.18 1.34 5.95
N THR C 69 34.95 1.06 5.53
CA THR C 69 34.44 1.44 4.23
C THR C 69 33.06 2.04 4.41
N ILE C 70 32.88 3.28 3.95
CA ILE C 70 31.62 4.01 4.07
C ILE C 70 30.86 3.92 2.76
N SER C 71 29.54 3.83 2.85
CA SER C 71 28.68 3.73 1.67
C SER C 71 27.32 4.31 2.01
N ARG C 72 26.56 4.64 0.97
CA ARG C 72 25.24 5.22 1.14
C ARG C 72 24.29 4.65 0.10
N ASP C 73 23.01 4.63 0.45
CA ASP C 73 21.94 4.17 -0.43
C ASP C 73 20.85 5.23 -0.40
N ASN C 74 20.89 6.16 -1.37
CA ASN C 74 19.98 7.28 -1.35
C ASN C 74 18.53 6.85 -1.49
N ALA C 75 18.28 5.75 -2.20
CA ALA C 75 16.92 5.26 -2.36
C ALA C 75 16.30 4.86 -1.03
N LYS C 76 17.13 4.47 -0.06
CA LYS C 76 16.64 4.05 1.26
C LYS C 76 16.92 5.08 2.34
N ASN C 77 17.35 6.28 1.95
CA ASN C 77 17.65 7.38 2.89
C ASN C 77 18.48 6.91 4.07
N SER C 78 19.58 6.21 3.78
CA SER C 78 20.40 5.63 4.81
C SER C 78 21.88 5.71 4.46
N LEU C 79 22.71 5.81 5.49
CA LEU C 79 24.16 5.85 5.39
C LEU C 79 24.76 4.66 6.12
N TYR C 80 25.72 3.99 5.49
CA TYR C 80 26.30 2.76 6.01
C TYR C 80 27.78 2.95 6.30
N LEU C 81 28.26 2.20 7.30
CA LEU C 81 29.68 2.18 7.66
C LEU C 81 30.07 0.75 8.02
N GLN C 82 30.85 0.11 7.16
CA GLN C 82 31.32 -1.26 7.41
C GLN C 82 32.65 -1.19 8.15
N MET C 83 32.66 -1.72 9.37
CA MET C 83 33.83 -1.66 10.24
C MET C 83 34.44 -3.06 10.35
N ASN C 84 35.53 -3.28 9.63
CA ASN C 84 36.25 -4.54 9.64
C ASN C 84 37.55 -4.40 10.42
N SER C 85 38.07 -5.55 10.88
CA SER C 85 39.35 -5.63 11.58
C SER C 85 39.39 -4.71 12.80
N LEU C 86 38.35 -4.80 13.62
CA LEU C 86 38.20 -3.89 14.75
C LEU C 86 39.28 -4.10 15.80
N ARG C 87 39.71 -2.99 16.39
CA ARG C 87 40.62 -2.99 17.54
C ARG C 87 39.89 -2.46 18.77
N ALA C 88 40.48 -2.70 19.94
CA ALA C 88 39.88 -2.22 21.18
C ALA C 88 39.75 -0.71 21.22
N GLU C 89 40.69 0.01 20.61
CA GLU C 89 40.66 1.48 20.62
C GLU C 89 39.57 2.04 19.72
N ASP C 90 38.87 1.21 18.96
CA ASP C 90 37.73 1.68 18.18
C ASP C 90 36.48 1.83 19.02
N THR C 91 36.51 1.45 20.30
CA THR C 91 35.39 1.67 21.19
C THR C 91 35.07 3.15 21.29
N ALA C 92 33.85 3.52 20.93
CA ALA C 92 33.44 4.91 20.89
C ALA C 92 31.95 4.98 20.59
N VAL C 93 31.38 6.15 20.82
CA VAL C 93 30.05 6.48 20.35
C VAL C 93 30.18 7.06 18.95
N TYR C 94 29.54 6.42 17.97
CA TYR C 94 29.68 6.80 16.57
C TYR C 94 28.48 7.65 16.14
N TYR C 95 28.76 8.88 15.72
CA TYR C 95 27.74 9.79 15.24
C TYR C 95 27.79 9.86 13.72
N CYS C 96 26.63 10.04 13.08
CA CYS C 96 26.57 10.49 11.70
C CYS C 96 26.12 11.95 11.68
N ALA C 97 26.75 12.76 10.85
CA ALA C 97 26.42 14.17 10.74
C ALA C 97 26.52 14.59 9.28
N SER C 98 25.81 15.66 8.94
CA SER C 98 25.71 16.12 7.55
C SER C 98 26.28 17.53 7.40
N PRO C 99 27.41 17.69 6.73
CA PRO C 99 27.89 19.05 6.41
C PRO C 99 27.09 19.67 5.28
N GLY C 100 26.83 20.98 5.40
CA GLY C 100 26.16 21.69 4.32
C GLY C 100 27.08 21.93 3.14
N GLY C 101 26.46 22.07 1.97
CA GLY C 101 27.16 22.34 0.74
C GLY C 101 27.02 21.21 -0.26
N ILE C 102 27.53 21.48 -1.47
CA ILE C 102 27.37 20.61 -2.63
C ILE C 102 28.69 20.50 -3.36
N THR C 103 28.89 19.37 -4.04
CA THR C 103 30.09 19.19 -4.85
C THR C 103 29.79 19.47 -6.32
N ALA C 104 30.70 20.18 -6.97
CA ALA C 104 30.64 20.45 -8.41
C ALA C 104 31.79 19.77 -9.14
N ALA C 105 31.64 19.66 -10.45
CA ALA C 105 32.61 19.10 -11.38
C ALA C 105 33.14 17.78 -10.82
N GLY C 106 34.41 17.48 -11.04
CA GLY C 106 34.99 16.26 -10.48
C GLY C 106 35.71 16.44 -9.16
N THR C 107 36.13 17.68 -8.88
CA THR C 107 36.92 17.98 -7.71
C THR C 107 36.00 18.10 -6.51
N SER C 108 36.28 17.32 -5.47
CA SER C 108 35.45 17.32 -4.27
C SER C 108 35.82 18.53 -3.41
N VAL C 109 34.88 19.45 -3.25
CA VAL C 109 35.04 20.65 -2.43
C VAL C 109 33.65 21.20 -2.16
N LEU C 110 33.36 21.50 -0.90
CA LEU C 110 32.01 21.91 -0.52
C LEU C 110 31.82 23.40 -0.80
N PHE C 111 30.91 23.72 -1.71
CA PHE C 111 30.55 25.09 -2.04
C PHE C 111 29.40 25.55 -1.14
N GLY C 112 29.46 26.80 -0.71
CA GLY C 112 28.51 27.32 0.25
C GLY C 112 28.43 26.46 1.50
N TYR C 113 29.59 26.20 2.11
CA TYR C 113 29.66 25.43 3.34
C TYR C 113 29.04 26.20 4.51
N TYR C 114 28.39 25.46 5.42
CA TYR C 114 27.84 26.10 6.61
C TYR C 114 27.81 25.17 7.82
N GLY C 115 28.77 24.24 7.91
CA GLY C 115 28.93 23.43 9.09
C GLY C 115 28.07 22.20 9.10
N MET C 116 28.25 21.39 10.15
CA MET C 116 27.44 20.19 10.35
C MET C 116 26.24 20.57 11.22
N ASP C 117 25.21 21.07 10.55
CA ASP C 117 24.03 21.58 11.25
C ASP C 117 23.08 20.48 11.68
N VAL C 118 23.28 19.24 11.21
CA VAL C 118 22.43 18.12 11.59
C VAL C 118 23.31 16.98 12.09
N TRP C 119 23.12 16.58 13.34
CA TRP C 119 23.81 15.45 13.95
C TRP C 119 22.81 14.41 14.41
N GLY C 120 23.21 13.15 14.34
CA GLY C 120 22.38 12.07 14.84
C GLY C 120 22.41 12.02 16.36
N GLN C 121 21.88 10.91 16.88
CA GLN C 121 21.94 10.68 18.31
C GLN C 121 23.10 9.79 18.72
N GLY C 122 23.72 9.12 17.77
CA GLY C 122 24.89 8.30 18.04
C GLY C 122 24.52 6.89 18.47
N THR C 123 25.35 5.94 18.08
CA THR C 123 25.22 4.56 18.53
C THR C 123 26.55 4.11 19.12
N THR C 124 26.47 3.28 20.16
CA THR C 124 27.64 2.94 20.97
C THR C 124 28.21 1.61 20.52
N VAL C 125 29.53 1.58 20.33
CA VAL C 125 30.25 0.37 19.93
C VAL C 125 31.33 0.12 20.96
N THR C 126 31.31 -1.06 21.57
CA THR C 126 32.30 -1.46 22.57
C THR C 126 33.02 -2.70 22.05
N VAL C 127 34.32 -2.58 21.84
CA VAL C 127 35.15 -3.66 21.33
C VAL C 127 35.95 -4.23 22.50
N SER C 128 35.63 -5.45 22.90
CA SER C 128 36.28 -6.10 24.03
C SER C 128 36.05 -7.60 23.94
N SER C 129 37.11 -8.37 24.18
CA SER C 129 37.01 -9.82 24.25
C SER C 129 36.46 -10.29 25.59
N ALA C 130 36.26 -9.37 26.54
CA ALA C 130 35.80 -9.74 27.88
C ALA C 130 34.50 -10.51 27.83
N SER C 131 34.30 -11.36 28.85
CA SER C 131 33.12 -12.20 28.98
C SER C 131 32.10 -11.53 29.89
N THR C 132 30.82 -11.70 29.57
CA THR C 132 29.75 -11.22 30.44
C THR C 132 29.88 -11.83 31.83
N LYS C 133 29.92 -10.98 32.85
CA LYS C 133 30.05 -11.41 34.23
C LYS C 133 29.23 -10.51 35.14
N GLY C 134 28.59 -11.13 36.14
CA GLY C 134 27.91 -10.38 37.17
C GLY C 134 28.88 -9.74 38.15
N PRO C 135 28.46 -8.67 38.80
CA PRO C 135 29.33 -7.96 39.74
C PRO C 135 29.43 -8.70 41.07
N SER C 136 30.51 -8.38 41.80
CA SER C 136 30.69 -8.79 43.18
C SER C 136 30.57 -7.54 44.05
N VAL C 137 29.51 -7.46 44.83
CA VAL C 137 29.23 -6.27 45.63
C VAL C 137 29.79 -6.47 47.04
N PHE C 138 30.65 -5.54 47.46
CA PHE C 138 31.22 -5.53 48.81
C PHE C 138 30.85 -4.22 49.51
N PRO C 139 30.66 -4.25 50.82
CA PRO C 139 30.25 -3.03 51.53
C PRO C 139 31.42 -2.18 52.01
N LEU C 140 31.26 -0.86 51.90
CA LEU C 140 32.17 0.10 52.51
C LEU C 140 31.55 0.57 53.83
N ALA C 141 31.85 -0.16 54.90
CA ALA C 141 31.17 0.07 56.17
C ALA C 141 31.67 1.35 56.84
N PRO C 142 30.78 2.08 57.52
CA PRO C 142 31.21 3.30 58.22
C PRO C 142 31.90 2.97 59.53
N SER C 143 32.86 3.81 59.89
CA SER C 143 33.58 3.70 61.15
C SER C 143 33.23 4.87 62.06
N SER C 144 34.16 5.26 62.93
CA SER C 144 34.07 6.50 63.68
C SER C 144 35.09 7.53 63.25
N LYS C 145 36.22 7.07 62.70
CA LYS C 145 37.11 7.91 61.93
C LYS C 145 36.70 7.98 60.46
N SER C 146 35.57 7.36 60.11
CA SER C 146 34.90 7.58 58.83
C SER C 146 33.71 8.53 58.97
N THR C 147 33.62 9.23 60.10
CA THR C 147 32.61 10.26 60.32
C THR C 147 33.31 11.60 60.50
N SER C 148 32.81 12.63 59.81
CA SER C 148 33.45 13.94 59.85
C SER C 148 33.04 14.73 61.09
N GLY C 149 32.01 15.57 60.95
CA GLY C 149 31.59 16.41 62.06
C GLY C 149 30.10 16.34 62.35
N GLY C 150 29.56 15.13 62.41
CA GLY C 150 28.14 14.96 62.70
C GLY C 150 27.43 14.06 61.69
N THR C 151 28.14 13.67 60.63
CA THR C 151 27.60 12.79 59.61
C THR C 151 28.64 11.72 59.28
N ALA C 152 28.19 10.66 58.61
CA ALA C 152 29.01 9.49 58.39
C ALA C 152 28.83 8.99 56.97
N ALA C 153 29.94 8.58 56.34
CA ALA C 153 29.92 8.07 54.98
C ALA C 153 29.94 6.54 54.97
N LEU C 154 29.27 5.97 53.98
CA LEU C 154 29.23 4.52 53.78
C LEU C 154 28.83 4.26 52.33
N GLY C 155 29.10 3.05 51.85
CA GLY C 155 28.79 2.78 50.47
C GLY C 155 29.01 1.33 50.10
N CYS C 156 28.77 1.05 48.81
CA CYS C 156 28.92 -0.28 48.22
C CYS C 156 29.94 -0.23 47.08
N LEU C 157 30.79 -1.26 47.03
CA LEU C 157 31.78 -1.40 45.96
C LEU C 157 31.27 -2.45 44.97
N VAL C 158 30.88 -1.99 43.78
CA VAL C 158 30.45 -2.87 42.70
C VAL C 158 31.66 -3.17 41.82
N LYS C 159 32.17 -4.39 41.90
CA LYS C 159 33.49 -4.74 41.38
C LYS C 159 33.37 -5.84 40.34
N ASP C 160 34.19 -5.74 39.29
CA ASP C 160 34.38 -6.80 38.30
C ASP C 160 33.08 -7.27 37.65
N TYR C 161 32.66 -6.58 36.59
CA TYR C 161 31.45 -6.96 35.86
C TYR C 161 31.58 -6.51 34.42
N PHE C 162 30.75 -7.12 33.57
CA PHE C 162 30.79 -6.83 32.14
C PHE C 162 29.49 -7.33 31.52
N PRO C 163 28.91 -6.58 30.56
CA PRO C 163 29.36 -5.24 30.20
C PRO C 163 28.59 -4.19 30.98
N GLU C 164 28.74 -2.94 30.56
CA GLU C 164 27.96 -1.86 31.13
C GLU C 164 26.49 -2.02 30.73
N PRO C 165 25.57 -1.47 31.52
CA PRO C 165 25.78 -0.76 32.79
C PRO C 165 25.26 -1.54 34.00
N VAL C 166 25.36 -0.92 35.18
CA VAL C 166 24.65 -1.37 36.37
C VAL C 166 23.88 -0.19 36.94
N THR C 167 22.77 -0.49 37.61
CA THR C 167 22.00 0.52 38.33
C THR C 167 22.08 0.22 39.82
N VAL C 168 22.26 1.28 40.61
CA VAL C 168 22.40 1.14 42.06
C VAL C 168 21.52 2.17 42.73
N SER C 169 20.54 1.70 43.50
CA SER C 169 19.74 2.53 44.40
C SER C 169 19.98 2.09 45.82
N TRP C 170 19.57 2.92 46.76
CA TRP C 170 19.69 2.62 48.19
C TRP C 170 18.30 2.56 48.81
N ASN C 171 18.07 1.51 49.62
CA ASN C 171 16.77 1.24 50.22
C ASN C 171 15.66 1.23 49.17
N SER C 172 15.97 0.63 48.02
CA SER C 172 15.03 0.49 46.91
C SER C 172 14.46 1.85 46.49
N GLY C 173 15.30 2.88 46.54
CA GLY C 173 14.90 4.21 46.15
C GLY C 173 14.41 5.09 47.28
N ALA C 174 14.27 4.56 48.49
CA ALA C 174 13.87 5.40 49.62
C ALA C 174 14.96 6.37 50.01
N LEU C 175 16.22 5.99 49.81
CA LEU C 175 17.38 6.84 50.09
C LEU C 175 17.86 7.42 48.77
N THR C 176 17.71 8.73 48.60
CA THR C 176 18.18 9.42 47.41
C THR C 176 19.13 10.57 47.73
N SER C 177 18.77 11.43 48.69
CA SER C 177 19.62 12.56 49.03
C SER C 177 20.99 12.10 49.50
N GLY C 178 22.03 12.79 49.06
CA GLY C 178 23.37 12.48 49.49
C GLY C 178 23.98 11.24 48.90
N VAL C 179 23.40 10.68 47.84
CA VAL C 179 23.98 9.51 47.18
C VAL C 179 24.97 9.97 46.11
N HIS C 180 25.98 9.14 45.87
CA HIS C 180 26.98 9.42 44.83
C HIS C 180 27.41 8.07 44.23
N THR C 181 26.75 7.68 43.15
CA THR C 181 27.21 6.55 42.34
C THR C 181 28.20 7.06 41.31
N PHE C 182 29.36 6.48 41.29
CA PHE C 182 30.43 7.00 40.47
C PHE C 182 30.41 6.35 39.08
N PRO C 183 30.99 7.04 38.10
CA PRO C 183 31.21 6.41 36.79
C PRO C 183 32.11 5.20 36.91
N ALA C 184 31.72 4.12 36.23
CA ALA C 184 32.53 2.91 36.22
C ALA C 184 33.90 3.17 35.62
N VAL C 185 34.85 2.30 35.95
CA VAL C 185 36.21 2.36 35.43
C VAL C 185 36.52 1.03 34.78
N LEU C 186 37.28 1.07 33.67
CA LEU C 186 37.67 -0.15 32.98
C LEU C 186 39.01 -0.61 33.54
N GLN C 187 38.98 -1.70 34.30
CA GLN C 187 40.18 -2.21 34.94
C GLN C 187 41.11 -2.86 33.90
N SER C 188 42.32 -3.16 34.34
CA SER C 188 43.30 -3.84 33.50
C SER C 188 42.76 -5.17 32.96
N SER C 189 41.97 -5.86 33.78
CA SER C 189 41.38 -7.15 33.37
C SER C 189 40.41 -7.02 32.20
N GLY C 190 39.90 -5.83 31.94
CA GLY C 190 38.82 -5.65 30.99
C GLY C 190 37.44 -5.72 31.59
N LEU C 191 37.34 -5.68 32.92
CA LEU C 191 36.07 -5.65 33.63
C LEU C 191 35.87 -4.26 34.20
N TYR C 192 34.60 -3.95 34.48
CA TYR C 192 34.22 -2.65 35.01
C TYR C 192 34.08 -2.72 36.54
N SER C 193 34.16 -1.55 37.16
CA SER C 193 34.04 -1.45 38.61
C SER C 193 33.66 -0.03 38.97
N LEU C 194 32.59 0.14 39.73
CA LEU C 194 32.21 1.45 40.24
C LEU C 194 31.97 1.38 41.74
N SER C 195 31.70 2.54 42.34
CA SER C 195 31.39 2.65 43.75
C SER C 195 30.20 3.57 43.92
N SER C 196 29.34 3.24 44.88
CA SER C 196 28.22 4.10 45.26
C SER C 196 28.32 4.38 46.75
N VAL C 197 28.35 5.66 47.12
CA VAL C 197 28.49 6.07 48.50
C VAL C 197 27.34 6.99 48.87
N VAL C 198 27.21 7.26 50.17
CA VAL C 198 26.13 8.11 50.68
C VAL C 198 26.50 8.54 52.09
N THR C 199 26.25 9.82 52.39
CA THR C 199 26.56 10.39 53.70
C THR C 199 25.26 10.43 54.53
N VAL C 200 25.23 9.63 55.59
CA VAL C 200 24.08 9.56 56.48
C VAL C 200 24.42 10.24 57.80
N PRO C 201 23.45 10.65 58.60
CA PRO C 201 23.76 11.17 59.94
C PRO C 201 24.42 10.12 60.81
N SER C 202 25.48 10.53 61.51
CA SER C 202 26.22 9.59 62.35
C SER C 202 25.42 9.12 63.56
N SER C 203 24.26 9.72 63.82
CA SER C 203 23.42 9.32 64.94
C SER C 203 22.40 8.24 64.58
N SER C 204 22.51 7.63 63.39
CA SER C 204 21.51 6.67 62.95
C SER C 204 22.14 5.48 62.24
N LEU C 205 23.30 5.03 62.70
CA LEU C 205 23.88 3.82 62.11
C LEU C 205 23.22 2.55 62.62
N GLY C 206 22.75 2.55 63.87
CA GLY C 206 22.12 1.37 64.43
C GLY C 206 20.62 1.35 64.28
N THR C 207 20.00 2.54 64.20
CA THR C 207 18.55 2.66 64.15
C THR C 207 18.00 2.64 62.74
N GLN C 208 18.86 2.75 61.72
CA GLN C 208 18.42 2.83 60.34
C GLN C 208 19.19 1.79 59.54
N THR C 209 18.46 1.02 58.72
CA THR C 209 19.07 0.04 57.84
C THR C 209 19.40 0.69 56.51
N TYR C 210 20.60 0.42 56.01
CA TYR C 210 21.05 0.94 54.73
C TYR C 210 21.45 -0.24 53.85
N ILE C 211 20.78 -0.38 52.71
CA ILE C 211 21.02 -1.49 51.79
C ILE C 211 21.04 -0.95 50.37
N CYS C 212 22.20 -1.03 49.71
CA CYS C 212 22.26 -0.69 48.30
C CYS C 212 21.65 -1.82 47.48
N ASN C 213 20.97 -1.46 46.40
CA ASN C 213 20.36 -2.41 45.49
C ASN C 213 21.12 -2.34 44.17
N VAL C 214 21.80 -3.43 43.83
CA VAL C 214 22.62 -3.51 42.62
C VAL C 214 21.90 -4.39 41.61
N ASN C 215 21.75 -3.88 40.39
CA ASN C 215 21.09 -4.58 39.31
C ASN C 215 22.03 -4.61 38.11
N HIS C 216 22.31 -5.81 37.60
CA HIS C 216 23.11 -6.00 36.39
C HIS C 216 22.27 -6.86 35.46
N LYS C 217 21.43 -6.20 34.66
CA LYS C 217 20.54 -6.92 33.76
C LYS C 217 21.27 -7.84 32.78
N PRO C 218 22.40 -7.47 32.17
CA PRO C 218 23.06 -8.38 31.23
C PRO C 218 23.39 -9.75 31.80
N SER C 219 23.37 -9.94 33.12
CA SER C 219 23.57 -11.25 33.72
C SER C 219 22.40 -11.70 34.60
N ASN C 220 21.31 -10.92 34.62
CA ASN C 220 20.11 -11.19 35.43
C ASN C 220 20.42 -11.16 36.93
N THR C 221 21.53 -10.53 37.32
CA THR C 221 21.99 -10.55 38.71
C THR C 221 21.46 -9.31 39.43
N LYS C 222 20.57 -9.53 40.39
CA LYS C 222 20.17 -8.51 41.36
C LYS C 222 20.76 -8.89 42.71
N VAL C 223 21.45 -7.94 43.35
CA VAL C 223 22.12 -8.17 44.61
C VAL C 223 21.80 -7.01 45.55
N ASP C 224 21.36 -7.34 46.76
CA ASP C 224 21.14 -6.37 47.83
C ASP C 224 22.12 -6.68 48.96
N LYS C 225 22.86 -5.66 49.39
CA LYS C 225 23.93 -5.81 50.37
C LYS C 225 23.65 -4.91 51.58
N ARG C 226 23.74 -5.49 52.77
CA ARG C 226 23.69 -4.68 53.99
C ARG C 226 25.07 -4.10 54.26
N VAL C 227 25.09 -2.83 54.69
CA VAL C 227 26.32 -2.14 55.04
C VAL C 227 26.24 -1.83 56.53
N GLU C 228 26.95 -2.61 57.33
CA GLU C 228 26.90 -2.46 58.78
C GLU C 228 28.30 -2.24 59.34
N PRO C 229 28.41 -1.47 60.44
CA PRO C 229 29.68 -1.24 61.13
C PRO C 229 30.30 -2.51 61.68
N HIS D 5 -24.14 -18.80 3.63
CA HIS D 5 -23.86 -18.22 4.94
C HIS D 5 -24.39 -16.79 4.99
N HIS D 6 -24.89 -16.40 6.16
CA HIS D 6 -25.33 -15.03 6.41
C HIS D 6 -24.09 -14.17 6.61
N HIS D 7 -23.71 -13.41 5.59
CA HIS D 7 -22.55 -12.54 5.69
C HIS D 7 -23.05 -11.11 5.83
N HIS D 8 -22.63 -10.46 6.91
CA HIS D 8 -23.04 -9.10 7.21
C HIS D 8 -21.89 -8.39 7.93
N HIS D 9 -21.82 -7.07 7.76
CA HIS D 9 -20.77 -6.30 8.40
C HIS D 9 -20.94 -6.21 9.91
N THR D 10 -22.08 -6.67 10.44
CA THR D 10 -22.32 -6.69 11.89
C THR D 10 -21.89 -8.00 12.54
N ASN D 11 -21.65 -9.05 11.74
CA ASN D 11 -21.04 -10.27 12.25
C ASN D 11 -19.79 -9.96 13.05
N LEU D 12 -19.65 -10.62 14.20
CA LEU D 12 -18.46 -10.46 15.00
C LEU D 12 -17.24 -10.95 14.23
N CYS D 13 -16.12 -10.27 14.42
CA CYS D 13 -14.90 -10.61 13.71
C CYS D 13 -14.44 -12.02 14.05
N PRO D 14 -14.28 -12.90 13.07
CA PRO D 14 -13.91 -14.29 13.38
C PRO D 14 -12.47 -14.41 13.85
N PHE D 15 -12.20 -13.95 15.07
CA PHE D 15 -10.85 -14.05 15.63
C PHE D 15 -10.43 -15.49 15.80
N GLY D 16 -11.37 -16.40 16.08
CA GLY D 16 -11.06 -17.81 16.16
C GLY D 16 -10.41 -18.35 14.90
N GLU D 17 -10.60 -17.66 13.77
CA GLU D 17 -9.86 -18.01 12.55
C GLU D 17 -8.37 -17.76 12.73
N VAL D 18 -8.01 -16.55 13.17
CA VAL D 18 -6.60 -16.18 13.20
C VAL D 18 -5.91 -16.80 14.41
N PHE D 19 -6.59 -16.83 15.56
CA PHE D 19 -5.94 -17.31 16.78
C PHE D 19 -5.85 -18.83 16.85
N ASN D 20 -6.90 -19.54 16.47
CA ASN D 20 -6.97 -20.99 16.62
C ASN D 20 -6.40 -21.79 15.44
N ALA D 21 -5.73 -21.14 14.50
CA ALA D 21 -5.30 -21.84 13.29
C ALA D 21 -4.34 -22.98 13.59
N THR D 22 -4.32 -23.97 12.69
CA THR D 22 -3.45 -25.14 12.88
C THR D 22 -1.97 -24.75 12.80
N ARG D 23 -1.64 -23.78 11.95
CA ARG D 23 -0.27 -23.33 11.76
C ARG D 23 -0.24 -21.81 11.69
N PHE D 24 0.82 -21.23 12.24
CA PHE D 24 1.07 -19.81 12.12
C PHE D 24 2.24 -19.57 11.17
N ALA D 25 2.52 -18.30 10.92
CA ALA D 25 3.63 -17.94 10.07
C ALA D 25 4.89 -17.81 10.91
N SER D 26 6.02 -18.19 10.32
CA SER D 26 7.31 -17.91 10.92
C SER D 26 7.46 -16.42 11.13
N VAL D 27 8.17 -16.05 12.20
CA VAL D 27 8.27 -14.63 12.55
C VAL D 27 8.90 -13.83 11.42
N TYR D 28 9.85 -14.42 10.70
CA TYR D 28 10.52 -13.70 9.63
C TYR D 28 9.57 -13.35 8.48
N ALA D 29 8.59 -14.22 8.22
CA ALA D 29 7.57 -13.93 7.22
C ALA D 29 6.23 -13.71 7.89
N TRP D 30 6.22 -12.88 8.94
CA TRP D 30 5.02 -12.67 9.75
C TRP D 30 3.81 -12.31 8.90
N ASN D 31 2.68 -12.94 9.21
CA ASN D 31 1.45 -12.80 8.46
C ASN D 31 0.64 -11.63 9.00
N ARG D 32 -0.02 -10.91 8.09
CA ARG D 32 -0.80 -9.72 8.43
C ARG D 32 -2.18 -9.83 7.79
N LYS D 33 -3.22 -9.74 8.60
CA LYS D 33 -4.60 -9.67 8.12
C LYS D 33 -5.19 -8.30 8.46
N ARG D 34 -6.08 -7.83 7.60
CA ARG D 34 -6.87 -6.64 7.84
C ARG D 34 -8.22 -7.01 8.43
N ILE D 35 -8.48 -6.57 9.66
CA ILE D 35 -9.79 -6.71 10.30
C ILE D 35 -10.70 -5.66 9.67
N SER D 36 -11.66 -6.09 8.86
CA SER D 36 -12.49 -5.16 8.09
C SER D 36 -13.92 -5.69 8.01
N ASN D 37 -14.88 -4.76 8.06
CA ASN D 37 -16.30 -5.07 7.86
C ASN D 37 -16.79 -6.12 8.85
N CYS D 38 -16.44 -5.93 10.12
CA CYS D 38 -16.95 -6.78 11.19
C CYS D 38 -16.83 -6.02 12.49
N VAL D 39 -17.59 -6.47 13.49
CA VAL D 39 -17.59 -5.84 14.81
C VAL D 39 -16.61 -6.59 15.69
N ALA D 40 -15.57 -5.88 16.14
CA ALA D 40 -14.56 -6.43 17.04
C ALA D 40 -14.88 -5.99 18.45
N ASP D 41 -15.23 -6.96 19.30
CA ASP D 41 -15.47 -6.72 20.72
C ASP D 41 -14.20 -7.18 21.45
N TYR D 42 -13.32 -6.23 21.75
CA TYR D 42 -12.02 -6.57 22.31
C TYR D 42 -12.11 -7.06 23.74
N SER D 43 -13.24 -6.86 24.43
CA SER D 43 -13.42 -7.45 25.74
C SER D 43 -13.57 -8.97 25.65
N VAL D 44 -14.10 -9.47 24.53
CA VAL D 44 -14.27 -10.91 24.36
C VAL D 44 -12.90 -11.60 24.35
N LEU D 45 -11.90 -10.95 23.75
CA LEU D 45 -10.52 -11.41 23.89
C LEU D 45 -10.00 -11.17 25.30
N TYR D 46 -10.10 -9.92 25.76
CA TYR D 46 -9.48 -9.52 27.01
C TYR D 46 -10.04 -10.30 28.20
N ASN D 47 -11.33 -10.69 28.15
CA ASN D 47 -11.97 -11.41 29.23
C ASN D 47 -11.94 -12.93 29.04
N SER D 48 -11.45 -13.41 27.89
CA SER D 48 -11.08 -14.81 27.74
C SER D 48 -9.71 -15.02 28.39
N ALA D 49 -9.66 -15.88 29.40
CA ALA D 49 -8.41 -16.13 30.13
C ALA D 49 -7.42 -16.97 29.32
N SER D 50 -7.52 -16.91 28.00
CA SER D 50 -6.66 -17.73 27.16
C SER D 50 -5.22 -17.22 27.12
N PHE D 51 -5.02 -15.91 27.23
CA PHE D 51 -3.75 -15.29 26.85
C PHE D 51 -2.85 -15.03 28.05
N SER D 52 -1.57 -15.38 27.90
CA SER D 52 -0.56 -15.05 28.90
C SER D 52 -0.22 -13.57 28.88
N THR D 53 0.08 -13.03 27.69
CA THR D 53 0.47 -11.64 27.51
C THR D 53 -0.63 -10.86 26.80
N PHE D 54 -1.00 -9.71 27.36
CA PHE D 54 -1.97 -8.81 26.73
C PHE D 54 -1.62 -7.38 27.16
N LYS D 55 -0.61 -6.82 26.51
CA LYS D 55 -0.08 -5.50 26.84
C LYS D 55 -0.32 -4.55 25.67
N CYS D 56 -0.99 -3.44 25.94
CA CYS D 56 -1.32 -2.43 24.94
C CYS D 56 -0.43 -1.21 25.10
N TYR D 57 -0.31 -0.43 24.03
CA TYR D 57 0.56 0.74 23.99
C TYR D 57 -0.18 1.89 23.33
N GLY D 58 -0.06 3.07 23.93
CA GLY D 58 -0.75 4.25 23.43
C GLY D 58 -2.26 4.22 23.63
N VAL D 59 -2.80 3.16 24.22
CA VAL D 59 -4.23 3.01 24.46
C VAL D 59 -4.43 2.10 25.66
N SER D 60 -5.48 2.38 26.44
CA SER D 60 -5.81 1.49 27.56
C SER D 60 -6.71 0.36 27.06
N PRO D 61 -6.39 -0.89 27.38
CA PRO D 61 -7.21 -2.01 26.89
C PRO D 61 -8.62 -2.02 27.48
N THR D 62 -8.86 -1.32 28.58
CA THR D 62 -10.20 -1.19 29.10
C THR D 62 -11.09 -0.32 28.22
N LYS D 63 -10.49 0.56 27.40
CA LYS D 63 -11.24 1.52 26.60
C LYS D 63 -11.08 1.26 25.10
N LEU D 64 -10.75 0.03 24.71
CA LEU D 64 -10.68 -0.29 23.29
C LEU D 64 -12.06 -0.24 22.63
N ASN D 65 -13.10 -0.64 23.36
CA ASN D 65 -14.41 -0.80 22.76
C ASN D 65 -15.10 0.53 22.48
N ASP D 66 -14.71 1.62 23.13
CA ASP D 66 -15.34 2.92 22.90
C ASP D 66 -14.40 3.88 22.15
N LEU D 67 -13.58 3.34 21.24
CA LEU D 67 -12.72 4.11 20.36
C LEU D 67 -13.17 3.93 18.92
N CYS D 68 -12.75 4.84 18.05
CA CYS D 68 -13.07 4.80 16.62
C CYS D 68 -11.80 4.50 15.84
N PHE D 69 -11.81 3.42 15.05
CA PHE D 69 -10.63 2.95 14.34
C PHE D 69 -10.88 3.03 12.83
N THR D 70 -9.98 3.73 12.12
CA THR D 70 -10.01 3.76 10.67
C THR D 70 -9.52 2.45 10.07
N ASN D 71 -8.48 1.86 10.66
CA ASN D 71 -7.84 0.68 10.09
C ASN D 71 -7.25 -0.15 11.22
N VAL D 72 -7.51 -1.46 11.21
CA VAL D 72 -6.98 -2.39 12.20
C VAL D 72 -6.20 -3.48 11.48
N TYR D 73 -4.98 -3.76 11.96
CA TYR D 73 -4.11 -4.78 11.39
C TYR D 73 -3.82 -5.83 12.44
N ALA D 74 -3.82 -7.10 12.03
CA ALA D 74 -3.50 -8.22 12.92
C ALA D 74 -2.29 -8.97 12.36
N ASP D 75 -1.11 -8.66 12.92
CA ASP D 75 0.12 -9.34 12.56
C ASP D 75 0.33 -10.53 13.50
N SER D 76 0.56 -11.72 12.93
CA SER D 76 0.66 -12.95 13.71
C SER D 76 1.90 -13.73 13.33
N PHE D 77 2.53 -14.37 14.31
CA PHE D 77 3.73 -15.18 14.09
C PHE D 77 3.99 -16.00 15.35
N VAL D 78 5.06 -16.80 15.30
CA VAL D 78 5.46 -17.67 16.40
C VAL D 78 6.93 -17.42 16.74
N ILE D 79 7.20 -17.17 18.03
CA ILE D 79 8.55 -17.07 18.57
C ILE D 79 8.61 -17.87 19.88
N ARG D 80 9.80 -17.93 20.46
CA ARG D 80 10.00 -18.59 21.74
C ARG D 80 9.71 -17.62 22.88
N GLY D 81 9.30 -18.19 24.02
CA GLY D 81 8.87 -17.36 25.13
C GLY D 81 9.93 -16.38 25.60
N ASP D 82 11.20 -16.77 25.49
CA ASP D 82 12.30 -15.85 25.73
C ASP D 82 12.14 -14.54 24.96
N GLU D 83 11.66 -14.64 23.72
CA GLU D 83 11.68 -13.50 22.80
C GLU D 83 10.39 -12.68 22.82
N VAL D 84 9.38 -13.08 23.62
CA VAL D 84 8.12 -12.34 23.63
C VAL D 84 8.32 -10.93 24.16
N ARG D 85 9.30 -10.72 25.05
CA ARG D 85 9.56 -9.38 25.55
C ARG D 85 9.99 -8.43 24.44
N GLN D 86 10.56 -8.96 23.36
CA GLN D 86 11.03 -8.13 22.25
C GLN D 86 9.88 -7.58 21.42
N ILE D 87 8.66 -8.08 21.61
CA ILE D 87 7.50 -7.58 20.87
C ILE D 87 6.94 -6.41 21.68
N ALA D 88 7.63 -5.28 21.56
CA ALA D 88 7.31 -4.06 22.29
C ALA D 88 8.05 -2.88 21.66
N PRO D 89 7.55 -1.66 21.80
CA PRO D 89 8.25 -0.52 21.20
C PRO D 89 9.61 -0.31 21.85
N GLY D 90 10.59 0.04 21.03
CA GLY D 90 11.92 0.35 21.54
C GLY D 90 12.68 -0.82 22.15
N GLN D 91 12.48 -2.03 21.62
CA GLN D 91 13.20 -3.20 22.11
C GLN D 91 14.32 -3.60 21.15
N THR D 92 15.22 -4.44 21.64
CA THR D 92 16.39 -4.88 20.88
C THR D 92 16.55 -6.38 21.02
N GLY D 93 17.26 -6.97 20.06
CA GLY D 93 17.52 -8.39 20.03
C GLY D 93 17.48 -8.91 18.61
N LYS D 94 17.46 -10.23 18.48
CA LYS D 94 17.42 -10.86 17.16
C LYS D 94 16.06 -10.67 16.50
N ILE D 95 14.98 -10.77 17.27
CA ILE D 95 13.64 -10.69 16.69
C ILE D 95 13.31 -9.25 16.33
N ALA D 96 13.42 -8.34 17.29
CA ALA D 96 13.03 -6.95 17.05
C ALA D 96 13.85 -6.30 15.95
N ASP D 97 15.12 -6.69 15.80
CA ASP D 97 15.98 -6.03 14.82
C ASP D 97 15.92 -6.69 13.45
N TYR D 98 15.72 -8.00 13.38
CA TYR D 98 15.83 -8.73 12.11
C TYR D 98 14.53 -9.44 11.72
N ASN D 99 13.43 -9.25 12.45
CA ASN D 99 12.22 -10.00 12.15
C ASN D 99 10.96 -9.12 12.20
N TYR D 100 10.65 -8.58 13.37
CA TYR D 100 9.43 -7.79 13.56
C TYR D 100 9.75 -6.62 14.48
N LYS D 101 9.87 -5.42 13.91
CA LYS D 101 10.15 -4.22 14.69
C LYS D 101 8.88 -3.42 14.92
N LEU D 102 8.61 -3.08 16.17
CA LEU D 102 7.52 -2.15 16.45
C LEU D 102 8.07 -0.73 16.57
N PRO D 103 7.30 0.26 16.14
CA PRO D 103 7.75 1.65 16.22
C PRO D 103 7.62 2.20 17.64
N ASP D 104 8.36 3.28 17.89
CA ASP D 104 8.30 3.94 19.19
C ASP D 104 6.93 4.56 19.44
N ASP D 105 6.25 5.03 18.39
CA ASP D 105 4.91 5.59 18.51
C ASP D 105 3.82 4.56 18.29
N PHE D 106 4.11 3.29 18.58
CA PHE D 106 3.17 2.20 18.32
C PHE D 106 1.90 2.39 19.14
N THR D 107 0.77 2.36 18.45
CA THR D 107 -0.56 2.46 19.07
C THR D 107 -1.30 1.15 18.79
N GLY D 108 -1.26 0.22 19.74
CA GLY D 108 -1.89 -1.07 19.54
C GLY D 108 -1.69 -1.97 20.73
N CYS D 109 -1.97 -3.26 20.54
CA CYS D 109 -1.87 -4.25 21.61
C CYS D 109 -1.10 -5.47 21.14
N VAL D 110 -0.29 -6.03 22.04
CA VAL D 110 0.45 -7.26 21.78
C VAL D 110 -0.19 -8.37 22.59
N ILE D 111 -0.65 -9.41 21.91
CA ILE D 111 -1.31 -10.56 22.53
C ILE D 111 -0.45 -11.80 22.30
N ALA D 112 -0.18 -12.54 23.37
CA ALA D 112 0.64 -13.73 23.27
C ALA D 112 0.14 -14.80 24.24
N TRP D 113 0.39 -16.06 23.90
CA TRP D 113 0.00 -17.17 24.74
C TRP D 113 0.86 -18.38 24.38
N ASN D 114 1.13 -19.21 25.39
CA ASN D 114 1.96 -20.40 25.19
C ASN D 114 1.23 -21.41 24.31
N SER D 115 1.91 -21.87 23.25
CA SER D 115 1.35 -22.82 22.30
C SER D 115 2.18 -24.09 22.23
N ASN D 116 2.58 -24.61 23.39
CA ASN D 116 3.35 -25.85 23.41
C ASN D 116 2.54 -27.01 22.84
N ASN D 117 1.29 -27.15 23.28
CA ASN D 117 0.45 -28.25 22.84
C ASN D 117 0.06 -28.14 21.36
N LEU D 118 0.19 -26.96 20.75
CA LEU D 118 -0.22 -26.75 19.37
C LEU D 118 0.94 -26.79 18.39
N ASP D 119 2.12 -26.29 18.77
CA ASP D 119 3.22 -26.15 17.83
C ASP D 119 4.41 -27.06 18.11
N SER D 120 4.59 -27.54 19.33
CA SER D 120 5.68 -28.46 19.63
C SER D 120 5.30 -29.87 19.24
N LYS D 121 6.26 -30.60 18.68
CA LYS D 121 6.06 -31.99 18.29
C LYS D 121 7.16 -32.85 18.90
N VAL D 122 6.81 -34.07 19.32
CA VAL D 122 7.79 -34.92 19.99
C VAL D 122 8.94 -35.26 19.05
N GLY D 123 8.65 -35.47 17.77
CA GLY D 123 9.68 -35.58 16.77
C GLY D 123 10.57 -34.35 16.67
N GLY D 124 10.06 -33.21 17.13
CA GLY D 124 10.71 -31.94 16.87
C GLY D 124 10.07 -31.20 15.72
N ASN D 125 9.64 -29.96 15.94
CA ASN D 125 9.04 -29.15 14.88
C ASN D 125 10.07 -28.10 14.46
N TYR D 126 10.69 -28.33 13.30
CA TYR D 126 11.75 -27.47 12.80
C TYR D 126 11.27 -26.55 11.68
N ASN D 127 9.95 -26.39 11.54
CA ASN D 127 9.39 -25.65 10.42
C ASN D 127 9.11 -24.19 10.74
N TYR D 128 9.09 -23.80 12.01
CA TYR D 128 9.05 -22.39 12.38
C TYR D 128 10.46 -21.83 12.34
N LEU D 129 10.66 -20.78 11.55
CA LEU D 129 11.99 -20.21 11.32
C LEU D 129 12.05 -18.79 11.87
N TYR D 130 13.28 -18.28 11.98
CA TYR D 130 13.54 -16.91 12.38
C TYR D 130 14.78 -16.43 11.65
N ARG D 131 14.83 -15.12 11.39
CA ARG D 131 15.98 -14.53 10.72
C ARG D 131 17.09 -14.25 11.74
N LEU D 132 18.32 -14.67 11.40
CA LEU D 132 19.45 -14.56 12.31
C LEU D 132 20.43 -13.47 11.93
N PHE D 133 20.58 -13.18 10.64
CA PHE D 133 21.53 -12.17 10.16
C PHE D 133 20.81 -11.20 9.23
N ARG D 134 21.26 -9.95 9.24
CA ARG D 134 20.75 -8.96 8.30
C ARG D 134 21.72 -7.78 8.24
N LYS D 135 21.78 -7.16 7.06
CA LYS D 135 22.73 -6.07 6.84
C LYS D 135 22.46 -4.91 7.80
N SER D 136 21.20 -4.53 7.96
CA SER D 136 20.81 -3.46 8.86
C SER D 136 19.57 -3.91 9.63
N ASN D 137 19.20 -3.14 10.64
CA ASN D 137 17.99 -3.42 11.40
C ASN D 137 16.76 -3.05 10.59
N LEU D 138 15.66 -3.76 10.83
CA LEU D 138 14.44 -3.54 10.06
C LEU D 138 13.79 -2.22 10.43
N LYS D 139 13.16 -1.59 9.43
CA LYS D 139 12.28 -0.48 9.71
C LYS D 139 11.02 -1.00 10.42
N PRO D 140 10.28 -0.14 11.11
CA PRO D 140 9.05 -0.60 11.76
C PRO D 140 8.06 -1.17 10.74
N PHE D 141 7.48 -2.31 11.10
CA PHE D 141 6.52 -3.06 10.28
C PHE D 141 7.09 -3.52 8.95
N GLU D 142 8.42 -3.46 8.77
CA GLU D 142 9.06 -4.02 7.59
C GLU D 142 9.11 -5.54 7.71
N ARG D 143 9.18 -6.21 6.56
CA ARG D 143 9.26 -7.66 6.53
C ARG D 143 10.31 -8.07 5.50
N ASP D 144 11.28 -8.87 5.91
CA ASP D 144 12.34 -9.32 5.02
C ASP D 144 12.21 -10.84 4.87
N ILE D 145 12.03 -11.29 3.63
CA ILE D 145 11.88 -12.71 3.34
C ILE D 145 12.92 -13.20 2.33
N SER D 146 13.96 -12.41 2.07
CA SER D 146 14.99 -12.82 1.13
C SER D 146 15.85 -13.93 1.73
N THR D 147 16.43 -14.75 0.85
CA THR D 147 17.30 -15.86 1.26
C THR D 147 18.72 -15.66 0.75
N GLU D 148 19.13 -14.41 0.52
CA GLU D 148 20.49 -14.14 0.10
C GLU D 148 21.47 -14.55 1.19
N ILE D 149 22.57 -15.16 0.78
CA ILE D 149 23.58 -15.63 1.73
C ILE D 149 24.27 -14.43 2.36
N TYR D 150 24.22 -14.35 3.69
CA TYR D 150 24.74 -13.22 4.44
C TYR D 150 26.27 -13.29 4.55
N GLN D 151 26.94 -12.19 4.18
CA GLN D 151 28.38 -12.09 4.38
C GLN D 151 28.66 -11.51 5.76
N ALA D 152 29.28 -12.33 6.63
CA ALA D 152 29.66 -11.91 7.97
C ALA D 152 30.97 -11.13 7.99
N GLY D 153 32.01 -11.65 7.35
CA GLY D 153 33.32 -11.09 7.53
C GLY D 153 33.86 -10.19 6.43
N SER D 154 35.00 -10.57 5.89
CA SER D 154 35.72 -9.80 4.88
C SER D 154 35.56 -10.36 3.48
N THR D 155 35.66 -11.68 3.32
CA THR D 155 35.73 -12.30 2.01
C THR D 155 34.34 -12.39 1.37
N PRO D 156 34.25 -12.30 0.05
CA PRO D 156 32.95 -12.36 -0.62
C PRO D 156 32.37 -13.76 -0.62
N CYS D 157 31.07 -13.84 -0.84
CA CYS D 157 30.33 -15.10 -0.79
C CYS D 157 29.99 -15.66 -2.17
N ASN D 158 29.71 -14.78 -3.14
CA ASN D 158 29.42 -15.20 -4.52
C ASN D 158 28.23 -16.14 -4.59
N GLY D 159 27.24 -15.93 -3.72
CA GLY D 159 26.07 -16.79 -3.70
C GLY D 159 26.35 -18.22 -3.32
N VAL D 160 27.41 -18.47 -2.57
CA VAL D 160 27.79 -19.81 -2.13
C VAL D 160 27.98 -19.78 -0.62
N GLU D 161 27.55 -20.85 0.05
CA GLU D 161 27.60 -20.95 1.51
C GLU D 161 28.97 -21.46 1.96
N GLY D 162 29.37 -21.04 3.16
CA GLY D 162 30.63 -21.52 3.73
C GLY D 162 31.10 -20.61 4.85
N PHE D 163 32.42 -20.46 4.94
CA PHE D 163 33.05 -19.64 5.98
C PHE D 163 32.67 -18.17 5.79
N ASN D 164 32.19 -17.55 6.87
CA ASN D 164 31.68 -16.18 6.87
C ASN D 164 30.50 -15.99 5.93
N CYS D 165 29.93 -17.06 5.40
CA CYS D 165 28.80 -17.01 4.48
C CYS D 165 27.74 -17.97 4.99
N TYR D 166 26.79 -17.42 5.76
CA TYR D 166 25.79 -18.22 6.45
C TYR D 166 24.42 -18.01 5.82
N PHE D 167 23.62 -19.07 5.80
CA PHE D 167 22.22 -18.93 5.44
C PHE D 167 21.53 -18.09 6.50
N PRO D 168 20.79 -17.03 6.13
CA PRO D 168 20.29 -16.07 7.12
C PRO D 168 19.16 -16.59 7.99
N LEU D 169 18.53 -17.70 7.64
CA LEU D 169 17.39 -18.23 8.38
C LEU D 169 17.77 -19.50 9.13
N GLN D 170 17.38 -19.57 10.40
CA GLN D 170 17.58 -20.75 11.22
C GLN D 170 16.25 -21.26 11.73
N SER D 171 16.21 -22.55 12.02
CA SER D 171 14.99 -23.24 12.44
C SER D 171 14.94 -23.30 13.96
N TYR D 172 13.76 -22.98 14.51
CA TYR D 172 13.50 -23.28 15.91
C TYR D 172 13.41 -24.78 16.14
N GLY D 173 13.76 -25.20 17.35
CA GLY D 173 13.67 -26.60 17.72
C GLY D 173 12.59 -26.85 18.75
N PHE D 174 11.33 -26.75 18.34
CA PHE D 174 10.21 -26.80 19.27
C PHE D 174 9.87 -28.25 19.59
N GLN D 175 10.32 -28.71 20.76
CA GLN D 175 9.95 -29.96 21.40
C GLN D 175 9.11 -29.69 22.63
N PRO D 176 8.20 -30.59 23.00
CA PRO D 176 7.35 -30.31 24.17
C PRO D 176 8.07 -30.41 25.50
N THR D 177 9.22 -31.08 25.55
CA THR D 177 10.02 -31.16 26.77
C THR D 177 10.92 -29.95 26.97
N ASN D 178 10.95 -29.03 26.00
CA ASN D 178 11.72 -27.80 26.11
C ASN D 178 11.38 -27.04 27.37
N GLY D 179 12.31 -26.22 27.86
CA GLY D 179 11.98 -25.28 28.89
C GLY D 179 11.00 -24.22 28.39
N VAL D 180 10.33 -23.58 29.35
CA VAL D 180 9.31 -22.59 29.02
C VAL D 180 9.88 -21.49 28.13
N GLY D 181 11.16 -21.15 28.29
CA GLY D 181 11.77 -20.13 27.46
C GLY D 181 12.05 -20.58 26.04
N TYR D 182 12.22 -21.88 25.82
CA TYR D 182 12.41 -22.44 24.49
C TYR D 182 11.10 -22.95 23.90
N GLN D 183 10.00 -22.86 24.65
CA GLN D 183 8.71 -23.31 24.16
C GLN D 183 8.09 -22.26 23.24
N PRO D 184 7.30 -22.69 22.25
CA PRO D 184 6.72 -21.75 21.29
C PRO D 184 5.58 -20.96 21.90
N TYR D 185 5.59 -19.66 21.65
CA TYR D 185 4.48 -18.76 21.97
C TYR D 185 3.93 -18.18 20.68
N ARG D 186 2.61 -18.14 20.57
CA ARG D 186 1.96 -17.50 19.45
C ARG D 186 1.70 -16.03 19.79
N VAL D 187 2.01 -15.15 18.85
CA VAL D 187 1.87 -13.71 19.06
C VAL D 187 1.00 -13.15 17.94
N VAL D 188 0.05 -12.29 18.32
CA VAL D 188 -0.70 -11.49 17.37
C VAL D 188 -0.60 -10.04 17.83
N VAL D 189 -0.35 -9.14 16.89
CA VAL D 189 -0.11 -7.73 17.17
C VAL D 189 -1.19 -6.92 16.48
N LEU D 190 -2.00 -6.20 17.26
CA LEU D 190 -3.05 -5.34 16.73
C LEU D 190 -2.48 -3.94 16.51
N SER D 191 -2.69 -3.41 15.31
CA SER D 191 -2.23 -2.07 14.93
C SER D 191 -3.45 -1.20 14.67
N PHE D 192 -3.56 -0.08 15.38
CA PHE D 192 -4.72 0.78 15.29
C PHE D 192 -4.42 2.07 14.56
N GLU D 193 -5.38 2.52 13.76
CA GLU D 193 -5.37 3.84 13.14
C GLU D 193 -6.63 4.56 13.59
N LEU D 194 -6.47 5.63 14.35
CA LEU D 194 -7.61 6.30 14.94
C LEU D 194 -8.32 7.19 13.93
N LEU D 195 -9.57 7.49 14.21
CA LEU D 195 -10.36 8.40 13.40
C LEU D 195 -10.18 9.81 13.97
N HIS D 196 -9.59 10.70 13.18
CA HIS D 196 -9.51 12.12 13.54
C HIS D 196 -10.90 12.72 13.76
N ALA D 197 -11.26 13.00 15.01
CA ALA D 197 -12.60 13.46 15.33
C ALA D 197 -12.58 14.11 16.69
N PRO D 198 -13.47 15.07 16.96
CA PRO D 198 -13.51 15.71 18.28
C PRO D 198 -13.81 14.72 19.39
N ALA D 199 -13.50 15.12 20.62
CA ALA D 199 -13.89 14.34 21.78
C ALA D 199 -15.40 14.13 21.83
N THR D 200 -16.17 15.14 21.39
CA THR D 200 -17.62 15.10 21.51
C THR D 200 -18.24 13.94 20.74
N VAL D 201 -17.57 13.41 19.74
CA VAL D 201 -18.10 12.31 18.94
C VAL D 201 -17.46 10.97 19.31
N CYS D 202 -16.18 10.95 19.64
CA CYS D 202 -15.48 9.70 19.95
C CYS D 202 -14.35 9.90 20.95
N GLY D 203 -13.25 9.16 20.75
CA GLY D 203 -12.12 9.20 21.66
C GLY D 203 -11.49 10.57 21.84
N ASP E 1 6.74 -52.64 -0.60
CA ASP E 1 6.34 -54.01 -0.32
C ASP E 1 5.85 -54.17 1.11
N ILE E 2 5.45 -53.06 1.74
CA ILE E 2 4.89 -53.09 3.09
C ILE E 2 3.39 -52.92 2.97
N VAL E 3 2.64 -53.89 3.50
CA VAL E 3 1.18 -53.92 3.41
C VAL E 3 0.60 -53.59 4.77
N MET E 4 -0.28 -52.60 4.82
CA MET E 4 -1.01 -52.26 6.03
C MET E 4 -2.29 -53.09 6.07
N THR E 5 -2.57 -53.67 7.24
CA THR E 5 -3.74 -54.53 7.44
C THR E 5 -4.52 -54.02 8.65
N GLN E 6 -5.61 -53.32 8.40
CA GLN E 6 -6.49 -52.87 9.47
C GLN E 6 -7.51 -53.95 9.80
N SER E 7 -7.92 -53.99 11.07
CA SER E 7 -8.95 -54.90 11.52
C SER E 7 -9.67 -54.27 12.71
N PRO E 8 -11.00 -54.34 12.76
CA PRO E 8 -11.85 -54.95 11.73
C PRO E 8 -12.11 -54.01 10.56
N LEU E 9 -12.98 -54.42 9.63
CA LEU E 9 -13.34 -53.54 8.52
C LEU E 9 -14.38 -52.53 8.95
N SER E 10 -15.44 -52.98 9.61
CA SER E 10 -16.44 -52.11 10.23
C SER E 10 -16.49 -52.42 11.71
N LEU E 11 -16.83 -51.43 12.51
CA LEU E 11 -16.78 -51.56 13.97
C LEU E 11 -17.81 -50.63 14.61
N PRO E 12 -18.94 -51.17 15.05
CA PRO E 12 -19.91 -50.35 15.80
C PRO E 12 -19.40 -50.03 17.20
N VAL E 13 -19.81 -48.86 17.70
CA VAL E 13 -19.36 -48.39 19.01
C VAL E 13 -20.54 -47.83 19.78
N THR E 14 -20.51 -48.04 21.10
CA THR E 14 -21.49 -47.44 21.98
C THR E 14 -20.95 -46.12 22.49
N PRO E 15 -21.65 -45.00 22.31
CA PRO E 15 -21.17 -43.72 22.84
C PRO E 15 -21.07 -43.74 24.35
N GLY E 16 -19.86 -43.50 24.86
CA GLY E 16 -19.56 -43.57 26.27
C GLY E 16 -18.79 -44.80 26.71
N GLU E 17 -18.45 -45.69 25.79
CA GLU E 17 -17.73 -46.92 26.06
C GLU E 17 -16.51 -46.99 25.16
N PRO E 18 -15.51 -47.79 25.53
CA PRO E 18 -14.25 -47.78 24.77
C PRO E 18 -14.36 -48.47 23.42
N ALA E 19 -13.27 -48.36 22.65
CA ALA E 19 -13.18 -48.87 21.30
C ALA E 19 -11.73 -49.03 20.92
N SER E 20 -11.44 -49.97 20.01
CA SER E 20 -10.07 -50.26 19.61
C SER E 20 -10.00 -50.72 18.16
N ILE E 21 -9.10 -50.11 17.39
CA ILE E 21 -8.79 -50.50 16.02
C ILE E 21 -7.35 -50.98 15.98
N SER E 22 -7.06 -51.95 15.10
CA SER E 22 -5.72 -52.50 14.97
C SER E 22 -5.18 -52.26 13.57
N CYS E 23 -3.87 -51.97 13.50
CA CYS E 23 -3.15 -51.82 12.24
C CYS E 23 -1.90 -52.68 12.30
N ARG E 24 -1.79 -53.64 11.40
CA ARG E 24 -0.67 -54.55 11.34
C ARG E 24 0.13 -54.30 10.08
N SER E 25 1.46 -54.38 10.19
CA SER E 25 2.37 -54.17 9.07
C SER E 25 3.08 -55.46 8.72
N SER E 26 3.47 -55.59 7.45
CA SER E 26 4.20 -56.77 7.02
C SER E 26 5.64 -56.75 7.50
N GLN E 27 6.20 -55.57 7.73
CA GLN E 27 7.57 -55.44 8.21
C GLN E 27 7.63 -54.39 9.30
N SER E 28 8.68 -54.46 10.11
CA SER E 28 8.83 -53.55 11.23
C SER E 28 8.84 -52.09 10.78
N LEU E 29 8.17 -51.24 11.55
CA LEU E 29 8.15 -49.81 11.32
C LEU E 29 8.99 -49.06 12.34
N LEU E 30 9.80 -49.78 13.12
CA LEU E 30 10.68 -49.19 14.12
C LEU E 30 12.00 -48.78 13.46
N HIS E 31 12.24 -47.47 13.38
CA HIS E 31 13.50 -47.02 12.82
C HIS E 31 14.59 -47.10 13.89
N SER E 32 15.84 -47.09 13.44
CA SER E 32 16.98 -47.19 14.34
C SER E 32 17.15 -46.00 15.26
N ASN E 33 16.30 -44.97 15.15
CA ASN E 33 16.35 -43.83 16.05
C ASN E 33 15.37 -43.94 17.21
N GLY E 34 14.55 -44.99 17.26
CA GLY E 34 13.64 -45.18 18.38
C GLY E 34 12.25 -44.64 18.17
N TYR E 35 11.85 -44.39 16.93
CA TYR E 35 10.51 -43.94 16.60
C TYR E 35 9.81 -44.98 15.72
N ASN E 36 8.50 -45.13 15.93
CA ASN E 36 7.64 -45.99 15.11
C ASN E 36 6.94 -45.10 14.09
N TYR E 37 7.34 -45.19 12.82
CA TYR E 37 6.82 -44.31 11.77
C TYR E 37 5.46 -44.82 11.31
N LEU E 38 4.42 -44.44 12.06
CA LEU E 38 3.05 -44.79 11.71
C LEU E 38 2.10 -43.70 12.20
N ASP E 39 1.23 -43.23 11.30
CA ASP E 39 0.24 -42.22 11.65
C ASP E 39 -1.17 -42.78 11.55
N TRP E 40 -2.07 -42.14 12.26
CA TRP E 40 -3.50 -42.44 12.20
C TRP E 40 -4.25 -41.22 11.72
N TYR E 41 -5.17 -41.42 10.76
CA TYR E 41 -5.99 -40.34 10.23
C TYR E 41 -7.46 -40.72 10.36
N LEU E 42 -8.30 -39.72 10.55
CA LEU E 42 -9.74 -39.90 10.68
C LEU E 42 -10.45 -39.08 9.63
N GLN E 43 -11.37 -39.72 8.91
CA GLN E 43 -12.15 -39.07 7.85
C GLN E 43 -13.61 -39.11 8.27
N LYS E 44 -14.04 -38.05 8.97
CA LYS E 44 -15.45 -37.83 9.26
C LYS E 44 -16.25 -37.91 7.96
N PRO E 45 -17.52 -38.30 8.01
CA PRO E 45 -18.29 -38.51 6.78
C PRO E 45 -18.34 -37.27 5.90
N GLY E 46 -18.03 -37.47 4.63
CA GLY E 46 -18.03 -36.39 3.63
C GLY E 46 -17.16 -35.22 4.01
N GLN E 47 -16.02 -35.49 4.63
CA GLN E 47 -15.14 -34.43 5.09
C GLN E 47 -13.70 -34.85 4.86
N SER E 48 -12.79 -33.88 4.91
CA SER E 48 -11.40 -34.16 4.67
C SER E 48 -10.79 -35.01 5.78
N PRO E 49 -9.72 -35.73 5.48
CA PRO E 49 -9.00 -36.46 6.53
C PRO E 49 -8.45 -35.54 7.61
N GLN E 50 -8.32 -36.11 8.80
CA GLN E 50 -7.87 -35.41 9.99
C GLN E 50 -6.70 -36.18 10.58
N LEU E 51 -5.63 -35.49 10.92
CA LEU E 51 -4.53 -36.15 11.60
C LEU E 51 -4.92 -36.37 13.06
N LEU E 52 -4.72 -37.59 13.55
CA LEU E 52 -4.98 -37.95 14.94
C LEU E 52 -3.70 -38.28 15.70
N ILE E 53 -2.92 -39.25 15.21
CA ILE E 53 -1.72 -39.73 15.90
C ILE E 53 -0.55 -39.63 14.94
N TYR E 54 0.59 -39.16 15.45
CA TYR E 54 1.83 -39.12 14.67
C TYR E 54 2.94 -39.81 15.44
N LEU E 55 3.85 -40.45 14.69
CA LEU E 55 4.98 -41.19 15.26
C LEU E 55 4.50 -42.25 16.25
N GLY E 56 3.46 -42.96 15.89
CA GLY E 56 3.00 -44.14 16.63
C GLY E 56 2.04 -43.96 17.79
N SER E 57 2.33 -43.03 18.70
CA SER E 57 1.59 -42.96 19.95
C SER E 57 1.36 -41.55 20.46
N ASN E 58 1.67 -40.51 19.69
CA ASN E 58 1.55 -39.13 20.13
C ASN E 58 0.46 -38.42 19.35
N ARG E 59 -0.49 -37.82 20.07
CA ARG E 59 -1.63 -37.16 19.44
C ARG E 59 -1.23 -35.82 18.85
N ALA E 60 -1.80 -35.51 17.68
CA ALA E 60 -1.59 -34.22 17.05
C ALA E 60 -2.31 -33.12 17.83
N SER E 61 -2.14 -31.89 17.39
CA SER E 61 -2.73 -30.76 18.10
C SER E 61 -4.25 -30.80 18.03
N GLY E 62 -4.89 -30.46 19.14
CA GLY E 62 -6.33 -30.41 19.23
C GLY E 62 -7.02 -31.73 19.48
N VAL E 63 -6.32 -32.86 19.32
CA VAL E 63 -6.93 -34.18 19.47
C VAL E 63 -7.26 -34.40 20.94
N PRO E 64 -8.52 -34.71 21.28
CA PRO E 64 -8.91 -34.82 22.69
C PRO E 64 -8.15 -35.92 23.43
N ASP E 65 -8.27 -35.88 24.76
CA ASP E 65 -7.70 -36.90 25.63
C ASP E 65 -8.13 -38.30 25.23
N ARG E 66 -9.40 -38.46 24.92
CA ARG E 66 -10.04 -39.75 24.62
C ARG E 66 -9.22 -40.62 23.67
N PHE E 67 -8.52 -40.00 22.72
CA PHE E 67 -7.76 -40.74 21.73
C PHE E 67 -6.36 -41.05 22.25
N SER E 68 -5.84 -42.21 21.86
CA SER E 68 -4.49 -42.62 22.26
C SER E 68 -4.02 -43.73 21.33
N GLY E 69 -2.80 -43.61 20.82
CA GLY E 69 -2.20 -44.64 20.01
C GLY E 69 -1.17 -45.42 20.81
N SER E 70 -0.99 -46.68 20.42
CA SER E 70 -0.01 -47.54 21.08
C SER E 70 0.50 -48.55 20.06
N GLY E 71 1.41 -49.40 20.51
CA GLY E 71 2.02 -50.41 19.67
C GLY E 71 3.43 -50.05 19.26
N SER E 72 4.18 -51.08 18.85
CA SER E 72 5.56 -50.90 18.43
C SER E 72 5.90 -51.94 17.38
N GLY E 73 6.88 -51.61 16.54
CA GLY E 73 7.40 -52.54 15.56
C GLY E 73 6.47 -52.85 14.41
N THR E 74 5.48 -53.72 14.64
CA THR E 74 4.63 -54.20 13.55
C THR E 74 3.15 -54.21 13.86
N ASP E 75 2.73 -54.14 15.12
CA ASP E 75 1.31 -54.19 15.49
C ASP E 75 0.99 -52.96 16.33
N PHE E 76 0.16 -52.08 15.79
CA PHE E 76 -0.25 -50.85 16.46
C PHE E 76 -1.75 -50.84 16.64
N THR E 77 -2.23 -50.01 17.57
CA THR E 77 -3.65 -49.96 17.91
C THR E 77 -4.05 -48.54 18.24
N LEU E 78 -5.29 -48.19 17.86
CA LEU E 78 -5.96 -47.00 18.36
C LEU E 78 -6.85 -47.37 19.53
N LYS E 79 -7.10 -46.39 20.40
CA LYS E 79 -7.95 -46.60 21.57
C LYS E 79 -8.68 -45.30 21.88
N ILE E 80 -10.00 -45.32 21.81
CA ILE E 80 -10.82 -44.23 22.32
C ILE E 80 -11.37 -44.66 23.66
N SER E 81 -11.02 -43.92 24.71
CA SER E 81 -11.51 -44.26 26.05
C SER E 81 -13.02 -44.03 26.15
N ARG E 82 -13.48 -42.85 25.74
CA ARG E 82 -14.89 -42.48 25.77
C ARG E 82 -15.30 -42.19 24.33
N VAL E 83 -15.92 -43.16 23.66
CA VAL E 83 -16.45 -42.91 22.34
C VAL E 83 -17.61 -41.93 22.43
N GLU E 84 -17.62 -40.95 21.53
CA GLU E 84 -18.67 -39.94 21.50
C GLU E 84 -19.14 -39.75 20.06
N ALA E 85 -20.36 -39.20 19.94
CA ALA E 85 -21.09 -39.15 18.67
C ALA E 85 -20.25 -38.72 17.47
N GLU E 86 -19.48 -37.64 17.61
CA GLU E 86 -18.79 -37.09 16.45
C GLU E 86 -17.61 -37.93 15.98
N ASP E 87 -17.20 -38.94 16.73
CA ASP E 87 -16.06 -39.75 16.33
C ASP E 87 -16.39 -40.72 15.21
N VAL E 88 -17.66 -40.76 14.78
CA VAL E 88 -18.07 -41.65 13.70
C VAL E 88 -17.35 -41.26 12.41
N GLY E 89 -16.77 -42.25 11.74
CA GLY E 89 -16.10 -41.99 10.47
C GLY E 89 -15.34 -43.20 10.00
N VAL E 90 -14.30 -42.93 9.21
CA VAL E 90 -13.39 -43.95 8.73
C VAL E 90 -11.99 -43.62 9.22
N TYR E 91 -11.34 -44.58 9.86
CA TYR E 91 -10.01 -44.40 10.43
C TYR E 91 -8.99 -45.15 9.56
N TYR E 92 -8.02 -44.41 9.02
CA TYR E 92 -6.93 -45.00 8.25
C TYR E 92 -5.62 -44.90 9.02
N CYS E 93 -4.83 -45.96 8.99
CA CYS E 93 -3.45 -45.90 9.42
C CYS E 93 -2.55 -45.80 8.20
N MET E 94 -1.38 -45.21 8.41
CA MET E 94 -0.43 -44.96 7.33
C MET E 94 0.98 -45.17 7.87
N GLN E 95 1.73 -46.06 7.24
CA GLN E 95 3.15 -46.18 7.53
C GLN E 95 3.90 -44.99 6.95
N ALA E 96 4.90 -44.50 7.69
CA ALA E 96 5.73 -43.39 7.25
C ALA E 96 7.20 -43.77 7.16
N LEU E 97 7.54 -45.05 7.35
CA LEU E 97 8.95 -45.45 7.37
C LEU E 97 9.65 -45.09 6.07
N GLN E 98 8.98 -45.30 4.93
CA GLN E 98 9.61 -45.10 3.63
C GLN E 98 9.25 -43.77 2.99
N THR E 99 8.73 -42.82 3.77
CA THR E 99 8.56 -41.47 3.25
C THR E 99 9.93 -40.87 2.92
N PRO E 100 10.00 -40.01 1.89
CA PRO E 100 8.87 -39.62 1.06
C PRO E 100 8.80 -40.37 -0.27
N ILE E 101 9.29 -41.62 -0.29
CA ILE E 101 9.27 -42.39 -1.54
C ILE E 101 7.93 -43.07 -1.73
N THR E 102 7.40 -43.70 -0.69
CA THR E 102 6.11 -44.38 -0.74
C THR E 102 5.34 -44.06 0.53
N TRP E 103 4.03 -43.83 0.38
CA TRP E 103 3.14 -43.51 1.48
C TRP E 103 1.98 -44.49 1.43
N THR E 104 2.02 -45.51 2.28
CA THR E 104 1.08 -46.62 2.21
C THR E 104 0.03 -46.50 3.31
N PHE E 105 -1.24 -46.55 2.91
CA PHE E 105 -2.37 -46.50 3.82
C PHE E 105 -2.93 -47.90 4.07
N GLY E 106 -3.82 -47.99 5.07
CA GLY E 106 -4.59 -49.18 5.29
C GLY E 106 -5.92 -49.12 4.55
N GLN E 107 -6.69 -50.20 4.72
CA GLN E 107 -8.00 -50.27 4.09
C GLN E 107 -8.99 -49.28 4.70
N GLY E 108 -8.77 -48.88 5.94
CA GLY E 108 -9.72 -48.09 6.67
C GLY E 108 -10.66 -48.94 7.50
N THR E 109 -11.31 -48.30 8.47
CA THR E 109 -12.23 -48.98 9.39
C THR E 109 -13.44 -48.08 9.61
N LYS E 110 -14.57 -48.45 9.02
CA LYS E 110 -15.78 -47.66 9.19
C LYS E 110 -16.36 -47.86 10.59
N VAL E 111 -16.75 -46.76 11.21
CA VAL E 111 -17.24 -46.74 12.58
C VAL E 111 -18.71 -46.35 12.55
N ASP E 112 -19.57 -47.23 13.09
CA ASP E 112 -21.00 -47.00 13.17
C ASP E 112 -21.40 -46.61 14.59
N ILE E 113 -22.59 -46.05 14.71
CA ILE E 113 -23.25 -45.96 16.02
C ILE E 113 -23.91 -47.30 16.29
N LYS E 114 -23.52 -47.96 17.38
CA LYS E 114 -24.07 -49.27 17.72
C LYS E 114 -25.51 -49.14 18.19
N ARG E 115 -26.37 -49.99 17.65
CA ARG E 115 -27.77 -50.04 18.05
C ARG E 115 -28.24 -51.48 17.98
N THR E 116 -29.41 -51.73 18.55
CA THR E 116 -29.97 -53.08 18.51
C THR E 116 -30.21 -53.51 17.06
N VAL E 117 -30.17 -54.82 16.85
CA VAL E 117 -30.35 -55.35 15.51
C VAL E 117 -31.73 -54.94 14.97
N ALA E 118 -31.83 -54.85 13.65
CA ALA E 118 -33.06 -54.44 12.98
C ALA E 118 -33.20 -55.20 11.68
N ALA E 119 -34.26 -56.00 11.56
CA ALA E 119 -34.49 -56.76 10.34
C ALA E 119 -34.87 -55.83 9.19
N PRO E 120 -34.35 -56.06 7.99
CA PRO E 120 -34.72 -55.21 6.85
C PRO E 120 -36.11 -55.55 6.36
N SER E 121 -36.93 -54.52 6.15
CA SER E 121 -38.20 -54.69 5.46
C SER E 121 -37.93 -54.80 3.97
N VAL E 122 -38.30 -55.93 3.37
CA VAL E 122 -37.90 -56.25 2.01
C VAL E 122 -39.08 -56.02 1.07
N PHE E 123 -38.81 -55.32 -0.04
CA PHE E 123 -39.79 -55.09 -1.08
C PHE E 123 -39.13 -55.30 -2.44
N ILE E 124 -39.80 -56.03 -3.33
CA ILE E 124 -39.30 -56.32 -4.66
C ILE E 124 -40.19 -55.61 -5.67
N PHE E 125 -39.59 -55.06 -6.72
CA PHE E 125 -40.31 -54.24 -7.70
C PHE E 125 -40.12 -54.81 -9.10
N PRO E 126 -41.19 -55.21 -9.78
CA PRO E 126 -41.07 -55.67 -11.17
C PRO E 126 -40.75 -54.52 -12.09
N PRO E 127 -40.22 -54.78 -13.28
CA PRO E 127 -39.96 -53.69 -14.22
C PRO E 127 -41.25 -53.07 -14.71
N SER E 128 -41.35 -51.75 -14.58
CA SER E 128 -42.54 -51.04 -15.03
C SER E 128 -42.78 -51.27 -16.52
N ASP E 129 -44.06 -51.32 -16.90
CA ASP E 129 -44.41 -51.60 -18.29
C ASP E 129 -43.82 -50.56 -19.24
N GLU E 130 -43.76 -49.29 -18.81
CA GLU E 130 -43.12 -48.28 -19.64
C GLU E 130 -41.63 -48.54 -19.78
N GLN E 131 -40.99 -49.08 -18.73
CA GLN E 131 -39.59 -49.50 -18.87
C GLN E 131 -39.48 -50.82 -19.64
N LEU E 132 -40.36 -51.79 -19.33
CA LEU E 132 -40.30 -53.09 -19.99
C LEU E 132 -40.28 -52.97 -21.50
N LYS E 133 -40.99 -51.98 -22.04
CA LYS E 133 -41.06 -51.78 -23.47
C LYS E 133 -39.81 -51.10 -24.04
N SER E 134 -39.04 -50.42 -23.19
CA SER E 134 -37.80 -49.78 -23.64
C SER E 134 -36.87 -50.77 -24.32
N GLY E 135 -36.65 -51.93 -23.71
CA GLY E 135 -35.71 -52.89 -24.25
C GLY E 135 -34.92 -53.61 -23.18
N THR E 136 -34.79 -52.97 -22.02
CA THR E 136 -34.13 -53.54 -20.86
C THR E 136 -35.16 -53.80 -19.77
N ALA E 137 -34.73 -54.48 -18.70
CA ALA E 137 -35.62 -54.83 -17.60
C ALA E 137 -34.84 -54.79 -16.31
N SER E 138 -35.22 -53.87 -15.42
CA SER E 138 -34.55 -53.69 -14.14
C SER E 138 -35.48 -54.16 -13.03
N VAL E 139 -35.11 -55.24 -12.36
CA VAL E 139 -35.81 -55.69 -11.16
C VAL E 139 -35.09 -55.09 -9.96
N VAL E 140 -35.85 -54.52 -9.03
CA VAL E 140 -35.29 -53.77 -7.92
C VAL E 140 -35.76 -54.40 -6.63
N CYS E 141 -34.84 -54.56 -5.69
CA CYS E 141 -35.15 -55.08 -4.36
C CYS E 141 -34.72 -54.05 -3.33
N LEU E 142 -35.58 -53.82 -2.34
CA LEU E 142 -35.38 -52.77 -1.35
C LEU E 142 -35.33 -53.38 0.05
N LEU E 143 -34.16 -53.26 0.69
CA LEU E 143 -34.02 -53.51 2.11
C LEU E 143 -34.11 -52.16 2.83
N ASN E 144 -35.01 -52.07 3.81
CA ASN E 144 -35.37 -50.78 4.38
C ASN E 144 -35.18 -50.79 5.89
N ASN E 145 -34.43 -49.80 6.39
CA ASN E 145 -34.30 -49.51 7.81
C ASN E 145 -33.87 -50.74 8.60
N PHE E 146 -32.59 -51.09 8.43
CA PHE E 146 -32.01 -52.25 9.07
C PHE E 146 -30.67 -51.90 9.70
N TYR E 147 -30.16 -52.83 10.51
CA TYR E 147 -28.87 -52.69 11.16
C TYR E 147 -28.46 -54.06 11.66
N PRO E 148 -27.19 -54.46 11.56
CA PRO E 148 -26.08 -53.68 11.00
C PRO E 148 -26.08 -53.60 9.49
N ARG E 149 -25.04 -52.98 8.91
CA ARG E 149 -25.02 -52.74 7.47
C ARG E 149 -24.78 -54.02 6.70
N GLU E 150 -24.11 -55.00 7.31
CA GLU E 150 -23.79 -56.24 6.62
C GLU E 150 -25.07 -56.99 6.24
N ALA E 151 -25.24 -57.24 4.95
CA ALA E 151 -26.42 -57.89 4.42
C ALA E 151 -26.06 -58.51 3.08
N LYS E 152 -26.61 -59.70 2.80
CA LYS E 152 -26.36 -60.39 1.54
C LYS E 152 -27.67 -60.59 0.79
N VAL E 153 -27.77 -60.01 -0.40
CA VAL E 153 -28.92 -60.22 -1.28
C VAL E 153 -28.53 -61.22 -2.36
N GLN E 154 -29.47 -62.08 -2.73
CA GLN E 154 -29.30 -63.06 -3.79
C GLN E 154 -30.45 -62.93 -4.76
N TRP E 155 -30.14 -62.95 -6.05
CA TRP E 155 -31.16 -62.94 -7.08
C TRP E 155 -31.31 -64.37 -7.60
N LYS E 156 -32.53 -64.89 -7.53
CA LYS E 156 -32.87 -66.21 -8.03
C LYS E 156 -33.93 -66.08 -9.13
N VAL E 157 -33.62 -66.59 -10.32
CA VAL E 157 -34.57 -66.62 -11.43
C VAL E 157 -34.96 -68.09 -11.64
N ASP E 158 -36.20 -68.42 -11.29
CA ASP E 158 -36.65 -69.81 -11.22
C ASP E 158 -35.72 -70.61 -10.29
N ASN E 159 -35.38 -70.00 -9.14
CA ASN E 159 -34.55 -70.57 -8.09
C ASN E 159 -33.11 -70.81 -8.51
N ALA E 160 -32.69 -70.31 -9.67
CA ALA E 160 -31.31 -70.43 -10.10
C ALA E 160 -30.52 -69.22 -9.60
N LEU E 161 -29.35 -69.49 -9.02
CA LEU E 161 -28.55 -68.43 -8.41
C LEU E 161 -27.92 -67.56 -9.49
N GLN E 162 -28.19 -66.27 -9.44
CA GLN E 162 -27.66 -65.31 -10.41
C GLN E 162 -26.44 -64.59 -9.82
N SER E 163 -25.44 -64.38 -10.68
CA SER E 163 -24.20 -63.73 -10.27
C SER E 163 -23.69 -62.84 -11.38
N GLY E 164 -23.10 -61.72 -10.99
CA GLY E 164 -22.50 -60.81 -11.96
C GLY E 164 -23.48 -60.15 -12.90
N ASN E 165 -24.70 -59.90 -12.45
CA ASN E 165 -25.67 -59.22 -13.29
C ASN E 165 -26.54 -58.25 -12.48
N SER E 166 -26.04 -57.79 -11.34
CA SER E 166 -26.80 -56.88 -10.49
C SER E 166 -25.83 -55.99 -9.73
N GLN E 167 -26.33 -54.80 -9.36
CA GLN E 167 -25.59 -53.84 -8.56
C GLN E 167 -26.44 -53.41 -7.39
N GLU E 168 -25.78 -53.04 -6.29
CA GLU E 168 -26.49 -52.57 -5.12
C GLU E 168 -25.85 -51.27 -4.64
N SER E 169 -26.58 -50.58 -3.77
CA SER E 169 -26.17 -49.29 -3.23
C SER E 169 -26.92 -49.04 -1.94
N VAL E 170 -26.18 -48.58 -0.91
CA VAL E 170 -26.70 -48.46 0.45
C VAL E 170 -26.57 -47.02 0.89
N THR E 171 -27.53 -46.55 1.69
CA THR E 171 -27.48 -45.23 2.28
C THR E 171 -26.57 -45.21 3.50
N GLU E 172 -26.01 -44.05 3.79
CA GLU E 172 -25.30 -43.90 5.04
C GLU E 172 -26.28 -43.94 6.22
N GLN E 173 -25.76 -44.30 7.39
CA GLN E 173 -26.57 -44.37 8.60
C GLN E 173 -27.47 -43.16 8.75
N ASP E 174 -28.75 -43.42 9.00
CA ASP E 174 -29.69 -42.34 9.26
C ASP E 174 -29.38 -41.69 10.60
N SER E 175 -29.63 -40.39 10.68
CA SER E 175 -29.28 -39.63 11.88
C SER E 175 -30.32 -39.75 12.99
N LYS E 176 -31.47 -40.36 12.73
CA LYS E 176 -32.52 -40.44 13.74
C LYS E 176 -32.75 -41.83 14.28
N ASP E 177 -32.58 -42.88 13.46
CA ASP E 177 -32.74 -44.25 13.92
C ASP E 177 -31.51 -45.11 13.70
N SER E 178 -30.43 -44.54 13.15
CA SER E 178 -29.14 -45.24 13.01
C SER E 178 -29.26 -46.49 12.12
N THR E 179 -30.17 -46.46 11.15
CA THR E 179 -30.43 -47.60 10.28
C THR E 179 -29.86 -47.36 8.88
N TYR E 180 -29.77 -48.45 8.12
CA TYR E 180 -29.37 -48.44 6.72
C TYR E 180 -30.54 -48.81 5.82
N SER E 181 -30.37 -48.53 4.53
CA SER E 181 -31.30 -48.98 3.51
C SER E 181 -30.51 -49.32 2.26
N LEU E 182 -30.88 -50.43 1.61
CA LEU E 182 -30.11 -51.00 0.51
C LEU E 182 -31.04 -51.34 -0.64
N SER E 183 -30.67 -50.90 -1.85
CA SER E 183 -31.39 -51.25 -3.06
C SER E 183 -30.48 -52.06 -3.98
N SER E 184 -30.97 -53.21 -4.43
CA SER E 184 -30.28 -54.02 -5.42
C SER E 184 -31.06 -54.01 -6.73
N THR E 185 -30.36 -53.75 -7.83
CA THR E 185 -30.99 -53.57 -9.14
C THR E 185 -30.50 -54.68 -10.07
N LEU E 186 -31.35 -55.66 -10.29
CA LEU E 186 -31.08 -56.72 -11.26
C LEU E 186 -31.38 -56.20 -12.66
N THR E 187 -30.36 -56.12 -13.50
CA THR E 187 -30.51 -55.64 -14.86
C THR E 187 -30.38 -56.81 -15.83
N LEU E 188 -31.38 -56.94 -16.71
CA LEU E 188 -31.40 -57.99 -17.72
C LEU E 188 -32.05 -57.44 -18.98
N SER E 189 -31.65 -58.00 -20.12
CA SER E 189 -32.30 -57.66 -21.38
C SER E 189 -33.76 -58.11 -21.36
N LYS E 190 -34.62 -57.35 -22.03
CA LYS E 190 -36.04 -57.69 -22.08
C LYS E 190 -36.27 -59.10 -22.59
N ALA E 191 -35.45 -59.55 -23.54
CA ALA E 191 -35.53 -60.93 -24.01
C ALA E 191 -35.36 -61.91 -22.86
N ASP E 192 -34.26 -61.77 -22.10
CA ASP E 192 -33.98 -62.71 -21.01
C ASP E 192 -35.04 -62.61 -19.91
N TYR E 193 -35.61 -61.43 -19.69
CA TYR E 193 -36.63 -61.29 -18.66
C TYR E 193 -37.83 -62.19 -18.94
N GLU E 194 -38.26 -62.26 -20.20
CA GLU E 194 -39.40 -63.06 -20.58
C GLU E 194 -39.09 -64.56 -20.57
N LYS E 195 -37.80 -64.93 -20.67
CA LYS E 195 -37.42 -66.34 -20.72
C LYS E 195 -37.63 -67.06 -19.39
N HIS E 196 -37.99 -66.34 -18.33
CA HIS E 196 -38.13 -66.91 -17.00
C HIS E 196 -39.35 -66.30 -16.33
N LYS E 197 -39.86 -66.99 -15.30
CA LYS E 197 -41.13 -66.62 -14.70
C LYS E 197 -41.02 -66.20 -13.24
N VAL E 198 -40.30 -66.96 -12.41
CA VAL E 198 -40.19 -66.65 -10.99
C VAL E 198 -38.92 -65.84 -10.76
N TYR E 199 -39.08 -64.58 -10.36
CA TYR E 199 -37.95 -63.71 -10.01
C TYR E 199 -38.00 -63.42 -8.52
N ALA E 200 -36.96 -63.85 -7.81
CA ALA E 200 -36.93 -63.80 -6.36
C ALA E 200 -35.73 -63.00 -5.87
N CYS E 201 -35.93 -62.31 -4.75
CA CYS E 201 -34.90 -61.57 -4.04
C CYS E 201 -34.75 -62.18 -2.65
N GLU E 202 -33.55 -62.69 -2.36
CA GLU E 202 -33.28 -63.43 -1.14
C GLU E 202 -32.31 -62.65 -0.27
N VAL E 203 -32.72 -62.36 0.96
CA VAL E 203 -31.96 -61.51 1.87
C VAL E 203 -31.52 -62.32 3.08
N THR E 204 -30.22 -62.34 3.33
CA THR E 204 -29.65 -62.91 4.55
C THR E 204 -29.21 -61.76 5.44
N HIS E 205 -29.71 -61.75 6.68
CA HIS E 205 -29.35 -60.70 7.60
C HIS E 205 -29.39 -61.24 9.03
N GLN E 206 -28.47 -60.74 9.86
CA GLN E 206 -28.38 -61.20 11.25
C GLN E 206 -29.72 -61.05 11.97
N GLY E 207 -30.43 -59.94 11.72
CA GLY E 207 -31.72 -59.70 12.35
C GLY E 207 -32.80 -60.67 11.92
N LEU E 208 -32.60 -61.36 10.79
CA LEU E 208 -33.55 -62.34 10.30
C LEU E 208 -33.10 -63.72 10.78
N SER E 209 -33.95 -64.38 11.57
CA SER E 209 -33.67 -65.75 12.01
C SER E 209 -33.54 -66.71 10.84
N SER E 210 -34.16 -66.39 9.71
CA SER E 210 -34.10 -67.21 8.51
C SER E 210 -34.13 -66.28 7.31
N PRO E 211 -33.46 -66.64 6.21
CA PRO E 211 -33.47 -65.77 5.03
C PRO E 211 -34.89 -65.50 4.51
N VAL E 212 -35.12 -64.26 4.11
CA VAL E 212 -36.40 -63.81 3.58
C VAL E 212 -36.33 -63.82 2.05
N THR E 213 -37.37 -64.36 1.41
CA THR E 213 -37.47 -64.37 -0.05
C THR E 213 -38.72 -63.59 -0.46
N LYS E 214 -38.53 -62.54 -1.24
CA LYS E 214 -39.62 -61.83 -1.90
C LYS E 214 -39.56 -62.11 -3.39
N SER E 215 -40.68 -62.52 -3.97
CA SER E 215 -40.71 -62.94 -5.37
C SER E 215 -41.99 -62.48 -6.05
N PHE E 216 -42.02 -62.65 -7.37
CA PHE E 216 -43.19 -62.31 -8.18
C PHE E 216 -43.15 -63.09 -9.48
N ASN E 217 -44.30 -63.12 -10.17
CA ASN E 217 -44.40 -63.71 -11.50
C ASN E 217 -44.79 -62.68 -12.57
N ARG E 218 -46.04 -62.72 -13.01
CA ARG E 218 -46.55 -61.81 -14.03
C ARG E 218 -47.86 -61.13 -13.67
N GLY E 219 -48.68 -61.72 -12.80
CA GLY E 219 -49.94 -61.12 -12.40
C GLY E 219 -49.80 -60.01 -11.39
N VAL F 2 -9.65 -21.56 6.66
CA VAL F 2 -9.12 -22.62 5.83
C VAL F 2 -7.76 -22.22 5.25
N GLN F 3 -6.78 -23.13 5.35
CA GLN F 3 -5.40 -22.85 4.98
C GLN F 3 -4.92 -23.58 3.73
N LEU F 4 -5.66 -24.56 3.22
CA LEU F 4 -5.37 -25.17 1.93
C LEU F 4 -6.66 -25.26 1.12
N VAL F 5 -6.60 -24.88 -0.15
CA VAL F 5 -7.79 -24.85 -1.00
C VAL F 5 -7.43 -25.38 -2.39
N GLU F 6 -8.03 -26.50 -2.77
CA GLU F 6 -7.82 -27.08 -4.09
C GLU F 6 -8.82 -26.50 -5.10
N SER F 7 -8.39 -26.44 -6.35
CA SER F 7 -9.24 -25.98 -7.44
C SER F 7 -8.80 -26.63 -8.75
N GLY F 8 -9.63 -26.46 -9.78
CA GLY F 8 -9.30 -26.89 -11.11
C GLY F 8 -9.91 -28.21 -11.54
N GLY F 9 -10.40 -29.01 -10.60
CA GLY F 9 -11.00 -30.27 -10.95
C GLY F 9 -12.27 -30.10 -11.75
N GLY F 10 -12.60 -31.15 -12.50
CA GLY F 10 -13.83 -31.14 -13.29
C GLY F 10 -13.92 -32.38 -14.16
N LEU F 11 -14.71 -32.26 -15.24
CA LEU F 11 -14.96 -33.37 -16.14
C LEU F 11 -13.99 -33.34 -17.31
N VAL F 12 -13.44 -34.51 -17.65
CA VAL F 12 -12.45 -34.62 -18.71
C VAL F 12 -12.55 -36.01 -19.35
N GLN F 13 -12.34 -36.08 -20.74
CA GLN F 13 -12.38 -37.39 -21.35
C GLN F 13 -11.01 -38.05 -21.32
N PRO F 14 -10.97 -39.38 -21.24
CA PRO F 14 -9.68 -40.07 -21.10
C PRO F 14 -8.71 -39.70 -22.21
N GLY F 15 -7.42 -39.71 -21.87
CA GLY F 15 -6.40 -39.20 -22.75
C GLY F 15 -6.19 -37.70 -22.70
N GLY F 16 -7.07 -36.96 -22.02
CA GLY F 16 -6.97 -35.52 -21.91
C GLY F 16 -6.09 -35.10 -20.74
N SER F 17 -6.22 -33.82 -20.37
CA SER F 17 -5.40 -33.25 -19.31
C SER F 17 -6.18 -32.19 -18.54
N LEU F 18 -5.73 -31.92 -17.32
CA LEU F 18 -6.09 -30.69 -16.62
C LEU F 18 -5.05 -30.41 -15.54
N ARG F 19 -5.11 -29.22 -14.98
CA ARG F 19 -4.20 -28.77 -13.92
C ARG F 19 -4.99 -28.49 -12.65
N LEU F 20 -4.45 -28.97 -11.53
CA LEU F 20 -5.01 -28.67 -10.22
C LEU F 20 -4.15 -27.62 -9.52
N SER F 21 -4.78 -26.87 -8.63
CA SER F 21 -4.09 -25.82 -7.90
C SER F 21 -4.51 -25.85 -6.44
N CYS F 22 -3.53 -25.74 -5.54
CA CYS F 22 -3.75 -25.78 -4.10
C CYS F 22 -3.12 -24.51 -3.53
N ALA F 23 -3.94 -23.63 -2.97
CA ALA F 23 -3.49 -22.31 -2.55
C ALA F 23 -3.43 -22.26 -1.02
N ALA F 24 -2.23 -22.11 -0.49
CA ALA F 24 -1.99 -22.02 0.95
C ALA F 24 -2.16 -20.58 1.42
N SER F 25 -2.64 -20.42 2.65
CA SER F 25 -2.80 -19.10 3.24
C SER F 25 -2.79 -19.23 4.75
N GLY F 26 -2.21 -18.24 5.42
CA GLY F 26 -2.19 -18.20 6.86
C GLY F 26 -0.88 -18.66 7.48
N PHE F 27 -0.07 -19.41 6.74
CA PHE F 27 1.22 -19.86 7.24
C PHE F 27 2.27 -19.68 6.15
N THR F 28 3.51 -20.02 6.48
CA THR F 28 4.63 -19.86 5.55
C THR F 28 4.71 -21.09 4.65
N PHE F 29 4.06 -20.98 3.49
CA PHE F 29 4.05 -22.07 2.51
C PHE F 29 5.46 -22.54 2.15
N SER F 30 6.42 -21.61 2.07
CA SER F 30 7.76 -21.96 1.65
C SER F 30 8.49 -22.87 2.64
N SER F 31 7.98 -23.06 3.85
CA SER F 31 8.69 -23.80 4.89
C SER F 31 8.36 -25.27 4.95
N TYR F 32 7.27 -25.72 4.32
CA TYR F 32 6.83 -27.11 4.41
C TYR F 32 6.86 -27.75 3.03
N SER F 33 6.96 -29.08 3.02
CA SER F 33 6.77 -29.84 1.80
C SER F 33 5.30 -30.15 1.60
N MET F 34 4.95 -30.58 0.39
CA MET F 34 3.55 -30.76 0.00
C MET F 34 3.32 -32.16 -0.56
N ASN F 35 2.07 -32.62 -0.44
CA ASN F 35 1.63 -33.92 -0.92
C ASN F 35 0.30 -33.78 -1.65
N TRP F 36 0.11 -34.60 -2.69
CA TRP F 36 -1.19 -34.81 -3.29
C TRP F 36 -1.70 -36.19 -2.94
N VAL F 37 -2.94 -36.27 -2.46
CA VAL F 37 -3.54 -37.54 -2.04
C VAL F 37 -4.97 -37.58 -2.56
N ARG F 38 -5.33 -38.66 -3.27
CA ARG F 38 -6.63 -38.78 -3.91
C ARG F 38 -7.41 -39.93 -3.31
N GLN F 39 -8.73 -39.86 -3.48
CA GLN F 39 -9.64 -40.87 -2.95
C GLN F 39 -10.67 -41.20 -4.03
N ALA F 40 -10.54 -42.39 -4.62
CA ALA F 40 -11.51 -42.82 -5.62
C ALA F 40 -12.90 -42.92 -4.98
N PRO F 41 -13.98 -42.72 -5.76
CA PRO F 41 -15.33 -42.78 -5.18
C PRO F 41 -15.58 -44.09 -4.46
N GLY F 42 -15.89 -44.00 -3.17
CA GLY F 42 -16.15 -45.15 -2.32
C GLY F 42 -14.92 -45.78 -1.71
N LYS F 43 -13.82 -45.82 -2.47
CA LYS F 43 -12.62 -46.52 -2.03
C LYS F 43 -11.80 -45.63 -1.10
N GLY F 44 -10.60 -46.07 -0.73
CA GLY F 44 -9.81 -45.41 0.29
C GLY F 44 -8.80 -44.44 -0.26
N LEU F 45 -7.88 -44.04 0.63
CA LEU F 45 -6.89 -43.02 0.29
C LEU F 45 -5.69 -43.63 -0.42
N GLU F 46 -5.20 -42.92 -1.43
CA GLU F 46 -4.03 -43.31 -2.19
C GLU F 46 -3.14 -42.10 -2.38
N TRP F 47 -1.89 -42.19 -1.93
CA TRP F 47 -0.92 -41.12 -2.14
C TRP F 47 -0.55 -41.00 -3.62
N VAL F 48 -0.33 -39.76 -4.07
CA VAL F 48 -0.07 -39.46 -5.48
C VAL F 48 1.36 -39.00 -5.70
N SER F 49 1.76 -37.90 -5.07
CA SER F 49 3.11 -37.36 -5.29
C SER F 49 3.54 -36.52 -4.10
N TYR F 50 4.82 -36.18 -4.10
CA TYR F 50 5.48 -35.43 -3.03
C TYR F 50 6.46 -34.44 -3.65
N ILE F 51 6.46 -33.21 -3.12
CA ILE F 51 7.41 -32.18 -3.54
C ILE F 51 8.03 -31.55 -2.30
N SER F 52 9.34 -31.34 -2.35
CA SER F 52 10.06 -30.76 -1.23
C SER F 52 9.82 -29.25 -1.15
N SER F 53 10.33 -28.65 -0.07
CA SER F 53 10.16 -27.21 0.15
C SER F 53 10.76 -26.40 -1.00
N SER F 54 12.04 -26.61 -1.28
CA SER F 54 12.72 -25.91 -2.36
C SER F 54 12.41 -26.49 -3.74
N SER F 55 11.41 -27.37 -3.85
CA SER F 55 10.98 -27.95 -5.12
C SER F 55 12.08 -28.78 -5.76
N SER F 56 13.00 -29.32 -4.96
CA SER F 56 14.19 -29.97 -5.48
C SER F 56 14.14 -31.49 -5.43
N THR F 57 13.27 -32.08 -4.62
CA THR F 57 13.14 -33.53 -4.53
C THR F 57 11.68 -33.90 -4.73
N ILE F 58 11.40 -34.64 -5.80
CA ILE F 58 10.03 -34.96 -6.21
C ILE F 58 9.91 -36.46 -6.35
N TYR F 59 8.84 -37.03 -5.79
CA TYR F 59 8.53 -38.46 -5.92
C TYR F 59 7.06 -38.62 -6.27
N TYR F 60 6.78 -39.46 -7.27
CA TYR F 60 5.43 -39.88 -7.63
C TYR F 60 5.21 -41.33 -7.23
N ALA F 61 3.98 -41.79 -7.43
CA ALA F 61 3.64 -43.20 -7.26
C ALA F 61 3.74 -43.94 -8.59
N ASP F 62 3.83 -45.28 -8.50
CA ASP F 62 3.99 -46.08 -9.71
C ASP F 62 2.81 -45.95 -10.65
N SER F 63 1.62 -45.71 -10.12
CA SER F 63 0.43 -45.66 -10.96
C SER F 63 0.40 -44.43 -11.84
N VAL F 64 1.08 -43.36 -11.44
CA VAL F 64 1.06 -42.07 -12.14
C VAL F 64 2.39 -41.74 -12.80
N LYS F 65 3.41 -42.58 -12.63
CA LYS F 65 4.73 -42.32 -13.20
C LYS F 65 4.62 -41.97 -14.68
N GLY F 66 5.41 -40.97 -15.10
CA GLY F 66 5.41 -40.57 -16.50
C GLY F 66 4.15 -39.90 -16.98
N ARG F 67 3.17 -39.66 -16.12
CA ARG F 67 1.89 -39.08 -16.50
C ARG F 67 1.55 -37.82 -15.71
N PHE F 68 1.80 -37.83 -14.40
CA PHE F 68 1.60 -36.67 -13.57
C PHE F 68 2.93 -35.98 -13.30
N THR F 69 2.90 -34.64 -13.23
CA THR F 69 4.06 -33.86 -12.82
C THR F 69 3.60 -32.83 -11.79
N ILE F 70 4.22 -32.87 -10.61
CA ILE F 70 3.86 -31.97 -9.51
C ILE F 70 4.87 -30.83 -9.48
N SER F 71 4.38 -29.64 -9.15
CA SER F 71 5.22 -28.45 -9.12
C SER F 71 4.65 -27.46 -8.10
N ARG F 72 5.48 -26.52 -7.68
CA ARG F 72 5.07 -25.52 -6.71
C ARG F 72 5.69 -24.17 -7.08
N ASP F 73 5.00 -23.10 -6.69
CA ASP F 73 5.44 -21.72 -6.91
C ASP F 73 5.34 -21.02 -5.56
N ASN F 74 6.46 -21.00 -4.83
CA ASN F 74 6.44 -20.46 -3.47
C ASN F 74 6.09 -18.98 -3.46
N ALA F 75 6.45 -18.24 -4.53
CA ALA F 75 6.12 -16.83 -4.60
C ALA F 75 4.62 -16.60 -4.65
N LYS F 76 3.86 -17.57 -5.17
CA LYS F 76 2.41 -17.44 -5.27
C LYS F 76 1.68 -18.31 -4.25
N ASN F 77 2.40 -18.87 -3.28
CA ASN F 77 1.83 -19.68 -2.22
C ASN F 77 0.83 -20.70 -2.77
N SER F 78 1.26 -21.44 -3.79
CA SER F 78 0.34 -22.36 -4.45
C SER F 78 1.07 -23.63 -4.88
N LEU F 79 0.32 -24.73 -4.90
CA LEU F 79 0.81 -26.05 -5.31
C LEU F 79 0.02 -26.52 -6.52
N TYR F 80 0.73 -27.05 -7.51
CA TYR F 80 0.16 -27.40 -8.79
C TYR F 80 0.30 -28.90 -9.04
N LEU F 81 -0.64 -29.47 -9.80
CA LEU F 81 -0.56 -30.86 -10.22
C LEU F 81 -1.02 -30.97 -11.67
N GLN F 82 -0.07 -31.23 -12.57
CA GLN F 82 -0.36 -31.38 -13.99
C GLN F 82 -0.65 -32.85 -14.26
N MET F 83 -1.88 -33.14 -14.67
CA MET F 83 -2.35 -34.51 -14.89
C MET F 83 -2.51 -34.73 -16.38
N ASN F 84 -1.57 -35.45 -16.99
CA ASN F 84 -1.63 -35.77 -18.41
C ASN F 84 -1.99 -37.24 -18.61
N SER F 85 -2.52 -37.54 -19.80
CA SER F 85 -2.83 -38.91 -20.24
C SER F 85 -3.74 -39.63 -19.25
N LEU F 86 -4.84 -38.96 -18.89
CA LEU F 86 -5.72 -39.46 -17.85
C LEU F 86 -6.42 -40.75 -18.26
N ARG F 87 -6.63 -41.62 -17.27
CA ARG F 87 -7.44 -42.83 -17.43
C ARG F 87 -8.73 -42.66 -16.64
N ALA F 88 -9.70 -43.53 -16.95
CA ALA F 88 -10.96 -43.48 -16.22
C ALA F 88 -10.75 -43.74 -14.73
N GLU F 89 -9.79 -44.59 -14.37
CA GLU F 89 -9.56 -44.94 -12.98
C GLU F 89 -8.93 -43.80 -12.18
N ASP F 90 -8.54 -42.70 -12.82
CA ASP F 90 -8.05 -41.53 -12.12
C ASP F 90 -9.17 -40.68 -11.53
N THR F 91 -10.43 -41.02 -11.80
CA THR F 91 -11.55 -40.33 -11.20
C THR F 91 -11.48 -40.46 -9.68
N ALA F 92 -11.43 -39.33 -8.98
CA ALA F 92 -11.26 -39.31 -7.54
C ALA F 92 -11.39 -37.87 -7.05
N VAL F 93 -11.53 -37.73 -5.74
CA VAL F 93 -11.40 -36.44 -5.08
C VAL F 93 -9.92 -36.24 -4.73
N TYR F 94 -9.33 -35.15 -5.23
CA TYR F 94 -7.91 -34.90 -5.05
C TYR F 94 -7.72 -33.89 -3.93
N TYR F 95 -7.02 -34.32 -2.88
CA TYR F 95 -6.69 -33.50 -1.73
C TYR F 95 -5.22 -33.10 -1.80
N CYS F 96 -4.91 -31.89 -1.33
CA CYS F 96 -3.54 -31.52 -1.04
C CYS F 96 -3.34 -31.51 0.47
N ALA F 97 -2.19 -32.03 0.91
CA ALA F 97 -1.85 -32.10 2.33
C ALA F 97 -0.38 -31.78 2.51
N SER F 98 -0.04 -31.31 3.70
CA SER F 98 1.30 -30.84 4.02
C SER F 98 1.91 -31.68 5.14
N PRO F 99 2.88 -32.54 4.87
CA PRO F 99 3.54 -33.24 5.97
C PRO F 99 4.46 -32.31 6.75
N GLY F 100 4.50 -32.52 8.06
CA GLY F 100 5.43 -31.76 8.89
C GLY F 100 6.85 -32.23 8.73
N GLY F 101 7.78 -31.32 8.94
CA GLY F 101 9.20 -31.61 8.87
C GLY F 101 9.85 -30.90 7.69
N ILE F 102 11.19 -31.02 7.66
CA ILE F 102 12.01 -30.34 6.67
C ILE F 102 13.10 -31.28 6.17
N THR F 103 13.54 -31.04 4.94
CA THR F 103 14.66 -31.75 4.34
C THR F 103 15.91 -30.88 4.43
N ALA F 104 17.06 -31.51 4.66
CA ALA F 104 18.33 -30.80 4.68
C ALA F 104 19.12 -31.14 3.42
N ALA F 105 20.10 -30.27 3.11
CA ALA F 105 20.94 -30.40 1.93
C ALA F 105 20.11 -30.67 0.68
N GLY F 106 20.64 -31.48 -0.23
CA GLY F 106 19.92 -31.88 -1.42
C GLY F 106 19.17 -33.18 -1.22
N THR F 107 19.59 -33.95 -0.22
CA THR F 107 19.07 -35.29 0.02
C THR F 107 17.70 -35.24 0.71
N SER F 108 16.71 -35.90 0.12
CA SER F 108 15.34 -35.88 0.61
C SER F 108 15.19 -36.84 1.78
N VAL F 109 14.91 -36.29 2.96
CA VAL F 109 14.61 -37.07 4.16
C VAL F 109 13.97 -36.12 5.17
N LEU F 110 12.80 -36.50 5.69
CA LEU F 110 12.02 -35.62 6.55
C LEU F 110 12.50 -35.75 7.99
N PHE F 111 13.08 -34.67 8.51
CA PHE F 111 13.45 -34.61 9.91
C PHE F 111 12.31 -34.04 10.74
N GLY F 112 12.15 -34.58 11.95
CA GLY F 112 11.06 -34.18 12.82
C GLY F 112 9.71 -34.24 12.16
N TYR F 113 9.40 -35.41 11.61
CA TYR F 113 8.09 -35.64 11.00
C TYR F 113 7.00 -35.64 12.07
N TYR F 114 5.83 -35.11 11.71
CA TYR F 114 4.69 -35.11 12.63
C TYR F 114 3.36 -35.22 11.91
N GLY F 115 3.33 -35.88 10.75
CA GLY F 115 2.09 -36.18 10.06
C GLY F 115 1.61 -35.07 9.15
N MET F 116 0.52 -35.38 8.45
CA MET F 116 -0.13 -34.41 7.56
C MET F 116 -1.19 -33.68 8.37
N ASP F 117 -0.74 -32.66 9.09
CA ASP F 117 -1.59 -31.92 10.02
C ASP F 117 -2.47 -30.89 9.33
N VAL F 118 -2.27 -30.64 8.03
CA VAL F 118 -3.11 -29.70 7.30
C VAL F 118 -3.59 -30.37 6.00
N TRP F 119 -4.90 -30.48 5.85
CA TRP F 119 -5.50 -31.02 4.63
C TRP F 119 -6.42 -30.00 4.00
N GLY F 120 -6.49 -30.03 2.68
CA GLY F 120 -7.39 -29.19 1.94
C GLY F 120 -8.81 -29.71 1.95
N GLN F 121 -9.70 -28.92 1.34
CA GLN F 121 -11.10 -29.32 1.19
C GLN F 121 -11.28 -30.36 0.09
N GLY F 122 -10.37 -30.42 -0.87
CA GLY F 122 -10.45 -31.37 -1.97
C GLY F 122 -11.16 -30.80 -3.18
N THR F 123 -10.72 -31.24 -4.36
CA THR F 123 -11.39 -30.93 -5.61
C THR F 123 -11.68 -32.22 -6.35
N THR F 124 -12.81 -32.27 -7.05
CA THR F 124 -13.33 -33.49 -7.66
C THR F 124 -12.97 -33.53 -9.14
N VAL F 125 -12.44 -34.68 -9.58
CA VAL F 125 -12.05 -34.90 -10.98
C VAL F 125 -12.79 -36.12 -11.50
N THR F 126 -13.54 -35.95 -12.58
CA THR F 126 -14.30 -37.03 -13.20
C THR F 126 -13.78 -37.28 -14.61
N VAL F 127 -13.20 -38.45 -14.83
CA VAL F 127 -12.64 -38.83 -16.13
C VAL F 127 -13.58 -39.84 -16.77
N SER F 128 -14.25 -39.44 -17.84
CA SER F 128 -15.20 -40.33 -18.49
C SER F 128 -15.44 -39.88 -19.92
N SER F 129 -15.41 -40.84 -20.85
CA SER F 129 -15.76 -40.58 -22.23
C SER F 129 -17.27 -40.57 -22.45
N ALA F 130 -18.06 -40.87 -21.43
CA ALA F 130 -19.51 -40.93 -21.54
C ALA F 130 -20.07 -39.61 -22.06
N SER F 131 -21.25 -39.70 -22.69
CA SER F 131 -21.92 -38.56 -23.28
C SER F 131 -22.95 -37.99 -22.31
N THR F 132 -23.07 -36.67 -22.28
CA THR F 132 -24.12 -36.03 -21.49
C THR F 132 -25.48 -36.53 -21.93
N LYS F 133 -26.28 -37.05 -20.99
CA LYS F 133 -27.59 -37.57 -21.31
C LYS F 133 -28.56 -37.30 -20.17
N GLY F 134 -29.81 -36.97 -20.53
CA GLY F 134 -30.88 -36.86 -19.56
C GLY F 134 -31.31 -38.23 -19.08
N PRO F 135 -31.87 -38.29 -17.88
CA PRO F 135 -32.25 -39.58 -17.29
C PRO F 135 -33.55 -40.13 -17.87
N SER F 136 -33.72 -41.44 -17.70
CA SER F 136 -34.99 -42.12 -17.98
C SER F 136 -35.57 -42.56 -16.64
N VAL F 137 -36.65 -41.89 -16.23
CA VAL F 137 -37.26 -42.16 -14.92
C VAL F 137 -38.40 -43.15 -15.12
N PHE F 138 -38.32 -44.26 -14.40
CA PHE F 138 -39.34 -45.31 -14.39
C PHE F 138 -39.85 -45.50 -12.96
N PRO F 139 -41.13 -45.86 -12.80
CA PRO F 139 -41.69 -46.00 -11.46
C PRO F 139 -41.49 -47.40 -10.89
N LEU F 140 -41.25 -47.45 -9.58
CA LEU F 140 -41.29 -48.69 -8.81
C LEU F 140 -42.67 -48.74 -8.19
N ALA F 141 -43.61 -49.38 -8.91
CA ALA F 141 -45.00 -49.32 -8.50
C ALA F 141 -45.24 -50.20 -7.27
N PRO F 142 -46.09 -49.75 -6.34
CA PRO F 142 -46.35 -50.54 -5.13
C PRO F 142 -47.30 -51.71 -5.36
N SER F 143 -47.08 -52.77 -4.59
CA SER F 143 -47.91 -53.95 -4.59
C SER F 143 -48.69 -53.99 -3.27
N SER F 144 -49.02 -55.18 -2.79
CA SER F 144 -49.58 -55.34 -1.46
C SER F 144 -48.59 -56.09 -0.58
N GLY F 150 -48.51 -52.93 7.50
CA GLY F 150 -49.22 -51.71 7.81
C GLY F 150 -48.74 -50.50 7.04
N THR F 151 -47.65 -50.68 6.29
CA THR F 151 -47.10 -49.62 5.46
C THR F 151 -46.73 -50.20 4.09
N ALA F 152 -46.51 -49.30 3.14
CA ALA F 152 -46.30 -49.69 1.76
C ALA F 152 -45.17 -48.85 1.17
N ALA F 153 -44.29 -49.50 0.42
CA ALA F 153 -43.16 -48.84 -0.21
C ALA F 153 -43.45 -48.54 -1.68
N LEU F 154 -42.85 -47.44 -2.16
CA LEU F 154 -42.96 -47.03 -3.56
C LEU F 154 -41.81 -46.11 -3.89
N GLY F 155 -41.51 -45.96 -5.17
CA GLY F 155 -40.37 -45.13 -5.54
C GLY F 155 -40.23 -44.95 -7.04
N CYS F 156 -39.18 -44.21 -7.41
CA CYS F 156 -38.82 -43.89 -8.78
C CYS F 156 -37.44 -44.42 -9.11
N LEU F 157 -37.30 -44.99 -10.32
CA LEU F 157 -36.01 -45.48 -10.81
C LEU F 157 -35.47 -44.46 -11.81
N VAL F 158 -34.43 -43.74 -11.42
CA VAL F 158 -33.75 -42.80 -12.30
C VAL F 158 -32.59 -43.54 -12.96
N LYS F 159 -32.73 -43.82 -14.25
CA LYS F 159 -31.85 -44.76 -14.95
C LYS F 159 -31.14 -44.07 -16.11
N ASP F 160 -29.87 -44.42 -16.29
CA ASP F 160 -29.07 -44.01 -17.44
C ASP F 160 -29.02 -42.50 -17.65
N TYR F 161 -28.06 -41.84 -17.00
CA TYR F 161 -27.89 -40.40 -17.14
C TYR F 161 -26.44 -40.04 -16.89
N PHE F 162 -26.03 -38.85 -17.37
CA PHE F 162 -24.66 -38.41 -17.23
C PHE F 162 -24.60 -36.91 -17.47
N PRO F 163 -23.81 -36.16 -16.69
CA PRO F 163 -23.09 -36.65 -15.53
C PRO F 163 -23.87 -36.48 -14.23
N GLU F 164 -23.18 -36.68 -13.11
CA GLU F 164 -23.76 -36.38 -11.82
C GLU F 164 -23.89 -34.86 -11.65
N PRO F 165 -24.82 -34.40 -10.79
CA PRO F 165 -25.76 -35.21 -10.03
C PRO F 165 -27.19 -35.01 -10.50
N VAL F 166 -28.13 -35.68 -9.81
CA VAL F 166 -29.56 -35.40 -9.90
C VAL F 166 -30.08 -35.18 -8.50
N THR F 167 -31.12 -34.35 -8.38
CA THR F 167 -31.82 -34.15 -7.12
C THR F 167 -33.25 -34.68 -7.26
N VAL F 168 -33.72 -35.35 -6.21
CA VAL F 168 -35.04 -35.97 -6.22
C VAL F 168 -35.77 -35.58 -4.94
N SER F 169 -36.86 -34.83 -5.08
CA SER F 169 -37.77 -34.55 -3.98
C SER F 169 -39.12 -35.18 -4.30
N TRP F 170 -39.95 -35.31 -3.27
CA TRP F 170 -41.28 -35.87 -3.41
C TRP F 170 -42.32 -34.84 -2.99
N ASN F 171 -43.39 -34.75 -3.79
CA ASN F 171 -44.43 -33.74 -3.59
C ASN F 171 -43.83 -32.34 -3.53
N SER F 172 -42.84 -32.11 -4.40
CA SER F 172 -42.16 -30.82 -4.51
C SER F 172 -41.57 -30.39 -3.17
N GLY F 173 -41.06 -31.35 -2.41
CA GLY F 173 -40.44 -31.09 -1.13
C GLY F 173 -41.37 -31.18 0.06
N ALA F 174 -42.68 -31.35 -0.16
CA ALA F 174 -43.60 -31.48 0.96
C ALA F 174 -43.44 -32.82 1.66
N LEU F 175 -43.03 -33.85 0.93
CA LEU F 175 -42.81 -35.18 1.50
C LEU F 175 -41.32 -35.38 1.74
N THR F 176 -40.93 -35.43 3.02
CA THR F 176 -39.54 -35.65 3.41
C THR F 176 -39.39 -36.85 4.33
N SER F 177 -40.24 -36.96 5.36
CA SER F 177 -40.15 -38.09 6.28
C SER F 177 -40.29 -39.40 5.52
N GLY F 178 -39.45 -40.37 5.88
CA GLY F 178 -39.51 -41.67 5.26
C GLY F 178 -38.98 -41.74 3.84
N VAL F 179 -38.25 -40.74 3.38
CA VAL F 179 -37.66 -40.77 2.05
C VAL F 179 -36.29 -41.44 2.14
N HIS F 180 -35.89 -42.10 1.05
CA HIS F 180 -34.56 -42.71 0.96
C HIS F 180 -34.11 -42.62 -0.50
N THR F 181 -33.40 -41.53 -0.81
CA THR F 181 -32.73 -41.40 -2.10
C THR F 181 -31.36 -42.07 -2.00
N PHE F 182 -31.10 -43.02 -2.89
CA PHE F 182 -29.91 -43.84 -2.80
C PHE F 182 -28.76 -43.24 -3.58
N PRO F 183 -27.53 -43.54 -3.18
CA PRO F 183 -26.37 -43.19 -4.00
C PRO F 183 -26.45 -43.83 -5.38
N ALA F 184 -26.15 -43.04 -6.40
CA ALA F 184 -26.09 -43.54 -7.76
C ALA F 184 -25.03 -44.63 -7.89
N VAL F 185 -25.16 -45.42 -8.94
CA VAL F 185 -24.18 -46.46 -9.27
C VAL F 185 -23.70 -46.24 -10.70
N LEU F 186 -22.42 -46.52 -10.93
CA LEU F 186 -21.85 -46.41 -12.26
C LEU F 186 -21.98 -47.75 -12.97
N GLN F 187 -22.87 -47.81 -13.95
CA GLN F 187 -23.11 -49.05 -14.70
C GLN F 187 -21.95 -49.35 -15.64
N SER F 188 -21.96 -50.57 -16.19
CA SER F 188 -20.96 -50.96 -17.17
C SER F 188 -20.91 -49.99 -18.35
N SER F 189 -22.07 -49.47 -18.75
CA SER F 189 -22.15 -48.56 -19.89
C SER F 189 -21.38 -47.26 -19.65
N GLY F 190 -21.11 -46.90 -18.40
CA GLY F 190 -20.59 -45.59 -18.09
C GLY F 190 -21.65 -44.54 -17.79
N LEU F 191 -22.89 -44.96 -17.58
CA LEU F 191 -23.98 -44.08 -17.18
C LEU F 191 -24.34 -44.33 -15.72
N TYR F 192 -24.98 -43.34 -15.10
CA TYR F 192 -25.37 -43.45 -13.70
C TYR F 192 -26.84 -43.87 -13.59
N SER F 193 -27.18 -44.43 -12.43
CA SER F 193 -28.55 -44.88 -12.16
C SER F 193 -28.75 -44.96 -10.66
N LEU F 194 -29.79 -44.30 -10.16
CA LEU F 194 -30.15 -44.39 -8.75
C LEU F 194 -31.62 -44.71 -8.60
N SER F 195 -32.04 -44.87 -7.35
CA SER F 195 -33.43 -45.10 -7.00
C SER F 195 -33.77 -44.26 -5.78
N SER F 196 -34.98 -43.71 -5.77
CA SER F 196 -35.50 -42.97 -4.61
C SER F 196 -36.83 -43.59 -4.21
N VAL F 197 -36.94 -44.00 -2.95
CA VAL F 197 -38.14 -44.66 -2.44
C VAL F 197 -38.63 -43.90 -1.21
N VAL F 198 -39.83 -44.26 -0.77
CA VAL F 198 -40.46 -43.62 0.38
C VAL F 198 -41.56 -44.55 0.88
N THR F 199 -41.61 -44.72 2.20
CA THR F 199 -42.60 -45.58 2.84
C THR F 199 -43.74 -44.72 3.38
N VAL F 200 -44.93 -44.91 2.80
CA VAL F 200 -46.11 -44.19 3.24
C VAL F 200 -47.03 -45.19 3.94
N PRO F 201 -47.97 -44.73 4.77
CA PRO F 201 -48.96 -45.66 5.33
C PRO F 201 -49.78 -46.27 4.21
N SER F 202 -50.03 -47.57 4.32
CA SER F 202 -50.80 -48.28 3.30
C SER F 202 -52.26 -47.84 3.26
N SER F 203 -52.70 -47.03 4.20
CA SER F 203 -54.08 -46.53 4.25
C SER F 203 -54.28 -45.29 3.40
N SER F 204 -53.28 -44.92 2.59
CA SER F 204 -53.34 -43.72 1.77
C SER F 204 -52.73 -43.99 0.40
N LEU F 205 -52.88 -45.21 -0.12
CA LEU F 205 -52.39 -45.53 -1.45
C LEU F 205 -53.37 -45.05 -2.51
N GLY F 206 -54.66 -45.07 -2.20
CA GLY F 206 -55.68 -44.64 -3.13
C GLY F 206 -56.09 -43.20 -2.93
N THR F 207 -55.90 -42.68 -1.73
CA THR F 207 -56.34 -41.33 -1.38
C THR F 207 -55.30 -40.25 -1.62
N GLN F 208 -54.04 -40.61 -1.88
CA GLN F 208 -52.97 -39.64 -1.99
C GLN F 208 -52.16 -39.86 -3.27
N THR F 209 -51.88 -38.77 -3.98
CA THR F 209 -51.06 -38.81 -5.19
C THR F 209 -49.59 -38.63 -4.81
N TYR F 210 -48.73 -39.47 -5.36
CA TYR F 210 -47.29 -39.41 -5.12
C TYR F 210 -46.57 -39.32 -6.44
N ILE F 211 -45.80 -38.24 -6.63
CA ILE F 211 -45.05 -37.99 -7.85
C ILE F 211 -43.67 -37.47 -7.45
N CYS F 212 -42.62 -38.22 -7.80
CA CYS F 212 -41.26 -37.77 -7.58
C CYS F 212 -40.87 -36.68 -8.57
N ASN F 213 -40.06 -35.74 -8.10
CA ASN F 213 -39.54 -34.64 -8.92
C ASN F 213 -38.04 -34.87 -9.13
N VAL F 214 -37.66 -35.10 -10.38
CA VAL F 214 -36.27 -35.37 -10.76
C VAL F 214 -35.73 -34.14 -11.49
N ASN F 215 -34.54 -33.68 -11.08
CA ASN F 215 -33.90 -32.51 -11.66
C ASN F 215 -32.51 -32.90 -12.13
N HIS F 216 -32.24 -32.70 -13.42
CA HIS F 216 -30.92 -32.97 -14.01
C HIS F 216 -30.49 -31.73 -14.79
N LYS F 217 -29.84 -30.80 -14.10
CA LYS F 217 -29.38 -29.57 -14.75
C LYS F 217 -28.43 -29.78 -15.93
N PRO F 218 -27.47 -30.72 -15.90
CA PRO F 218 -26.54 -30.85 -17.03
C PRO F 218 -27.20 -31.06 -18.39
N SER F 219 -28.47 -31.44 -18.44
CA SER F 219 -29.20 -31.56 -19.68
C SER F 219 -30.46 -30.69 -19.70
N ASN F 220 -30.66 -29.86 -18.67
CA ASN F 220 -31.84 -29.01 -18.52
C ASN F 220 -33.12 -29.83 -18.40
N THR F 221 -32.98 -31.11 -18.05
CA THR F 221 -34.09 -32.04 -18.05
C THR F 221 -34.70 -32.10 -16.65
N LYS F 222 -35.92 -31.59 -16.50
CA LYS F 222 -36.76 -31.84 -15.34
C LYS F 222 -37.93 -32.72 -15.78
N VAL F 223 -38.11 -33.84 -15.08
CA VAL F 223 -39.17 -34.80 -15.41
C VAL F 223 -39.85 -35.24 -14.11
N ASP F 224 -41.17 -35.15 -14.08
CA ASP F 224 -41.98 -35.65 -12.99
C ASP F 224 -42.82 -36.81 -13.52
N LYS F 225 -42.80 -37.94 -12.81
CA LYS F 225 -43.41 -39.17 -13.28
C LYS F 225 -44.48 -39.62 -12.30
N ARG F 226 -45.65 -40.01 -12.83
CA ARG F 226 -46.72 -40.57 -12.00
C ARG F 226 -46.29 -41.90 -11.41
N VAL F 227 -46.75 -42.18 -10.19
CA VAL F 227 -46.51 -43.45 -9.53
C VAL F 227 -47.87 -44.05 -9.19
N GLU F 228 -48.32 -45.02 -9.98
CA GLU F 228 -49.60 -45.67 -9.83
C GLU F 228 -49.42 -47.18 -9.75
N PRO F 229 -50.31 -47.89 -9.01
CA PRO F 229 -50.26 -49.35 -8.96
C PRO F 229 -50.47 -50.01 -10.31
N HIS G 6 -18.32 26.86 -6.25
CA HIS G 6 -17.59 26.77 -4.99
C HIS G 6 -17.47 25.32 -4.51
N HIS G 7 -16.31 24.71 -4.79
CA HIS G 7 -16.05 23.34 -4.36
C HIS G 7 -15.95 23.25 -2.86
N HIS G 8 -16.72 22.34 -2.27
CA HIS G 8 -16.76 22.15 -0.83
C HIS G 8 -16.97 20.67 -0.53
N HIS G 9 -16.54 20.26 0.67
CA HIS G 9 -16.71 18.86 1.06
C HIS G 9 -18.17 18.48 1.27
N THR G 10 -19.08 19.46 1.31
CA THR G 10 -20.50 19.19 1.47
C THR G 10 -21.23 19.02 0.16
N ASN G 11 -20.62 19.42 -0.96
CA ASN G 11 -21.17 19.16 -2.29
C ASN G 11 -21.60 17.71 -2.44
N LEU G 12 -22.80 17.49 -2.96
CA LEU G 12 -23.29 16.14 -3.21
C LEU G 12 -22.48 15.46 -4.31
N CYS G 13 -22.22 14.17 -4.13
CA CYS G 13 -21.43 13.41 -5.10
C CYS G 13 -22.19 13.39 -6.42
N PRO G 14 -21.60 13.85 -7.52
CA PRO G 14 -22.35 13.96 -8.78
C PRO G 14 -22.60 12.60 -9.43
N PHE G 15 -23.45 11.79 -8.79
CA PHE G 15 -23.78 10.47 -9.35
C PHE G 15 -24.53 10.61 -10.67
N GLY G 16 -25.41 11.61 -10.77
CA GLY G 16 -26.16 11.80 -12.00
C GLY G 16 -25.28 11.91 -13.23
N GLU G 17 -24.24 12.75 -13.16
CA GLU G 17 -23.40 13.02 -14.32
C GLU G 17 -22.35 11.94 -14.54
N VAL G 18 -21.71 11.47 -13.47
CA VAL G 18 -20.65 10.47 -13.63
C VAL G 18 -21.21 9.18 -14.24
N PHE G 19 -22.44 8.82 -13.87
CA PHE G 19 -23.04 7.60 -14.42
C PHE G 19 -23.38 7.81 -15.90
N ASN G 20 -23.78 9.03 -16.26
CA ASN G 20 -24.18 9.40 -17.61
C ASN G 20 -23.00 9.76 -18.52
N ALA G 21 -21.77 9.43 -18.12
CA ALA G 21 -20.58 9.83 -18.88
C ALA G 21 -20.60 9.24 -20.29
N THR G 22 -19.85 9.90 -21.19
CA THR G 22 -19.84 9.48 -22.58
C THR G 22 -19.24 8.09 -22.76
N ARG G 23 -18.21 7.74 -21.97
CA ARG G 23 -17.53 6.47 -22.11
C ARG G 23 -17.26 5.87 -20.73
N PHE G 24 -17.34 4.54 -20.66
CA PHE G 24 -16.93 3.74 -19.52
C PHE G 24 -15.66 2.96 -19.88
N ALA G 25 -15.13 2.24 -18.90
CA ALA G 25 -13.95 1.42 -19.09
C ALA G 25 -14.31 0.02 -19.57
N SER G 26 -13.43 -0.56 -20.38
CA SER G 26 -13.53 -1.97 -20.71
C SER G 26 -13.46 -2.81 -19.44
N VAL G 27 -14.18 -3.94 -19.44
CA VAL G 27 -14.27 -4.76 -18.23
C VAL G 27 -12.89 -5.27 -17.81
N TYR G 28 -12.05 -5.61 -18.78
CA TYR G 28 -10.73 -6.14 -18.45
C TYR G 28 -9.87 -5.08 -17.76
N ALA G 29 -10.08 -3.82 -18.10
CA ALA G 29 -9.40 -2.71 -17.44
C ALA G 29 -10.40 -1.87 -16.65
N TRP G 30 -11.23 -2.53 -15.84
CA TRP G 30 -12.28 -1.88 -15.08
C TRP G 30 -11.74 -0.70 -14.28
N ASN G 31 -12.47 0.42 -14.32
CA ASN G 31 -12.04 1.67 -13.70
C ASN G 31 -12.50 1.72 -12.25
N ARG G 32 -11.66 2.27 -11.38
CA ARG G 32 -11.94 2.32 -9.95
C ARG G 32 -11.74 3.73 -9.44
N LYS G 33 -12.78 4.29 -8.83
CA LYS G 33 -12.75 5.61 -8.24
C LYS G 33 -12.88 5.52 -6.73
N ARG G 34 -12.25 6.47 -6.03
CA ARG G 34 -12.48 6.67 -4.60
C ARG G 34 -13.52 7.76 -4.40
N ILE G 35 -14.68 7.41 -3.86
CA ILE G 35 -15.67 8.43 -3.54
C ILE G 35 -15.18 9.17 -2.30
N SER G 36 -14.79 10.43 -2.45
CA SER G 36 -14.15 11.15 -1.36
C SER G 36 -14.59 12.59 -1.30
N ASN G 37 -14.77 13.09 -0.08
CA ASN G 37 -15.06 14.50 0.18
C ASN G 37 -16.31 14.97 -0.55
N CYS G 38 -17.37 14.18 -0.48
CA CYS G 38 -18.67 14.57 -1.02
C CYS G 38 -19.76 13.80 -0.28
N VAL G 39 -20.98 14.33 -0.36
CA VAL G 39 -22.13 13.74 0.31
C VAL G 39 -22.82 12.78 -0.65
N ALA G 40 -22.83 11.49 -0.31
CA ALA G 40 -23.45 10.47 -1.15
C ALA G 40 -24.83 10.13 -0.57
N ASP G 41 -25.88 10.46 -1.32
CA ASP G 41 -27.25 10.10 -0.91
C ASP G 41 -27.65 8.87 -1.71
N TYR G 42 -27.45 7.70 -1.12
CA TYR G 42 -27.67 6.45 -1.83
C TYR G 42 -29.14 6.13 -2.03
N SER G 43 -30.05 6.79 -1.30
CA SER G 43 -31.47 6.55 -1.55
C SER G 43 -31.89 7.12 -2.89
N VAL G 44 -31.23 8.19 -3.36
CA VAL G 44 -31.58 8.78 -4.64
C VAL G 44 -31.31 7.82 -5.78
N LEU G 45 -30.25 7.01 -5.67
CA LEU G 45 -30.04 5.93 -6.62
C LEU G 45 -31.06 4.82 -6.43
N TYR G 46 -31.15 4.30 -5.19
CA TYR G 46 -31.97 3.12 -4.92
C TYR G 46 -33.45 3.35 -5.23
N ASN G 47 -33.94 4.58 -5.06
CA ASN G 47 -35.34 4.87 -5.32
C ASN G 47 -35.57 5.43 -6.72
N SER G 48 -34.52 5.68 -7.48
CA SER G 48 -34.65 5.93 -8.90
C SER G 48 -34.81 4.60 -9.64
N ALA G 49 -35.93 4.44 -10.34
CA ALA G 49 -36.18 3.21 -11.11
C ALA G 49 -35.35 3.17 -12.38
N SER G 50 -34.20 3.86 -12.39
CA SER G 50 -33.37 3.92 -13.58
C SER G 50 -32.61 2.62 -13.84
N PHE G 51 -32.25 1.90 -12.79
CA PHE G 51 -31.31 0.80 -12.87
C PHE G 51 -32.04 -0.54 -12.93
N SER G 52 -31.62 -1.41 -13.84
CA SER G 52 -32.18 -2.76 -13.90
C SER G 52 -31.74 -3.59 -12.69
N THR G 53 -30.44 -3.59 -12.41
CA THR G 53 -29.89 -4.35 -11.29
C THR G 53 -29.41 -3.37 -10.23
N PHE G 54 -29.81 -3.61 -8.98
CA PHE G 54 -29.37 -2.85 -7.82
C PHE G 54 -29.38 -3.83 -6.64
N LYS G 55 -28.36 -4.68 -6.59
CA LYS G 55 -28.29 -5.78 -5.64
C LYS G 55 -27.10 -5.56 -4.72
N CYS G 56 -27.36 -5.53 -3.41
CA CYS G 56 -26.33 -5.27 -2.40
C CYS G 56 -25.99 -6.56 -1.65
N TYR G 57 -24.79 -6.56 -1.05
CA TYR G 57 -24.29 -7.72 -0.31
C TYR G 57 -23.63 -7.25 0.97
N GLY G 58 -23.91 -7.96 2.06
CA GLY G 58 -23.35 -7.62 3.36
C GLY G 58 -23.90 -6.37 4.00
N VAL G 59 -24.85 -5.69 3.36
CA VAL G 59 -25.44 -4.45 3.88
C VAL G 59 -26.86 -4.35 3.35
N SER G 60 -27.74 -3.79 4.15
CA SER G 60 -29.08 -3.60 3.64
C SER G 60 -29.16 -2.28 2.87
N PRO G 61 -29.65 -2.28 1.63
CA PRO G 61 -29.68 -1.03 0.86
C PRO G 61 -30.61 0.02 1.42
N THR G 62 -31.57 -0.35 2.28
CA THR G 62 -32.43 0.63 2.91
C THR G 62 -31.69 1.51 3.91
N LYS G 63 -30.56 1.04 4.45
CA LYS G 63 -29.86 1.75 5.51
C LYS G 63 -28.46 2.18 5.07
N LEU G 64 -28.24 2.37 3.77
CA LEU G 64 -26.94 2.84 3.32
C LEU G 64 -26.67 4.27 3.80
N ASN G 65 -27.71 5.11 3.84
CA ASN G 65 -27.50 6.53 4.11
C ASN G 65 -27.16 6.82 5.56
N ASP G 66 -27.49 5.93 6.49
CA ASP G 66 -27.17 6.12 7.90
C ASP G 66 -26.07 5.18 8.39
N LEU G 67 -25.09 4.93 7.53
CA LEU G 67 -23.89 4.17 7.87
C LEU G 67 -22.66 5.07 7.81
N CYS G 68 -21.58 4.63 8.45
CA CYS G 68 -20.31 5.35 8.47
C CYS G 68 -19.28 4.56 7.67
N PHE G 69 -18.70 5.21 6.65
CA PHE G 69 -17.77 4.54 5.75
C PHE G 69 -16.39 5.19 5.82
N THR G 70 -15.38 4.39 6.10
CA THR G 70 -14.00 4.87 6.02
C THR G 70 -13.56 5.03 4.57
N ASN G 71 -13.97 4.11 3.70
CA ASN G 71 -13.50 4.10 2.33
C ASN G 71 -14.56 3.52 1.42
N VAL G 72 -14.88 4.22 0.33
CA VAL G 72 -15.86 3.78 -0.65
C VAL G 72 -15.20 3.71 -2.02
N TYR G 73 -15.37 2.58 -2.70
CA TYR G 73 -14.82 2.37 -4.03
C TYR G 73 -15.95 2.16 -5.03
N ALA G 74 -15.84 2.77 -6.19
CA ALA G 74 -16.82 2.60 -7.26
C ALA G 74 -16.11 2.02 -8.49
N ASP G 75 -16.24 0.72 -8.69
CA ASP G 75 -15.67 0.06 -9.86
C ASP G 75 -16.69 0.09 -10.98
N SER G 76 -16.27 0.57 -12.15
CA SER G 76 -17.17 0.77 -13.28
C SER G 76 -16.57 0.14 -14.53
N PHE G 77 -17.44 -0.42 -15.37
CA PHE G 77 -17.04 -1.05 -16.63
C PHE G 77 -18.30 -1.31 -17.44
N VAL G 78 -18.11 -1.90 -18.62
CA VAL G 78 -19.21 -2.23 -19.52
C VAL G 78 -19.10 -3.70 -19.93
N ILE G 79 -20.19 -4.44 -19.74
CA ILE G 79 -20.36 -5.78 -20.25
C ILE G 79 -21.73 -5.88 -20.88
N ARG G 80 -22.03 -7.03 -21.46
CA ARG G 80 -23.33 -7.27 -22.06
C ARG G 80 -24.30 -7.84 -21.03
N GLY G 81 -25.60 -7.60 -21.25
CA GLY G 81 -26.60 -8.01 -20.27
C GLY G 81 -26.58 -9.49 -19.96
N ASP G 82 -26.23 -10.32 -20.96
CA ASP G 82 -26.03 -11.75 -20.74
C ASP G 82 -25.10 -12.02 -19.56
N GLU G 83 -24.05 -11.21 -19.41
CA GLU G 83 -22.98 -11.47 -18.46
C GLU G 83 -23.16 -10.76 -17.12
N VAL G 84 -24.22 -9.95 -16.96
CA VAL G 84 -24.40 -9.20 -15.72
C VAL G 84 -24.62 -10.15 -14.55
N ARG G 85 -25.13 -11.35 -14.81
CA ARG G 85 -25.31 -12.34 -13.75
C ARG G 85 -23.98 -12.72 -13.10
N GLN G 86 -22.85 -12.45 -13.76
CA GLN G 86 -21.55 -12.83 -13.26
C GLN G 86 -20.94 -11.79 -12.32
N ILE G 87 -21.53 -10.60 -12.22
CA ILE G 87 -21.02 -9.57 -11.30
C ILE G 87 -21.72 -9.84 -9.96
N ALA G 88 -21.26 -10.89 -9.29
CA ALA G 88 -21.82 -11.33 -8.03
C ALA G 88 -20.85 -12.34 -7.41
N PRO G 89 -20.84 -12.48 -6.09
CA PRO G 89 -19.93 -13.44 -5.46
C PRO G 89 -20.26 -14.87 -5.87
N GLY G 90 -19.19 -15.66 -6.06
CA GLY G 90 -19.34 -17.07 -6.39
C GLY G 90 -19.93 -17.35 -7.76
N GLN G 91 -19.66 -16.50 -8.74
CA GLN G 91 -20.13 -16.71 -10.10
C GLN G 91 -19.03 -17.23 -11.00
N THR G 92 -19.43 -17.76 -12.15
CA THR G 92 -18.51 -18.37 -13.10
C THR G 92 -18.82 -17.84 -14.50
N GLY G 93 -17.81 -17.93 -15.37
CA GLY G 93 -17.91 -17.49 -16.74
C GLY G 93 -16.63 -16.85 -17.19
N LYS G 94 -16.67 -16.23 -18.37
CA LYS G 94 -15.49 -15.54 -18.88
C LYS G 94 -15.21 -14.26 -18.10
N ILE G 95 -16.27 -13.54 -17.72
CA ILE G 95 -16.10 -12.26 -17.03
C ILE G 95 -15.63 -12.49 -15.59
N ALA G 96 -16.38 -13.29 -14.83
CA ALA G 96 -16.06 -13.51 -13.43
C ALA G 96 -14.68 -14.14 -13.25
N ASP G 97 -14.25 -14.99 -14.18
CA ASP G 97 -12.98 -15.69 -14.03
C ASP G 97 -11.79 -14.94 -14.60
N TYR G 98 -11.99 -14.17 -15.69
CA TYR G 98 -10.89 -13.55 -16.40
C TYR G 98 -10.97 -12.02 -16.46
N ASN G 99 -11.93 -11.40 -15.79
CA ASN G 99 -12.07 -9.94 -15.88
C ASN G 99 -12.32 -9.30 -14.53
N TYR G 100 -13.45 -9.61 -13.89
CA TYR G 100 -13.84 -8.97 -12.63
C TYR G 100 -14.45 -10.02 -11.70
N LYS G 101 -13.70 -10.43 -10.69
CA LYS G 101 -14.17 -11.40 -9.70
C LYS G 101 -14.58 -10.68 -8.42
N LEU G 102 -15.78 -10.98 -7.94
CA LEU G 102 -16.10 -10.47 -6.61
C LEU G 102 -15.76 -11.49 -5.55
N PRO G 103 -15.36 -11.04 -4.36
CA PRO G 103 -15.05 -11.97 -3.28
C PRO G 103 -16.30 -12.50 -2.62
N ASP G 104 -16.14 -13.63 -1.93
CA ASP G 104 -17.26 -14.23 -1.22
C ASP G 104 -17.72 -13.35 -0.05
N ASP G 105 -16.79 -12.64 0.59
CA ASP G 105 -17.11 -11.73 1.68
C ASP G 105 -17.35 -10.30 1.20
N PHE G 106 -17.84 -10.14 -0.03
CA PHE G 106 -18.03 -8.82 -0.62
C PHE G 106 -19.05 -8.02 0.18
N THR G 107 -18.66 -6.80 0.56
CA THR G 107 -19.53 -5.87 1.27
C THR G 107 -19.75 -4.65 0.38
N GLY G 108 -20.85 -4.65 -0.37
CA GLY G 108 -21.10 -3.56 -1.29
C GLY G 108 -22.36 -3.80 -2.10
N CYS G 109 -22.52 -3.01 -3.17
CA CYS G 109 -23.69 -3.07 -4.04
C CYS G 109 -23.26 -3.15 -5.50
N VAL G 110 -24.01 -3.91 -6.29
CA VAL G 110 -23.80 -4.01 -7.73
C VAL G 110 -24.94 -3.27 -8.43
N ILE G 111 -24.60 -2.23 -9.19
CA ILE G 111 -25.58 -1.42 -9.91
C ILE G 111 -25.31 -1.59 -11.40
N ALA G 112 -26.37 -1.87 -12.16
CA ALA G 112 -26.26 -2.06 -13.60
C ALA G 112 -27.51 -1.52 -14.28
N TRP G 113 -27.35 -1.11 -15.53
CA TRP G 113 -28.47 -0.63 -16.32
C TRP G 113 -28.09 -0.71 -17.79
N ASN G 114 -29.10 -0.94 -18.63
CA ASN G 114 -28.88 -1.06 -20.06
C ASN G 114 -28.39 0.27 -20.62
N SER G 115 -27.29 0.21 -21.37
CA SER G 115 -26.68 1.39 -21.97
C SER G 115 -26.61 1.24 -23.49
N ASN G 116 -27.70 0.77 -24.09
CA ASN G 116 -27.75 0.65 -25.54
C ASN G 116 -27.65 2.03 -26.18
N ASN G 117 -28.42 2.99 -25.65
CA ASN G 117 -28.48 4.34 -26.22
C ASN G 117 -27.16 5.10 -26.08
N LEU G 118 -26.30 4.70 -25.14
CA LEU G 118 -25.06 5.42 -24.89
C LEU G 118 -23.84 4.78 -25.52
N ASP G 119 -23.79 3.45 -25.58
CA ASP G 119 -22.59 2.75 -25.99
C ASP G 119 -22.70 2.05 -27.34
N SER G 120 -23.90 1.73 -27.81
CA SER G 120 -24.05 1.11 -29.12
C SER G 120 -24.05 2.16 -30.22
N LYS G 121 -23.37 1.83 -31.32
CA LYS G 121 -23.27 2.71 -32.47
C LYS G 121 -23.69 1.95 -33.72
N VAL G 122 -24.35 2.64 -34.66
CA VAL G 122 -24.89 1.96 -35.82
C VAL G 122 -23.77 1.33 -36.64
N GLY G 123 -22.63 2.00 -36.75
CA GLY G 123 -21.46 1.39 -37.35
C GLY G 123 -20.99 0.14 -36.62
N GLY G 124 -21.35 0.00 -35.35
CA GLY G 124 -20.74 -1.00 -34.50
C GLY G 124 -19.64 -0.38 -33.67
N ASN G 125 -19.73 -0.52 -32.35
CA ASN G 125 -18.73 -0.01 -31.41
C ASN G 125 -17.90 -1.17 -30.91
N TYR G 126 -16.68 -1.28 -31.41
CA TYR G 126 -15.79 -2.40 -31.11
C TYR G 126 -14.73 -2.04 -30.08
N ASN G 127 -14.92 -0.94 -29.35
CA ASN G 127 -13.89 -0.43 -28.46
C ASN G 127 -14.00 -0.94 -27.03
N TYR G 128 -15.16 -1.48 -26.65
CA TYR G 128 -15.30 -2.16 -25.36
C TYR G 128 -14.80 -3.58 -25.50
N LEU G 129 -13.84 -3.97 -24.65
CA LEU G 129 -13.18 -5.26 -24.75
C LEU G 129 -13.45 -6.11 -23.52
N TYR G 130 -13.10 -7.40 -23.64
CA TYR G 130 -13.14 -8.33 -22.53
C TYR G 130 -12.02 -9.34 -22.71
N ARG G 131 -11.51 -9.86 -21.60
CA ARG G 131 -10.45 -10.87 -21.64
C ARG G 131 -11.06 -12.25 -21.83
N LEU G 132 -10.49 -13.02 -22.76
CA LEU G 132 -11.03 -14.35 -23.05
C LEU G 132 -10.18 -15.49 -22.52
N PHE G 133 -8.85 -15.34 -22.47
CA PHE G 133 -7.96 -16.39 -22.03
C PHE G 133 -7.07 -15.90 -20.89
N ARG G 134 -6.74 -16.82 -19.98
CA ARG G 134 -5.81 -16.54 -18.91
C ARG G 134 -5.38 -17.88 -18.29
N LYS G 135 -4.13 -17.91 -17.82
CA LYS G 135 -3.58 -19.14 -17.26
C LYS G 135 -4.36 -19.62 -16.04
N SER G 136 -4.68 -18.69 -15.13
CA SER G 136 -5.42 -19.02 -13.92
C SER G 136 -6.55 -18.02 -13.74
N ASN G 137 -7.45 -18.34 -12.81
CA ASN G 137 -8.56 -17.45 -12.51
C ASN G 137 -8.09 -16.25 -11.69
N LEU G 138 -8.80 -15.14 -11.87
CA LEU G 138 -8.45 -13.92 -11.17
C LEU G 138 -8.83 -14.00 -9.69
N LYS G 139 -7.98 -13.46 -8.84
CA LYS G 139 -8.35 -13.25 -7.45
C LYS G 139 -9.42 -12.17 -7.39
N PRO G 140 -10.18 -12.12 -6.29
CA PRO G 140 -11.16 -11.04 -6.14
C PRO G 140 -10.50 -9.66 -6.20
N PHE G 141 -11.14 -8.76 -6.94
CA PHE G 141 -10.68 -7.39 -7.17
C PHE G 141 -9.32 -7.32 -7.86
N GLU G 142 -8.81 -8.42 -8.41
CA GLU G 142 -7.61 -8.38 -9.22
C GLU G 142 -7.95 -7.80 -10.59
N ARG G 143 -6.94 -7.22 -11.24
CA ARG G 143 -7.12 -6.66 -12.58
C ARG G 143 -5.92 -7.01 -13.43
N ASP G 144 -6.18 -7.65 -14.57
CA ASP G 144 -5.13 -8.08 -15.49
C ASP G 144 -5.29 -7.31 -16.79
N ILE G 145 -4.25 -6.57 -17.17
CA ILE G 145 -4.23 -5.79 -18.39
C ILE G 145 -3.08 -6.16 -19.31
N SER G 146 -2.43 -7.30 -19.04
CA SER G 146 -1.34 -7.74 -19.90
C SER G 146 -1.87 -8.25 -21.23
N THR G 147 -1.03 -8.13 -22.27
CA THR G 147 -1.37 -8.56 -23.61
C THR G 147 -0.45 -9.69 -24.07
N GLU G 148 0.05 -10.47 -23.12
CA GLU G 148 0.88 -11.62 -23.46
C GLU G 148 0.08 -12.63 -24.27
N ILE G 149 0.72 -13.17 -25.31
CA ILE G 149 0.05 -14.11 -26.21
C ILE G 149 -0.22 -15.41 -25.47
N TYR G 150 -1.49 -15.82 -25.42
CA TYR G 150 -1.91 -17.01 -24.69
C TYR G 150 -1.58 -18.26 -25.50
N GLN G 151 -0.86 -19.20 -24.88
CA GLN G 151 -0.57 -20.49 -25.51
C GLN G 151 -1.67 -21.49 -25.18
N ALA G 152 -2.37 -21.94 -26.21
CA ALA G 152 -3.42 -22.95 -26.07
C ALA G 152 -2.86 -24.36 -25.96
N GLY G 153 -1.94 -24.72 -26.87
CA GLY G 153 -1.55 -26.12 -26.97
C GLY G 153 -0.13 -26.48 -26.55
N SER G 154 0.63 -27.04 -27.48
CA SER G 154 1.97 -27.54 -27.22
C SER G 154 3.07 -26.61 -27.73
N THR G 155 2.88 -26.04 -28.90
CA THR G 155 3.93 -25.29 -29.56
C THR G 155 4.05 -23.89 -28.95
N PRO G 156 5.26 -23.33 -28.95
CA PRO G 156 5.44 -21.99 -28.36
C PRO G 156 4.86 -20.92 -29.27
N CYS G 157 4.62 -19.76 -28.68
CA CYS G 157 4.00 -18.66 -29.41
C CYS G 157 4.99 -17.56 -29.79
N ASN G 158 5.95 -17.26 -28.92
CA ASN G 158 7.01 -16.28 -29.21
C ASN G 158 6.44 -14.91 -29.56
N GLY G 159 5.33 -14.55 -28.92
CA GLY G 159 4.71 -13.27 -29.20
C GLY G 159 4.16 -13.13 -30.61
N VAL G 160 3.81 -14.24 -31.24
CA VAL G 160 3.26 -14.26 -32.59
C VAL G 160 1.94 -15.02 -32.58
N GLU G 161 0.97 -14.52 -33.35
CA GLU G 161 -0.38 -15.07 -33.38
C GLU G 161 -0.46 -16.23 -34.36
N GLY G 162 -1.38 -17.14 -34.10
CA GLY G 162 -1.62 -18.26 -35.00
C GLY G 162 -2.38 -19.36 -34.30
N PHE G 163 -2.23 -20.58 -34.84
CA PHE G 163 -2.88 -21.74 -34.26
C PHE G 163 -2.36 -21.99 -32.85
N ASN G 164 -3.29 -22.10 -31.89
CA ASN G 164 -3.02 -22.26 -30.47
C ASN G 164 -2.36 -21.03 -29.85
N CYS G 165 -2.26 -19.93 -30.58
CA CYS G 165 -1.65 -18.68 -30.10
C CYS G 165 -2.60 -17.53 -30.40
N TYR G 166 -3.43 -17.20 -29.42
CA TYR G 166 -4.48 -16.20 -29.59
C TYR G 166 -4.15 -14.96 -28.75
N PHE G 167 -4.51 -13.79 -29.28
CA PHE G 167 -4.48 -12.57 -28.47
C PHE G 167 -5.51 -12.66 -27.35
N PRO G 168 -5.13 -12.38 -26.10
CA PRO G 168 -6.05 -12.64 -24.99
C PRO G 168 -7.24 -11.69 -24.89
N LEU G 169 -7.24 -10.56 -25.61
CA LEU G 169 -8.32 -9.59 -25.49
C LEU G 169 -9.17 -9.62 -26.75
N GLN G 170 -10.48 -9.62 -26.57
CA GLN G 170 -11.39 -9.59 -27.70
C GLN G 170 -12.37 -8.44 -27.57
N SER G 171 -12.90 -7.99 -28.71
CA SER G 171 -13.79 -6.84 -28.79
C SER G 171 -15.24 -7.28 -28.80
N TYR G 172 -16.07 -6.60 -28.01
CA TYR G 172 -17.52 -6.70 -28.14
C TYR G 172 -17.99 -6.02 -29.44
N GLY G 173 -19.10 -6.51 -29.97
CA GLY G 173 -19.69 -5.92 -31.17
C GLY G 173 -21.01 -5.23 -30.90
N PHE G 174 -20.97 -4.08 -30.21
CA PHE G 174 -22.18 -3.41 -29.72
C PHE G 174 -22.79 -2.56 -30.82
N GLN G 175 -23.84 -3.08 -31.46
CA GLN G 175 -24.73 -2.37 -32.36
C GLN G 175 -26.11 -2.22 -31.73
N PRO G 176 -26.86 -1.17 -32.04
CA PRO G 176 -28.16 -0.98 -31.37
C PRO G 176 -29.22 -1.98 -31.82
N THR G 177 -28.99 -2.68 -32.94
CA THR G 177 -29.90 -3.71 -33.41
C THR G 177 -29.66 -5.05 -32.72
N ASN G 178 -28.64 -5.14 -31.87
CA ASN G 178 -28.39 -6.36 -31.10
C ASN G 178 -29.60 -6.75 -30.27
N GLY G 179 -29.67 -8.04 -29.95
CA GLY G 179 -30.61 -8.49 -28.94
C GLY G 179 -30.27 -7.94 -27.56
N VAL G 180 -31.27 -7.95 -26.68
CA VAL G 180 -31.08 -7.40 -25.33
C VAL G 180 -29.93 -8.09 -24.62
N GLY G 181 -29.73 -9.38 -24.87
CA GLY G 181 -28.62 -10.08 -24.26
C GLY G 181 -27.27 -9.71 -24.83
N TYR G 182 -27.25 -9.22 -26.08
CA TYR G 182 -26.02 -8.76 -26.72
C TYR G 182 -25.83 -7.26 -26.63
N GLN G 183 -26.77 -6.53 -26.00
CA GLN G 183 -26.70 -5.10 -25.82
C GLN G 183 -25.78 -4.74 -24.65
N PRO G 184 -25.14 -3.57 -24.70
CA PRO G 184 -24.22 -3.19 -23.63
C PRO G 184 -24.95 -2.73 -22.36
N TYR G 185 -24.47 -3.23 -21.23
CA TYR G 185 -24.92 -2.78 -19.91
C TYR G 185 -23.75 -2.15 -19.16
N ARG G 186 -24.00 -1.00 -18.54
CA ARG G 186 -23.02 -0.36 -17.69
C ARG G 186 -23.19 -0.84 -16.25
N VAL G 187 -22.06 -1.18 -15.62
CA VAL G 187 -22.07 -1.73 -14.27
C VAL G 187 -21.18 -0.85 -13.40
N VAL G 188 -21.67 -0.49 -12.21
CA VAL G 188 -20.84 0.14 -11.18
C VAL G 188 -21.00 -0.67 -9.91
N VAL G 189 -19.86 -0.94 -9.26
CA VAL G 189 -19.78 -1.79 -8.08
C VAL G 189 -19.25 -0.93 -6.94
N LEU G 190 -20.06 -0.75 -5.91
CA LEU G 190 -19.64 0.00 -4.73
C LEU G 190 -19.02 -0.95 -3.72
N SER G 191 -17.83 -0.62 -3.23
CA SER G 191 -17.14 -1.39 -2.20
C SER G 191 -17.04 -0.53 -0.95
N PHE G 192 -17.53 -1.05 0.17
CA PHE G 192 -17.61 -0.29 1.42
C PHE G 192 -16.59 -0.78 2.43
N GLU G 193 -16.02 0.16 3.18
CA GLU G 193 -15.23 -0.13 4.37
C GLU G 193 -15.86 0.64 5.53
N LEU G 194 -16.39 -0.07 6.51
CA LEU G 194 -17.10 0.58 7.58
C LEU G 194 -16.15 1.08 8.65
N LEU G 195 -16.66 2.01 9.47
CA LEU G 195 -15.91 2.59 10.56
C LEU G 195 -16.02 1.71 11.80
N HIS G 196 -14.90 1.14 12.23
CA HIS G 196 -14.85 0.45 13.51
C HIS G 196 -15.21 1.45 14.61
N ALA G 197 -16.41 1.34 15.19
CA ALA G 197 -16.88 2.37 16.12
C ALA G 197 -17.98 1.78 16.98
N PRO G 198 -18.18 2.30 18.19
CA PRO G 198 -19.25 1.78 19.05
C PRO G 198 -20.62 1.97 18.41
N ALA G 199 -21.57 1.17 18.91
CA ALA G 199 -22.96 1.31 18.49
C ALA G 199 -23.50 2.70 18.76
N THR G 200 -23.05 3.33 19.86
CA THR G 200 -23.62 4.60 20.29
C THR G 200 -23.47 5.69 19.25
N VAL G 201 -22.45 5.61 18.40
CA VAL G 201 -22.24 6.62 17.36
C VAL G 201 -22.68 6.11 15.99
N CYS G 202 -22.39 4.86 15.67
CA CYS G 202 -22.74 4.38 14.34
C CYS G 202 -22.95 2.87 14.31
N ASP H 1 -7.70 16.47 -50.06
CA ASP H 1 -8.10 17.24 -51.23
C ASP H 1 -9.61 17.20 -51.44
N ILE H 2 -10.34 16.95 -50.36
CA ILE H 2 -11.81 16.95 -50.36
C ILE H 2 -12.28 18.27 -49.78
N VAL H 3 -13.13 18.99 -50.51
CA VAL H 3 -13.54 20.33 -50.13
C VAL H 3 -14.95 20.29 -49.55
N MET H 4 -15.09 20.74 -48.30
CA MET H 4 -16.38 20.91 -47.66
C MET H 4 -16.88 22.33 -47.90
N THR H 5 -18.14 22.45 -48.32
CA THR H 5 -18.74 23.75 -48.60
C THR H 5 -20.07 23.83 -47.84
N GLN H 6 -20.06 24.57 -46.73
CA GLN H 6 -21.27 24.83 -45.97
C GLN H 6 -21.98 26.05 -46.52
N SER H 7 -23.32 26.03 -46.42
CA SER H 7 -24.12 27.18 -46.81
C SER H 7 -25.41 27.18 -46.00
N PRO H 8 -25.82 28.34 -45.46
CA PRO H 8 -25.07 29.59 -45.58
C PRO H 8 -23.96 29.71 -44.53
N LEU H 9 -23.28 30.87 -44.49
CA LEU H 9 -22.29 31.11 -43.45
C LEU H 9 -22.95 31.62 -42.17
N SER H 10 -23.91 32.53 -42.28
CA SER H 10 -24.70 32.97 -41.14
C SER H 10 -26.16 32.63 -41.39
N LEU H 11 -26.88 32.34 -40.30
CA LEU H 11 -28.23 31.82 -40.40
C LEU H 11 -29.01 32.19 -39.15
N PRO H 12 -29.83 33.24 -39.21
CA PRO H 12 -30.70 33.56 -38.07
C PRO H 12 -31.87 32.61 -37.98
N VAL H 13 -32.29 32.34 -36.74
CA VAL H 13 -33.40 31.43 -36.47
C VAL H 13 -34.27 32.02 -35.37
N THR H 14 -35.57 31.80 -35.47
CA THR H 14 -36.51 32.17 -34.41
C THR H 14 -36.73 30.99 -33.48
N PRO H 15 -36.56 31.15 -32.17
CA PRO H 15 -36.85 30.04 -31.25
C PRO H 15 -38.31 29.63 -31.37
N GLY H 16 -38.54 28.38 -31.73
CA GLY H 16 -39.87 27.91 -32.05
C GLY H 16 -40.11 27.65 -33.52
N GLU H 17 -39.10 27.82 -34.37
CA GLU H 17 -39.18 27.59 -35.80
C GLU H 17 -38.05 26.66 -36.23
N PRO H 18 -38.20 25.96 -37.36
CA PRO H 18 -37.18 24.99 -37.78
C PRO H 18 -35.97 25.69 -38.41
N ALA H 19 -34.98 24.87 -38.76
CA ALA H 19 -33.74 25.38 -39.35
C ALA H 19 -33.03 24.26 -40.09
N SER H 20 -32.25 24.64 -41.10
CA SER H 20 -31.55 23.67 -41.94
C SER H 20 -30.22 24.26 -42.42
N ILE H 21 -29.15 23.48 -42.27
CA ILE H 21 -27.82 23.81 -42.79
C ILE H 21 -27.44 22.78 -43.84
N SER H 22 -26.66 23.21 -44.83
CA SER H 22 -26.23 22.34 -45.93
C SER H 22 -24.72 22.22 -45.96
N CYS H 23 -24.24 21.00 -46.25
CA CYS H 23 -22.82 20.71 -46.44
C CYS H 23 -22.67 19.92 -47.73
N ARG H 24 -21.93 20.46 -48.69
CA ARG H 24 -21.68 19.80 -49.95
C ARG H 24 -20.19 19.49 -50.08
N SER H 25 -19.88 18.36 -50.72
CA SER H 25 -18.51 17.86 -50.83
C SER H 25 -18.09 17.83 -52.30
N SER H 26 -16.77 17.95 -52.51
CA SER H 26 -16.25 17.90 -53.88
C SER H 26 -16.24 16.48 -54.44
N GLN H 27 -16.14 15.47 -53.59
CA GLN H 27 -16.20 14.08 -54.03
C GLN H 27 -17.03 13.26 -53.05
N SER H 28 -17.58 12.15 -53.57
CA SER H 28 -18.46 11.28 -52.79
C SER H 28 -17.74 10.70 -51.57
N LEU H 29 -18.47 10.61 -50.46
CA LEU H 29 -17.99 9.99 -49.23
C LEU H 29 -18.65 8.64 -48.98
N LEU H 30 -19.35 8.08 -49.96
CA LEU H 30 -20.04 6.81 -49.79
C LEU H 30 -19.05 5.68 -50.07
N HIS H 31 -18.72 4.90 -49.04
CA HIS H 31 -17.80 3.79 -49.18
C HIS H 31 -18.53 2.56 -49.73
N SER H 32 -17.75 1.62 -50.23
CA SER H 32 -18.31 0.40 -50.79
C SER H 32 -18.99 -0.49 -49.74
N ASN H 33 -19.00 -0.10 -48.47
CA ASN H 33 -19.72 -0.83 -47.45
C ASN H 33 -21.09 -0.27 -47.16
N GLY H 34 -21.44 0.86 -47.77
CA GLY H 34 -22.77 1.44 -47.63
C GLY H 34 -22.93 2.48 -46.56
N TYR H 35 -21.85 3.05 -46.03
CA TYR H 35 -21.93 4.12 -45.05
C TYR H 35 -21.39 5.42 -45.64
N ASN H 36 -22.02 6.53 -45.27
CA ASN H 36 -21.59 7.87 -45.67
C ASN H 36 -20.77 8.46 -44.53
N TYR H 37 -19.47 8.53 -44.73
CA TYR H 37 -18.54 9.01 -43.70
C TYR H 37 -18.56 10.53 -43.67
N LEU H 38 -19.50 11.08 -42.91
CA LEU H 38 -19.58 12.52 -42.69
C LEU H 38 -20.16 12.77 -41.31
N ASP H 39 -19.49 13.62 -40.52
CA ASP H 39 -19.93 13.97 -39.19
C ASP H 39 -20.32 15.44 -39.11
N TRP H 40 -21.16 15.77 -38.14
CA TRP H 40 -21.54 17.15 -37.86
C TRP H 40 -21.16 17.51 -36.42
N TYR H 41 -20.56 18.68 -36.24
CA TYR H 41 -20.17 19.15 -34.92
C TYR H 41 -20.74 20.54 -34.65
N LEU H 42 -20.98 20.82 -33.38
CA LEU H 42 -21.47 22.11 -32.92
C LEU H 42 -20.54 22.68 -31.85
N GLN H 43 -20.19 23.96 -32.00
CA GLN H 43 -19.34 24.66 -31.03
C GLN H 43 -20.13 25.81 -30.42
N LYS H 44 -20.84 25.52 -29.32
CA LYS H 44 -21.51 26.54 -28.52
C LYS H 44 -20.53 27.66 -28.15
N PRO H 45 -21.01 28.88 -27.92
CA PRO H 45 -20.09 29.98 -27.62
C PRO H 45 -19.26 29.68 -26.37
N GLY H 46 -17.95 29.89 -26.49
CA GLY H 46 -17.05 29.61 -25.39
C GLY H 46 -17.08 28.18 -24.89
N GLN H 47 -17.20 27.21 -25.81
CA GLN H 47 -17.27 25.80 -25.45
C GLN H 47 -16.49 24.98 -26.47
N SER H 48 -16.14 23.76 -26.06
CA SER H 48 -15.45 22.84 -26.94
C SER H 48 -16.40 22.36 -28.03
N PRO H 49 -15.87 21.86 -29.15
CA PRO H 49 -16.74 21.25 -30.16
C PRO H 49 -17.50 20.07 -29.58
N GLN H 50 -18.70 19.84 -30.11
CA GLN H 50 -19.61 18.80 -29.65
C GLN H 50 -20.08 17.97 -30.83
N LEU H 51 -20.04 16.64 -30.69
CA LEU H 51 -20.50 15.76 -31.75
C LEU H 51 -22.02 15.74 -31.82
N LEU H 52 -22.57 15.95 -33.01
CA LEU H 52 -24.01 15.89 -33.24
C LEU H 52 -24.41 14.68 -34.07
N ILE H 53 -23.84 14.51 -35.25
CA ILE H 53 -24.22 13.43 -36.16
C ILE H 53 -22.96 12.67 -36.56
N TYR H 54 -23.07 11.34 -36.62
CA TYR H 54 -22.00 10.49 -37.10
C TYR H 54 -22.51 9.57 -38.21
N LEU H 55 -21.63 9.25 -39.15
CA LEU H 55 -21.95 8.41 -40.31
C LEU H 55 -23.13 8.96 -41.10
N GLY H 56 -23.13 10.27 -41.31
CA GLY H 56 -24.06 10.91 -42.23
C GLY H 56 -25.41 11.33 -41.70
N SER H 57 -26.09 10.43 -40.99
CA SER H 57 -27.48 10.68 -40.63
C SER H 57 -27.84 10.13 -39.24
N ASN H 58 -26.85 9.71 -38.44
CA ASN H 58 -27.10 9.07 -37.16
C ASN H 58 -26.66 9.96 -36.02
N ARG H 59 -27.57 10.18 -35.06
CA ARG H 59 -27.29 11.05 -33.94
C ARG H 59 -26.35 10.40 -32.93
N ALA H 60 -25.41 11.19 -32.44
CA ALA H 60 -24.52 10.70 -31.39
C ALA H 60 -25.29 10.61 -30.06
N SER H 61 -24.61 10.07 -29.06
CA SER H 61 -25.23 9.86 -27.76
C SER H 61 -25.51 11.21 -27.10
N GLY H 62 -26.69 11.30 -26.47
CA GLY H 62 -27.08 12.49 -25.74
C GLY H 62 -27.69 13.61 -26.57
N VAL H 63 -27.56 13.55 -27.88
CA VAL H 63 -28.07 14.62 -28.75
C VAL H 63 -29.60 14.56 -28.78
N PRO H 64 -30.30 15.66 -28.47
CA PRO H 64 -31.76 15.60 -28.37
C PRO H 64 -32.45 15.20 -29.68
N ASP H 65 -33.74 14.90 -29.55
CA ASP H 65 -34.59 14.57 -30.71
C ASP H 65 -34.52 15.63 -31.78
N ARG H 66 -34.53 16.90 -31.39
CA ARG H 66 -34.60 18.07 -32.27
C ARG H 66 -33.68 18.01 -33.48
N PHE H 67 -32.51 17.41 -33.32
CA PHE H 67 -31.51 17.32 -34.38
C PHE H 67 -31.75 16.10 -35.25
N SER H 68 -31.35 16.20 -36.53
CA SER H 68 -31.46 15.09 -37.46
C SER H 68 -30.58 15.37 -38.68
N GLY H 69 -29.77 14.39 -39.06
CA GLY H 69 -28.95 14.49 -40.25
C GLY H 69 -29.53 13.67 -41.40
N SER H 70 -29.29 14.13 -42.62
CA SER H 70 -29.77 13.45 -43.82
C SER H 70 -28.81 13.73 -44.96
N GLY H 71 -29.10 13.18 -46.13
CA GLY H 71 -28.26 13.34 -47.30
C GLY H 71 -27.43 12.10 -47.60
N SER H 72 -26.96 12.01 -48.84
CA SER H 72 -26.15 10.89 -49.27
C SER H 72 -25.18 11.32 -50.36
N GLY H 73 -24.07 10.60 -50.45
CA GLY H 73 -23.10 10.79 -51.51
C GLY H 73 -22.30 12.07 -51.44
N THR H 74 -22.91 13.18 -51.84
CA THR H 74 -22.21 14.45 -51.97
C THR H 74 -22.93 15.65 -51.37
N ASP H 75 -24.24 15.56 -51.11
CA ASP H 75 -25.00 16.68 -50.56
C ASP H 75 -25.70 16.22 -49.29
N PHE H 76 -25.27 16.77 -48.15
CA PHE H 76 -25.83 16.45 -46.85
C PHE H 76 -26.41 17.70 -46.20
N THR H 77 -27.31 17.50 -45.25
CA THR H 77 -28.02 18.60 -44.58
C THR H 77 -28.28 18.24 -43.13
N LEU H 78 -28.17 19.25 -42.26
CA LEU H 78 -28.70 19.16 -40.90
C LEU H 78 -30.08 19.81 -40.85
N LYS H 79 -30.86 19.37 -39.87
CA LYS H 79 -32.22 19.86 -39.68
C LYS H 79 -32.52 19.90 -38.20
N ILE H 80 -32.76 21.09 -37.67
CA ILE H 80 -33.25 21.26 -36.32
C ILE H 80 -34.75 21.47 -36.39
N SER H 81 -35.51 20.52 -35.85
CA SER H 81 -36.96 20.61 -35.88
C SER H 81 -37.45 21.73 -34.97
N ARG H 82 -36.96 21.77 -33.73
CA ARG H 82 -37.38 22.79 -32.77
C ARG H 82 -36.14 23.58 -32.34
N VAL H 83 -35.91 24.73 -32.98
CA VAL H 83 -34.85 25.63 -32.55
C VAL H 83 -35.24 26.25 -31.22
N GLU H 84 -34.33 26.19 -30.25
CA GLU H 84 -34.52 26.83 -28.96
C GLU H 84 -33.21 27.50 -28.56
N ALA H 85 -33.32 28.46 -27.64
CA ALA H 85 -32.23 29.36 -27.27
C ALA H 85 -30.86 28.70 -27.19
N GLU H 86 -30.80 27.49 -26.63
CA GLU H 86 -29.54 26.81 -26.35
C GLU H 86 -28.82 26.34 -27.61
N ASP H 87 -29.45 26.40 -28.78
CA ASP H 87 -28.85 25.92 -30.02
C ASP H 87 -27.91 26.92 -30.68
N VAL H 88 -27.77 28.13 -30.14
CA VAL H 88 -26.90 29.14 -30.76
C VAL H 88 -25.45 28.66 -30.71
N GLY H 89 -24.77 28.75 -31.86
CA GLY H 89 -23.36 28.41 -31.93
C GLY H 89 -22.86 28.41 -33.37
N VAL H 90 -21.81 27.64 -33.60
CA VAL H 90 -21.25 27.43 -34.94
C VAL H 90 -21.26 25.94 -35.23
N TYR H 91 -21.84 25.56 -36.37
CA TYR H 91 -21.99 24.16 -36.76
C TYR H 91 -21.01 23.84 -37.89
N TYR H 92 -20.14 22.86 -37.65
CA TYR H 92 -19.17 22.39 -38.65
C TYR H 92 -19.53 21.00 -39.14
N CYS H 93 -19.35 20.77 -40.43
CA CYS H 93 -19.37 19.41 -40.98
C CYS H 93 -17.95 18.94 -41.26
N MET H 94 -17.76 17.62 -41.24
CA MET H 94 -16.44 17.02 -41.40
C MET H 94 -16.56 15.73 -42.20
N GLN H 95 -15.80 15.64 -43.30
CA GLN H 95 -15.68 14.37 -44.01
C GLN H 95 -14.77 13.42 -43.24
N ALA H 96 -15.11 12.13 -43.24
CA ALA H 96 -14.31 11.12 -42.57
C ALA H 96 -13.85 9.99 -43.49
N LEU H 97 -14.08 10.11 -44.81
CA LEU H 97 -13.82 9.00 -45.72
C LEU H 97 -12.36 8.53 -45.69
N GLN H 98 -11.42 9.47 -45.69
CA GLN H 98 -10.01 9.14 -45.75
C GLN H 98 -9.30 9.27 -44.40
N THR H 99 -10.06 9.22 -43.31
CA THR H 99 -9.43 9.12 -42.01
C THR H 99 -8.65 7.81 -41.93
N PRO H 100 -7.55 7.77 -41.16
CA PRO H 100 -7.04 8.88 -40.36
C PRO H 100 -5.90 9.64 -41.03
N ILE H 101 -5.90 9.68 -42.36
CA ILE H 101 -4.85 10.41 -43.07
C ILE H 101 -5.19 11.89 -43.16
N THR H 102 -6.44 12.21 -43.49
CA THR H 102 -6.87 13.60 -43.58
C THR H 102 -8.23 13.77 -42.91
N TRP H 103 -8.38 14.86 -42.16
CA TRP H 103 -9.62 15.19 -41.46
C TRP H 103 -9.99 16.61 -41.87
N THR H 104 -10.94 16.73 -42.79
CA THR H 104 -11.29 18.02 -43.40
C THR H 104 -12.63 18.51 -42.87
N PHE H 105 -12.65 19.75 -42.38
CA PHE H 105 -13.84 20.38 -41.85
C PHE H 105 -14.43 21.34 -42.88
N GLY H 106 -15.63 21.84 -42.57
CA GLY H 106 -16.22 22.94 -43.30
C GLY H 106 -15.91 24.27 -42.63
N GLN H 107 -16.33 25.35 -43.29
CA GLN H 107 -16.09 26.69 -42.77
C GLN H 107 -16.94 27.01 -41.54
N GLY H 108 -18.00 26.26 -41.30
CA GLY H 108 -18.90 26.53 -40.20
C GLY H 108 -20.04 27.44 -40.57
N THR H 109 -21.07 27.44 -39.73
CA THR H 109 -22.28 28.21 -39.97
C THR H 109 -22.72 28.84 -38.65
N LYS H 110 -22.53 30.15 -38.53
CA LYS H 110 -22.93 30.86 -37.32
C LYS H 110 -24.44 31.00 -37.27
N VAL H 111 -25.00 30.76 -36.07
CA VAL H 111 -26.43 30.75 -35.85
C VAL H 111 -26.78 31.91 -34.93
N ASP H 112 -27.64 32.81 -35.41
CA ASP H 112 -28.10 33.97 -34.65
C ASP H 112 -29.53 33.76 -34.17
N ILE H 113 -29.94 34.57 -33.20
CA ILE H 113 -31.35 34.74 -32.87
C ILE H 113 -31.96 35.73 -33.87
N LYS H 114 -32.97 35.27 -34.60
CA LYS H 114 -33.63 36.13 -35.58
C LYS H 114 -34.44 37.20 -34.86
N ARG H 115 -34.24 38.46 -35.26
CA ARG H 115 -35.02 39.55 -34.70
C ARG H 115 -35.21 40.64 -35.76
N THR H 116 -36.08 41.58 -35.45
CA THR H 116 -36.30 42.73 -36.34
C THR H 116 -35.05 43.59 -36.43
N VAL H 117 -34.90 44.29 -37.55
CA VAL H 117 -33.74 45.14 -37.78
C VAL H 117 -33.68 46.28 -36.75
N ALA H 118 -32.47 46.76 -36.49
CA ALA H 118 -32.24 47.86 -35.57
C ALA H 118 -31.07 48.70 -36.07
N ALA H 119 -31.33 49.95 -36.41
CA ALA H 119 -30.27 50.83 -36.90
C ALA H 119 -29.34 51.22 -35.77
N PRO H 120 -28.01 51.16 -35.97
CA PRO H 120 -27.08 51.59 -34.91
C PRO H 120 -26.96 53.09 -34.84
N SER H 121 -27.05 53.64 -33.62
CA SER H 121 -26.70 55.03 -33.39
C SER H 121 -25.19 55.16 -33.29
N VAL H 122 -24.59 55.94 -34.19
CA VAL H 122 -23.14 56.02 -34.32
C VAL H 122 -22.64 57.34 -33.75
N PHE H 123 -21.64 57.27 -32.89
CA PHE H 123 -20.96 58.43 -32.32
C PHE H 123 -19.47 58.17 -32.27
N ILE H 124 -18.68 59.19 -32.57
CA ILE H 124 -17.22 59.07 -32.70
C ILE H 124 -16.55 59.72 -31.49
N PHE H 125 -15.40 59.17 -31.11
CA PHE H 125 -14.67 59.59 -29.91
C PHE H 125 -13.26 60.02 -30.29
N PRO H 126 -12.91 61.31 -30.16
CA PRO H 126 -11.56 61.76 -30.52
C PRO H 126 -10.52 61.25 -29.53
N PRO H 127 -9.24 61.25 -29.91
CA PRO H 127 -8.19 60.80 -28.98
C PRO H 127 -7.99 61.79 -27.84
N SER H 128 -8.03 61.27 -26.61
CA SER H 128 -7.79 62.10 -25.44
C SER H 128 -6.38 62.68 -25.47
N ASP H 129 -6.25 63.92 -25.01
CA ASP H 129 -4.96 64.61 -25.05
C ASP H 129 -3.87 63.88 -24.27
N GLU H 130 -4.25 63.10 -23.25
CA GLU H 130 -3.25 62.36 -22.48
C GLU H 130 -2.50 61.39 -23.39
N GLN H 131 -3.21 60.74 -24.32
CA GLN H 131 -2.56 59.91 -25.32
C GLN H 131 -1.81 60.76 -26.34
N LEU H 132 -2.38 61.91 -26.71
CA LEU H 132 -1.82 62.73 -27.77
C LEU H 132 -0.34 63.04 -27.57
N LYS H 133 0.08 63.26 -26.32
CA LYS H 133 1.50 63.51 -26.05
C LYS H 133 2.33 62.24 -25.98
N SER H 134 1.69 61.09 -25.70
CA SER H 134 2.42 59.83 -25.69
C SER H 134 3.15 59.60 -27.01
N GLY H 135 2.48 59.88 -28.12
CA GLY H 135 3.06 59.68 -29.43
C GLY H 135 2.07 59.19 -30.47
N THR H 136 1.00 58.54 -30.03
CA THR H 136 -0.03 58.04 -30.93
C THR H 136 -1.33 58.82 -30.73
N ALA H 137 -2.27 58.57 -31.64
CA ALA H 137 -3.58 59.21 -31.60
C ALA H 137 -4.57 58.22 -32.20
N SER H 138 -5.51 57.75 -31.38
CA SER H 138 -6.49 56.76 -31.79
C SER H 138 -7.88 57.40 -31.82
N VAL H 139 -8.45 57.52 -33.02
CA VAL H 139 -9.84 57.92 -33.17
C VAL H 139 -10.69 56.66 -33.30
N VAL H 140 -11.79 56.60 -32.54
CA VAL H 140 -12.60 55.40 -32.43
C VAL H 140 -14.04 55.73 -32.85
N CYS H 141 -14.64 54.83 -33.63
CA CYS H 141 -16.03 54.95 -34.07
C CYS H 141 -16.83 53.75 -33.57
N LEU H 142 -18.03 54.00 -33.03
CA LEU H 142 -18.83 52.99 -32.35
C LEU H 142 -20.19 52.85 -33.01
N LEU H 143 -20.46 51.65 -33.54
CA LEU H 143 -21.81 51.24 -33.92
C LEU H 143 -22.42 50.48 -32.76
N ASN H 144 -23.60 50.92 -32.32
CA ASN H 144 -24.18 50.43 -31.06
C ASN H 144 -25.56 49.83 -31.31
N ASN H 145 -25.74 48.60 -30.84
CA ASN H 145 -27.05 47.93 -30.78
C ASN H 145 -27.72 47.92 -32.15
N PHE H 146 -27.21 47.06 -33.02
CA PHE H 146 -27.71 46.92 -34.37
C PHE H 146 -27.93 45.45 -34.71
N TYR H 147 -28.64 45.23 -35.81
CA TYR H 147 -28.93 43.90 -36.34
C TYR H 147 -29.42 44.07 -37.78
N PRO H 148 -29.06 43.16 -38.71
CA PRO H 148 -28.22 41.98 -38.55
C PRO H 148 -26.73 42.28 -38.53
N ARG H 149 -25.90 41.24 -38.48
CA ARG H 149 -24.45 41.40 -38.41
C ARG H 149 -23.89 41.79 -39.78
N GLU H 150 -24.27 42.98 -40.21
CA GLU H 150 -23.80 43.54 -41.47
C GLU H 150 -23.49 45.01 -41.24
N ALA H 151 -22.25 45.41 -41.50
CA ALA H 151 -21.85 46.79 -41.27
C ALA H 151 -20.62 47.11 -42.09
N LYS H 152 -20.61 48.30 -42.67
CA LYS H 152 -19.48 48.83 -43.41
C LYS H 152 -19.06 50.13 -42.74
N VAL H 153 -17.87 50.15 -42.17
CA VAL H 153 -17.30 51.35 -41.59
C VAL H 153 -16.30 51.94 -42.57
N GLN H 154 -16.30 53.26 -42.70
CA GLN H 154 -15.34 53.95 -43.54
C GLN H 154 -14.75 55.11 -42.76
N TRP H 155 -13.43 55.24 -42.82
CA TRP H 155 -12.73 56.35 -42.21
C TRP H 155 -12.40 57.37 -43.29
N LYS H 156 -12.85 58.60 -43.10
CA LYS H 156 -12.57 59.68 -44.03
C LYS H 156 -11.73 60.73 -43.33
N VAL H 157 -10.55 60.98 -43.88
CA VAL H 157 -9.63 61.98 -43.37
C VAL H 157 -9.64 63.12 -44.38
N ASP H 158 -10.25 64.25 -43.99
CA ASP H 158 -10.59 65.32 -44.92
C ASP H 158 -11.48 64.79 -46.04
N ASN H 159 -12.42 63.92 -45.68
CA ASN H 159 -13.40 63.28 -46.56
C ASN H 159 -12.77 62.33 -47.57
N ALA H 160 -11.48 62.01 -47.42
CA ALA H 160 -10.79 61.07 -48.29
C ALA H 160 -10.87 59.67 -47.70
N LEU H 161 -11.24 58.70 -48.53
CA LEU H 161 -11.45 57.34 -48.06
C LEU H 161 -10.13 56.65 -47.72
N GLN H 162 -10.01 56.21 -46.47
CA GLN H 162 -8.84 55.51 -45.98
C GLN H 162 -9.10 54.01 -45.91
N SER H 163 -8.07 53.22 -46.22
CA SER H 163 -8.18 51.77 -46.20
C SER H 163 -6.88 51.19 -45.65
N GLY H 164 -7.02 50.05 -44.96
CA GLY H 164 -5.86 49.36 -44.42
C GLY H 164 -5.11 50.10 -43.34
N ASN H 165 -5.81 50.88 -42.52
CA ASN H 165 -5.17 51.59 -41.42
C ASN H 165 -6.04 51.59 -40.16
N SER H 166 -6.98 50.65 -40.06
CA SER H 166 -7.88 50.55 -38.92
C SER H 166 -8.29 49.10 -38.74
N GLN H 167 -8.67 48.76 -37.52
CA GLN H 167 -9.18 47.44 -37.19
C GLN H 167 -10.51 47.58 -36.47
N GLU H 168 -11.36 46.56 -36.61
CA GLU H 168 -12.65 46.55 -35.95
C GLU H 168 -12.87 45.21 -35.26
N SER H 169 -13.85 45.19 -34.36
CA SER H 169 -14.20 44.00 -33.58
C SER H 169 -15.62 44.17 -33.07
N VAL H 170 -16.40 43.09 -33.13
CA VAL H 170 -17.83 43.13 -32.86
C VAL H 170 -18.15 42.22 -31.68
N THR H 171 -19.11 42.63 -30.87
CA THR H 171 -19.56 41.84 -29.73
C THR H 171 -20.50 40.73 -30.18
N GLU H 172 -20.56 39.66 -29.38
CA GLU H 172 -21.56 38.62 -29.59
C GLU H 172 -22.94 39.15 -29.27
N GLN H 173 -23.95 38.53 -29.88
CA GLN H 173 -25.34 38.91 -29.67
C GLN H 173 -25.65 39.09 -28.19
N ASP H 174 -26.27 40.22 -27.87
CA ASP H 174 -26.70 40.45 -26.49
C ASP H 174 -27.86 39.52 -26.15
N SER H 175 -27.88 39.08 -24.89
CA SER H 175 -28.89 38.14 -24.44
C SER H 175 -30.21 38.81 -24.07
N LYS H 176 -30.29 40.13 -24.21
CA LYS H 176 -31.50 40.89 -23.90
C LYS H 176 -32.24 41.35 -25.14
N ASP H 177 -31.54 41.98 -26.09
CA ASP H 177 -32.16 42.51 -27.28
C ASP H 177 -31.62 41.92 -28.58
N SER H 178 -30.71 40.95 -28.50
CA SER H 178 -30.22 40.22 -29.67
C SER H 178 -29.53 41.13 -30.68
N THR H 179 -28.89 42.18 -30.20
CA THR H 179 -28.22 43.15 -31.07
C THR H 179 -26.72 42.98 -31.00
N TYR H 180 -26.03 43.62 -31.93
CA TYR H 180 -24.58 43.68 -31.98
C TYR H 180 -24.10 45.09 -31.69
N SER H 181 -22.80 45.19 -31.42
CA SER H 181 -22.12 46.47 -31.32
C SER H 181 -20.71 46.31 -31.90
N LEU H 182 -20.27 47.32 -32.66
CA LEU H 182 -19.06 47.24 -33.43
C LEU H 182 -18.23 48.50 -33.20
N SER H 183 -16.95 48.32 -32.87
CA SER H 183 -16.01 49.42 -32.69
C SER H 183 -14.89 49.33 -33.72
N SER H 184 -14.65 50.42 -34.43
CA SER H 184 -13.52 50.55 -35.35
C SER H 184 -12.53 51.55 -34.79
N THR H 185 -11.26 51.18 -34.73
CA THR H 185 -10.23 51.98 -34.09
C THR H 185 -9.22 52.44 -35.14
N LEU H 186 -9.34 53.69 -35.56
CA LEU H 186 -8.36 54.30 -36.46
C LEU H 186 -7.16 54.78 -35.64
N THR H 187 -6.01 54.17 -35.88
CA THR H 187 -4.78 54.50 -35.16
C THR H 187 -3.84 55.28 -36.08
N LEU H 188 -3.37 56.43 -35.59
CA LEU H 188 -2.46 57.27 -36.35
C LEU H 188 -1.43 57.89 -35.41
N SER H 189 -0.25 58.16 -35.96
CA SER H 189 0.79 58.88 -35.24
C SER H 189 0.33 60.30 -34.90
N LYS H 190 0.85 60.83 -33.79
CA LYS H 190 0.50 62.19 -33.37
C LYS H 190 0.75 63.19 -34.49
N ALA H 191 1.83 63.02 -35.25
CA ALA H 191 2.11 63.90 -36.37
C ALA H 191 0.96 63.87 -37.38
N ASP H 192 0.59 62.67 -37.84
CA ASP H 192 -0.42 62.54 -38.88
C ASP H 192 -1.79 63.07 -38.43
N TYR H 193 -2.09 62.98 -37.14
CA TYR H 193 -3.37 63.49 -36.65
C TYR H 193 -3.46 65.00 -36.89
N GLU H 194 -2.37 65.73 -36.63
CA GLU H 194 -2.35 67.17 -36.81
C GLU H 194 -2.32 67.58 -38.28
N LYS H 195 -1.89 66.68 -39.18
CA LYS H 195 -1.73 66.98 -40.59
C LYS H 195 -3.06 67.19 -41.32
N HIS H 196 -4.20 66.97 -40.65
CA HIS H 196 -5.50 67.05 -41.30
C HIS H 196 -6.49 67.72 -40.37
N LYS H 197 -7.68 68.03 -40.91
CA LYS H 197 -8.67 68.82 -40.21
C LYS H 197 -9.96 68.04 -39.92
N VAL H 198 -10.62 67.50 -40.95
CA VAL H 198 -11.94 66.90 -40.83
C VAL H 198 -11.78 65.38 -40.70
N TYR H 199 -12.21 64.84 -39.57
CA TYR H 199 -12.22 63.39 -39.35
C TYR H 199 -13.66 62.91 -39.32
N ALA H 200 -14.03 62.04 -40.26
CA ALA H 200 -15.40 61.60 -40.43
C ALA H 200 -15.46 60.08 -40.39
N CYS H 201 -16.54 59.55 -39.81
CA CYS H 201 -16.81 58.12 -39.78
C CYS H 201 -18.14 57.86 -40.51
N GLU H 202 -18.09 57.04 -41.55
CA GLU H 202 -19.25 56.76 -42.39
C GLU H 202 -19.69 55.32 -42.17
N VAL H 203 -20.94 55.14 -41.77
CA VAL H 203 -21.48 53.83 -41.40
C VAL H 203 -22.60 53.47 -42.37
N THR H 204 -22.50 52.29 -42.98
CA THR H 204 -23.54 51.71 -43.80
C THR H 204 -24.20 50.55 -43.06
N HIS H 205 -25.52 50.62 -42.92
CA HIS H 205 -26.27 49.56 -42.24
C HIS H 205 -27.66 49.45 -42.84
N GLN H 206 -28.17 48.22 -42.90
CA GLN H 206 -29.48 47.97 -43.49
C GLN H 206 -30.57 48.82 -42.85
N GLY H 207 -30.52 48.98 -41.52
CA GLY H 207 -31.53 49.77 -40.84
C GLY H 207 -31.55 51.24 -41.21
N LEU H 208 -30.45 51.75 -41.76
CA LEU H 208 -30.36 53.13 -42.20
C LEU H 208 -30.64 53.18 -43.70
N SER H 209 -31.64 53.97 -44.10
CA SER H 209 -31.95 54.12 -45.52
C SER H 209 -30.76 54.66 -46.31
N SER H 210 -29.87 55.41 -45.66
CA SER H 210 -28.68 55.96 -46.29
C SER H 210 -27.55 56.01 -45.28
N PRO H 211 -26.31 55.82 -45.70
CA PRO H 211 -25.19 55.87 -44.75
C PRO H 211 -25.12 57.19 -43.99
N VAL H 212 -24.86 57.08 -42.69
CA VAL H 212 -24.73 58.22 -41.80
C VAL H 212 -23.25 58.51 -41.58
N THR H 213 -22.89 59.79 -41.61
CA THR H 213 -21.52 60.22 -41.36
C THR H 213 -21.49 61.10 -40.11
N LYS H 214 -20.70 60.69 -39.13
CA LYS H 214 -20.41 61.50 -37.95
C LYS H 214 -18.97 61.98 -38.01
N SER H 215 -18.77 63.29 -37.84
CA SER H 215 -17.46 63.91 -38.05
C SER H 215 -17.20 64.98 -37.00
N PHE H 216 -15.96 65.48 -37.00
CA PHE H 216 -15.54 66.54 -36.10
C PHE H 216 -14.33 67.24 -36.71
N ASN H 217 -13.99 68.40 -36.13
CA ASN H 217 -12.81 69.15 -36.56
C ASN H 217 -11.73 69.16 -35.47
N GLU I 1 -18.44 13.74 -15.72
CA GLU I 1 -17.58 14.91 -15.90
C GLU I 1 -16.87 14.83 -17.25
N VAL I 2 -16.15 15.91 -17.61
CA VAL I 2 -15.35 15.86 -18.83
C VAL I 2 -14.19 14.90 -18.63
N GLN I 3 -13.91 14.10 -19.65
CA GLN I 3 -12.99 12.98 -19.53
C GLN I 3 -11.63 13.25 -20.18
N LEU I 4 -11.45 14.42 -20.79
CA LEU I 4 -10.17 14.82 -21.38
C LEU I 4 -9.86 16.24 -20.96
N VAL I 5 -8.64 16.47 -20.46
CA VAL I 5 -8.19 17.79 -20.03
C VAL I 5 -6.81 18.05 -20.59
N GLU I 6 -6.64 19.23 -21.18
CA GLU I 6 -5.38 19.65 -21.79
C GLU I 6 -4.60 20.54 -20.84
N SER I 7 -3.28 20.53 -20.99
CA SER I 7 -2.41 21.42 -20.22
C SER I 7 -1.13 21.64 -21.01
N GLY I 8 -0.34 22.60 -20.55
CA GLY I 8 0.92 22.93 -21.19
C GLY I 8 0.88 24.10 -22.15
N GLY I 9 -0.30 24.68 -22.37
CA GLY I 9 -0.38 25.86 -23.21
C GLY I 9 0.01 27.12 -22.47
N GLY I 10 0.38 28.13 -23.24
CA GLY I 10 0.82 29.39 -22.64
C GLY I 10 1.50 30.27 -23.67
N LEU I 11 2.41 31.11 -23.18
CA LEU I 11 3.15 32.03 -24.04
C LEU I 11 4.48 31.42 -24.44
N VAL I 12 4.82 31.57 -25.71
CA VAL I 12 6.03 30.99 -26.28
C VAL I 12 6.50 31.88 -27.42
N GLN I 13 7.82 32.07 -27.52
CA GLN I 13 8.40 32.94 -28.52
C GLN I 13 8.54 32.22 -29.87
N PRO I 14 8.45 32.96 -30.97
CA PRO I 14 8.53 32.33 -32.30
C PRO I 14 9.82 31.54 -32.47
N GLY I 15 9.74 30.48 -33.26
CA GLY I 15 10.84 29.55 -33.37
C GLY I 15 11.07 28.70 -32.14
N GLY I 16 10.20 28.80 -31.12
CA GLY I 16 10.40 28.11 -29.87
C GLY I 16 9.83 26.71 -29.86
N SER I 17 9.74 26.15 -28.64
CA SER I 17 9.23 24.81 -28.42
C SER I 17 8.20 24.82 -27.29
N LEU I 18 7.38 23.78 -27.27
CA LEU I 18 6.34 23.62 -26.27
C LEU I 18 5.74 22.23 -26.36
N ARG I 19 5.44 21.59 -25.24
CA ARG I 19 4.78 20.29 -25.25
C ARG I 19 3.42 20.40 -24.58
N LEU I 20 2.41 19.82 -25.22
CA LEU I 20 1.06 19.77 -24.71
C LEU I 20 0.75 18.38 -24.21
N SER I 21 -0.11 18.31 -23.20
CA SER I 21 -0.47 17.04 -22.59
C SER I 21 -1.98 16.99 -22.42
N CYS I 22 -2.54 15.81 -22.67
CA CYS I 22 -3.98 15.58 -22.64
C CYS I 22 -4.20 14.32 -21.81
N ALA I 23 -4.77 14.47 -20.62
CA ALA I 23 -4.88 13.38 -19.67
C ALA I 23 -6.29 12.82 -19.70
N ALA I 24 -6.41 11.53 -20.04
CA ALA I 24 -7.71 10.88 -20.09
C ALA I 24 -8.03 10.23 -18.75
N SER I 25 -9.30 10.26 -18.39
CA SER I 25 -9.74 9.74 -17.10
C SER I 25 -11.20 9.32 -17.23
N GLY I 26 -11.52 8.12 -16.73
CA GLY I 26 -12.87 7.61 -16.71
C GLY I 26 -13.13 6.48 -17.68
N PHE I 27 -12.28 6.31 -18.68
CA PHE I 27 -12.44 5.21 -19.64
C PHE I 27 -11.08 4.56 -19.86
N THR I 28 -11.06 3.57 -20.76
CA THR I 28 -9.84 2.85 -21.10
C THR I 28 -9.14 3.61 -22.23
N PHE I 29 -8.14 4.40 -21.86
CA PHE I 29 -7.42 5.23 -22.83
C PHE I 29 -6.69 4.38 -23.86
N SER I 30 -6.25 3.18 -23.50
CA SER I 30 -5.47 2.34 -24.40
C SER I 30 -6.32 1.70 -25.49
N SER I 31 -7.65 1.88 -25.49
CA SER I 31 -8.51 1.22 -26.46
C SER I 31 -8.94 2.12 -27.61
N TYR I 32 -8.64 3.42 -27.55
CA TYR I 32 -9.08 4.38 -28.56
C TYR I 32 -7.88 5.07 -29.21
N SER I 33 -8.10 5.57 -30.42
CA SER I 33 -7.13 6.47 -31.05
C SER I 33 -7.41 7.91 -30.64
N MET I 34 -6.43 8.78 -30.88
CA MET I 34 -6.50 10.15 -30.37
C MET I 34 -6.14 11.16 -31.45
N ASN I 35 -6.75 12.34 -31.34
CA ASN I 35 -6.56 13.43 -32.30
C ASN I 35 -6.26 14.73 -31.56
N TRP I 36 -5.52 15.60 -32.23
CA TRP I 36 -5.35 16.99 -31.80
C TRP I 36 -6.04 17.91 -32.81
N VAL I 37 -6.88 18.80 -32.33
CA VAL I 37 -7.63 19.73 -33.18
C VAL I 37 -7.55 21.13 -32.58
N ARG I 38 -7.06 22.09 -33.37
CA ARG I 38 -6.87 23.47 -32.91
C ARG I 38 -7.81 24.43 -33.62
N GLN I 39 -8.07 25.56 -32.97
CA GLN I 39 -8.92 26.63 -33.50
C GLN I 39 -8.20 27.95 -33.32
N ALA I 40 -7.72 28.52 -34.43
CA ALA I 40 -7.09 29.83 -34.39
C ALA I 40 -8.10 30.91 -33.99
N PRO I 41 -7.65 31.98 -33.35
CA PRO I 41 -8.57 33.06 -32.96
C PRO I 41 -9.35 33.58 -34.16
N GLY I 42 -10.67 33.55 -34.05
CA GLY I 42 -11.54 33.98 -35.12
C GLY I 42 -11.77 32.94 -36.20
N LYS I 43 -10.84 32.02 -36.40
CA LYS I 43 -10.99 31.03 -37.46
C LYS I 43 -11.78 29.83 -36.93
N GLY I 44 -11.90 28.80 -37.75
CA GLY I 44 -12.61 27.59 -37.42
C GLY I 44 -11.67 26.46 -37.05
N LEU I 45 -12.19 25.24 -37.15
CA LEU I 45 -11.46 24.07 -36.68
C LEU I 45 -10.50 23.56 -37.75
N GLU I 46 -9.35 23.05 -37.29
CA GLU I 46 -8.29 22.56 -38.15
C GLU I 46 -7.64 21.36 -37.50
N TRP I 47 -7.72 20.21 -38.16
CA TRP I 47 -7.13 19.00 -37.61
C TRP I 47 -5.61 19.06 -37.69
N VAL I 48 -4.94 18.47 -36.69
CA VAL I 48 -3.49 18.60 -36.58
C VAL I 48 -2.78 17.24 -36.72
N SER I 49 -3.11 16.27 -35.87
CA SER I 49 -2.41 14.99 -35.94
C SER I 49 -3.26 13.89 -35.33
N TYR I 50 -2.79 12.65 -35.52
CA TYR I 50 -3.53 11.44 -35.13
C TYR I 50 -2.56 10.37 -34.65
N ILE I 51 -2.98 9.59 -33.66
CA ILE I 51 -2.22 8.45 -33.16
C ILE I 51 -3.15 7.26 -32.99
N SER I 52 -2.73 6.09 -33.47
CA SER I 52 -3.51 4.88 -33.28
C SER I 52 -3.44 4.45 -31.82
N SER I 53 -4.22 3.42 -31.48
CA SER I 53 -4.23 2.90 -30.12
C SER I 53 -2.87 2.33 -29.74
N SER I 54 -2.30 1.49 -30.62
CA SER I 54 -0.98 0.89 -30.40
C SER I 54 0.16 1.89 -30.54
N SER I 55 -0.13 3.16 -30.86
CA SER I 55 0.88 4.17 -31.16
C SER I 55 1.82 3.72 -32.27
N SER I 56 1.29 2.98 -33.24
CA SER I 56 2.08 2.42 -34.34
C SER I 56 1.85 3.11 -35.68
N THR I 57 0.80 3.92 -35.82
CA THR I 57 0.55 4.66 -37.05
C THR I 57 0.20 6.10 -36.68
N ILE I 58 0.99 7.04 -37.20
CA ILE I 58 0.88 8.46 -36.88
C ILE I 58 0.73 9.25 -38.18
N TYR I 59 -0.19 10.21 -38.18
CA TYR I 59 -0.39 11.11 -39.31
C TYR I 59 -0.50 12.54 -38.80
N TYR I 60 0.23 13.45 -39.46
CA TYR I 60 0.13 14.89 -39.25
C TYR I 60 -0.52 15.53 -40.48
N ALA I 61 -0.80 16.82 -40.36
CA ALA I 61 -1.32 17.58 -41.49
C ALA I 61 -0.17 17.92 -42.43
N ASP I 62 -0.38 18.89 -43.32
CA ASP I 62 0.72 19.49 -44.05
C ASP I 62 1.20 20.78 -43.42
N SER I 63 0.33 21.47 -42.69
CA SER I 63 0.68 22.73 -42.06
C SER I 63 1.62 22.56 -40.88
N VAL I 64 1.60 21.39 -40.24
CA VAL I 64 2.44 21.15 -39.07
C VAL I 64 3.53 20.10 -39.30
N LYS I 65 3.51 19.38 -40.42
CA LYS I 65 4.47 18.30 -40.59
C LYS I 65 5.90 18.84 -40.54
N GLY I 66 6.81 18.01 -40.02
CA GLY I 66 8.18 18.40 -39.84
C GLY I 66 8.45 19.26 -38.63
N ARG I 67 7.41 19.79 -38.00
CA ARG I 67 7.53 20.66 -36.83
C ARG I 67 6.85 20.10 -35.59
N PHE I 68 5.70 19.45 -35.75
CA PHE I 68 5.00 18.84 -34.63
C PHE I 68 5.29 17.35 -34.58
N THR I 69 5.32 16.82 -33.35
CA THR I 69 5.51 15.39 -33.14
C THR I 69 4.57 14.96 -32.03
N ILE I 70 3.61 14.10 -32.36
CA ILE I 70 2.61 13.64 -31.41
C ILE I 70 3.00 12.27 -30.90
N SER I 71 2.73 12.03 -29.61
CA SER I 71 3.08 10.77 -28.95
C SER I 71 2.09 10.52 -27.83
N ARG I 72 2.07 9.27 -27.34
CA ARG I 72 1.18 8.88 -26.26
C ARG I 72 1.91 7.94 -25.32
N ASP I 73 1.42 7.87 -24.08
CA ASP I 73 1.93 6.95 -23.05
C ASP I 73 0.72 6.30 -22.39
N ASN I 74 0.35 5.11 -22.87
CA ASN I 74 -0.88 4.47 -22.40
C ASN I 74 -0.82 4.14 -20.91
N ALA I 75 0.36 3.83 -20.39
CA ALA I 75 0.47 3.53 -18.97
C ALA I 75 0.16 4.75 -18.11
N LYS I 76 0.39 5.95 -18.64
CA LYS I 76 0.09 7.19 -17.93
C LYS I 76 -1.23 7.82 -18.36
N ASN I 77 -2.00 7.15 -19.22
CA ASN I 77 -3.32 7.63 -19.65
C ASN I 77 -3.26 9.09 -20.12
N SER I 78 -2.25 9.41 -20.92
CA SER I 78 -2.06 10.79 -21.37
C SER I 78 -1.53 10.81 -22.79
N LEU I 79 -1.88 11.87 -23.52
CA LEU I 79 -1.46 12.11 -24.90
C LEU I 79 -0.60 13.36 -24.95
N TYR I 80 0.47 13.32 -25.75
CA TYR I 80 1.42 14.42 -25.83
C TYR I 80 1.50 14.96 -27.26
N LEU I 81 1.92 16.23 -27.36
CA LEU I 81 2.14 16.86 -28.65
C LEU I 81 3.30 17.85 -28.50
N GLN I 82 4.44 17.52 -29.10
CA GLN I 82 5.63 18.37 -29.07
C GLN I 82 5.57 19.34 -30.24
N MET I 83 5.60 20.64 -29.94
CA MET I 83 5.48 21.68 -30.95
C MET I 83 6.82 22.38 -31.09
N ASN I 84 7.55 22.06 -32.16
CA ASN I 84 8.82 22.69 -32.44
C ASN I 84 8.66 23.74 -33.54
N SER I 85 9.59 24.69 -33.57
CA SER I 85 9.62 25.74 -34.58
C SER I 85 8.24 26.40 -34.69
N LEU I 86 7.76 26.90 -33.55
CA LEU I 86 6.44 27.52 -33.53
C LEU I 86 6.47 28.86 -34.23
N ARG I 87 5.42 29.13 -35.00
CA ARG I 87 5.25 30.37 -35.73
C ARG I 87 4.01 31.09 -35.19
N ALA I 88 3.86 32.36 -35.59
CA ALA I 88 2.81 33.19 -35.01
C ALA I 88 1.42 32.69 -35.37
N GLU I 89 1.27 32.10 -36.56
CA GLU I 89 -0.04 31.56 -36.95
C GLU I 89 -0.38 30.26 -36.22
N ASP I 90 0.53 29.71 -35.42
CA ASP I 90 0.21 28.55 -34.59
C ASP I 90 -0.57 28.94 -33.34
N THR I 91 -0.74 30.24 -33.09
CA THR I 91 -1.54 30.69 -31.97
C THR I 91 -2.97 30.19 -32.12
N ALA I 92 -3.42 29.36 -31.18
CA ALA I 92 -4.75 28.75 -31.27
C ALA I 92 -5.05 28.04 -29.96
N VAL I 93 -6.31 27.68 -29.79
CA VAL I 93 -6.73 26.82 -28.68
C VAL I 93 -6.64 25.38 -29.18
N TYR I 94 -5.88 24.56 -28.45
CA TYR I 94 -5.61 23.19 -28.89
C TYR I 94 -6.47 22.21 -28.11
N TYR I 95 -7.36 21.53 -28.81
CA TYR I 95 -8.23 20.50 -28.24
C TYR I 95 -7.65 19.12 -28.51
N CYS I 96 -7.96 18.17 -27.64
CA CYS I 96 -7.73 16.76 -27.91
C CYS I 96 -9.08 16.05 -27.95
N ALA I 97 -9.28 15.24 -28.97
CA ALA I 97 -10.50 14.49 -29.14
C ALA I 97 -10.17 13.08 -29.58
N SER I 98 -11.02 12.13 -29.19
CA SER I 98 -10.79 10.72 -29.48
C SER I 98 -11.86 10.22 -30.45
N PRO I 99 -11.51 9.90 -31.69
CA PRO I 99 -12.49 9.31 -32.60
C PRO I 99 -12.81 7.87 -32.21
N GLY I 100 -14.04 7.47 -32.54
CA GLY I 100 -14.42 6.09 -32.38
C GLY I 100 -13.84 5.19 -33.45
N GLY I 101 -13.68 3.92 -33.11
CA GLY I 101 -13.11 2.95 -34.02
C GLY I 101 -11.92 2.24 -33.40
N ILE I 102 -11.53 1.11 -33.99
CA ILE I 102 -10.44 0.28 -33.47
C ILE I 102 -9.39 0.14 -34.57
N THR I 103 -8.13 0.33 -34.20
CA THR I 103 -7.01 0.03 -35.08
C THR I 103 -6.47 -1.35 -34.76
N ALA I 104 -5.94 -2.03 -35.78
CA ALA I 104 -5.45 -3.39 -35.60
C ALA I 104 -4.30 -3.63 -36.57
N ALA I 105 -3.45 -4.58 -36.21
CA ALA I 105 -2.29 -4.95 -37.01
C ALA I 105 -1.51 -3.72 -37.44
N GLY I 106 -1.07 -3.69 -38.70
CA GLY I 106 -0.39 -2.53 -39.24
C GLY I 106 -1.09 -2.00 -40.46
N THR I 107 -2.30 -1.47 -40.28
CA THR I 107 -3.08 -0.96 -41.41
C THR I 107 -3.49 0.49 -41.20
N SER I 108 -3.96 0.81 -40.00
CA SER I 108 -4.44 2.15 -39.63
C SER I 108 -5.66 2.58 -40.45
N VAL I 109 -6.75 1.83 -40.35
CA VAL I 109 -8.06 2.27 -40.82
C VAL I 109 -9.04 2.06 -39.68
N LEU I 110 -9.80 3.10 -39.35
CA LEU I 110 -10.70 3.06 -38.20
C LEU I 110 -11.88 2.15 -38.52
N PHE I 111 -11.85 0.94 -37.95
CA PHE I 111 -12.94 -0.02 -38.14
C PHE I 111 -14.09 0.37 -37.23
N GLY I 112 -15.26 0.61 -37.81
CA GLY I 112 -16.42 1.03 -37.03
C GLY I 112 -16.29 2.43 -36.48
N TYR I 113 -15.94 3.39 -37.34
CA TYR I 113 -15.87 4.79 -36.95
C TYR I 113 -17.24 5.31 -36.56
N TYR I 114 -17.29 6.14 -35.51
CA TYR I 114 -18.55 6.78 -35.13
C TYR I 114 -18.34 8.21 -34.61
N GLY I 115 -17.25 8.86 -35.03
CA GLY I 115 -17.04 10.25 -34.73
C GLY I 115 -16.16 10.49 -33.52
N MET I 116 -15.81 11.75 -33.32
CA MET I 116 -15.12 12.19 -32.12
C MET I 116 -16.19 12.60 -31.11
N ASP I 117 -16.60 11.64 -30.27
CA ASP I 117 -17.64 11.90 -29.29
C ASP I 117 -17.12 12.54 -28.01
N VAL I 118 -15.84 12.42 -27.71
CA VAL I 118 -15.24 13.00 -26.51
C VAL I 118 -14.24 14.09 -26.92
N TRP I 119 -14.38 15.28 -26.34
CA TRP I 119 -13.46 16.37 -26.57
C TRP I 119 -13.00 16.93 -25.22
N GLY I 120 -11.76 17.41 -25.20
CA GLY I 120 -11.24 18.08 -24.03
C GLY I 120 -11.74 19.50 -23.92
N GLN I 121 -11.35 20.16 -22.83
CA GLN I 121 -11.70 21.55 -22.64
C GLN I 121 -10.84 22.48 -23.48
N GLY I 122 -9.66 22.03 -23.90
CA GLY I 122 -8.77 22.82 -24.72
C GLY I 122 -7.83 23.69 -23.90
N THR I 123 -6.59 23.82 -24.36
CA THR I 123 -5.61 24.73 -23.79
C THR I 123 -5.17 25.71 -24.87
N THR I 124 -4.84 26.93 -24.46
CA THR I 124 -4.52 28.01 -25.39
C THR I 124 -3.00 28.20 -25.49
N VAL I 125 -2.51 28.34 -26.71
CA VAL I 125 -1.10 28.59 -26.99
C VAL I 125 -1.00 29.91 -27.73
N THR I 126 -0.16 30.82 -27.22
CA THR I 126 0.04 32.13 -27.84
C THR I 126 1.50 32.26 -28.24
N VAL I 127 1.74 32.46 -29.54
CA VAL I 127 3.09 32.57 -30.08
C VAL I 127 3.30 34.03 -30.49
N SER I 128 4.30 34.68 -29.86
CA SER I 128 4.55 36.09 -30.05
C SER I 128 5.87 36.47 -29.39
N SER I 129 6.65 37.31 -30.07
CA SER I 129 7.88 37.86 -29.52
C SER I 129 7.64 39.04 -28.59
N ALA I 130 6.39 39.46 -28.42
CA ALA I 130 6.10 40.67 -27.67
C ALA I 130 6.43 40.48 -26.20
N SER I 131 7.03 41.50 -25.60
CA SER I 131 7.34 41.49 -24.18
C SER I 131 6.12 41.94 -23.39
N THR I 132 6.05 41.45 -22.15
CA THR I 132 4.91 41.77 -21.27
C THR I 132 4.82 43.28 -21.05
N LYS I 133 3.63 43.83 -21.28
CA LYS I 133 3.42 45.28 -21.20
C LYS I 133 2.17 45.58 -20.38
N GLY I 134 1.97 46.86 -20.13
CA GLY I 134 0.80 47.35 -19.45
C GLY I 134 -0.06 48.22 -20.35
N PRO I 135 -1.37 48.22 -20.12
CA PRO I 135 -2.28 48.95 -21.02
C PRO I 135 -2.29 50.44 -20.71
N SER I 136 -2.02 51.25 -21.73
CA SER I 136 -2.16 52.70 -21.63
C SER I 136 -3.63 53.04 -21.87
N VAL I 137 -4.35 53.31 -20.78
CA VAL I 137 -5.79 53.52 -20.83
C VAL I 137 -6.08 54.99 -21.12
N PHE I 138 -6.95 55.25 -22.09
CA PHE I 138 -7.30 56.61 -22.48
C PHE I 138 -8.82 56.77 -22.63
N CYS I 156 -13.46 55.72 -23.18
CA CYS I 156 -12.39 54.93 -22.59
C CYS I 156 -11.83 53.95 -23.63
N LEU I 157 -10.51 53.91 -23.75
CA LEU I 157 -9.84 53.13 -24.80
C LEU I 157 -8.60 52.47 -24.21
N VAL I 158 -8.58 51.14 -24.19
CA VAL I 158 -7.47 50.36 -23.65
C VAL I 158 -6.61 49.92 -24.82
N LYS I 159 -5.40 50.48 -24.93
CA LYS I 159 -4.53 50.25 -26.07
C LYS I 159 -3.13 49.86 -25.61
N ASP I 160 -2.48 49.00 -26.39
CA ASP I 160 -1.09 48.63 -26.22
C ASP I 160 -0.83 47.92 -24.90
N TYR I 161 -1.08 46.62 -24.86
CA TYR I 161 -0.80 45.80 -23.69
C TYR I 161 -0.49 44.39 -24.15
N PHE I 162 0.09 43.61 -23.23
CA PHE I 162 0.45 42.23 -23.52
C PHE I 162 0.71 41.52 -22.21
N PRO I 163 0.23 40.28 -22.04
CA PRO I 163 -0.61 39.57 -23.02
C PRO I 163 -2.10 39.70 -22.72
N GLU I 164 -2.91 38.85 -23.36
CA GLU I 164 -4.33 38.80 -23.05
C GLU I 164 -4.57 38.15 -21.68
N PRO I 165 -5.64 38.55 -20.97
CA PRO I 165 -6.59 39.61 -21.30
C PRO I 165 -6.56 40.79 -20.33
N VAL I 166 -7.63 41.59 -20.32
CA VAL I 166 -7.82 42.66 -19.35
C VAL I 166 -9.25 42.60 -18.83
N THR I 167 -9.46 43.25 -17.68
CA THR I 167 -10.79 43.41 -17.10
C THR I 167 -11.06 44.90 -16.94
N VAL I 168 -12.24 45.34 -17.37
CA VAL I 168 -12.57 46.75 -17.45
C VAL I 168 -13.84 47.02 -16.66
N SER I 169 -13.97 48.26 -16.19
CA SER I 169 -15.18 48.70 -15.49
C SER I 169 -15.23 50.22 -15.54
N TRP I 170 -16.39 50.75 -15.14
CA TRP I 170 -16.60 52.19 -15.01
C TRP I 170 -16.94 52.54 -13.58
N ASN I 171 -16.30 53.60 -13.06
CA ASN I 171 -16.49 54.04 -11.68
C ASN I 171 -16.21 52.91 -10.68
N SER I 172 -15.15 52.15 -10.96
CA SER I 172 -14.69 51.07 -10.08
C SER I 172 -15.76 50.01 -9.86
N GLY I 173 -16.42 49.59 -10.95
CA GLY I 173 -17.39 48.52 -10.91
C GLY I 173 -18.80 48.96 -10.59
N ALA I 174 -18.96 49.97 -9.73
CA ALA I 174 -20.29 50.42 -9.31
C ALA I 174 -20.99 51.21 -10.40
N LEU I 175 -20.96 50.70 -11.64
CA LEU I 175 -21.57 51.34 -12.80
C LEU I 175 -21.49 50.36 -13.97
N THR I 176 -22.61 49.69 -14.29
CA THR I 176 -22.54 48.54 -15.20
C THR I 176 -23.48 48.63 -16.39
N SER I 177 -24.71 49.14 -16.20
CA SER I 177 -25.75 49.00 -17.20
C SER I 177 -25.40 49.74 -18.50
N GLY I 178 -25.79 49.13 -19.62
CA GLY I 178 -25.64 49.74 -20.93
C GLY I 178 -24.23 49.73 -21.48
N VAL I 179 -23.29 49.06 -20.82
CA VAL I 179 -21.90 49.09 -21.22
C VAL I 179 -21.67 48.13 -22.39
N HIS I 180 -20.52 48.25 -23.05
CA HIS I 180 -20.14 47.33 -24.13
C HIS I 180 -18.64 47.15 -24.10
N THR I 181 -18.19 45.97 -23.64
CA THR I 181 -16.79 45.60 -23.65
C THR I 181 -16.49 44.78 -24.90
N PHE I 182 -15.47 45.21 -25.69
CA PHE I 182 -15.23 44.59 -26.97
C PHE I 182 -14.08 43.59 -26.90
N PRO I 183 -14.10 42.59 -27.78
CA PRO I 183 -12.93 41.71 -27.91
C PRO I 183 -11.72 42.49 -28.39
N ALA I 184 -10.56 42.11 -27.88
CA ALA I 184 -9.34 42.80 -28.26
C ALA I 184 -8.97 42.49 -29.71
N VAL I 185 -8.14 43.35 -30.28
CA VAL I 185 -7.61 43.16 -31.63
C VAL I 185 -6.09 43.13 -31.52
N LEU I 186 -5.46 42.33 -32.38
CA LEU I 186 -4.01 42.21 -32.40
C LEU I 186 -3.44 43.18 -33.42
N GLN I 187 -2.86 44.27 -32.94
CA GLN I 187 -2.30 45.29 -33.81
C GLN I 187 -1.08 44.74 -34.55
N SER I 188 -0.66 45.48 -35.58
CA SER I 188 0.50 45.08 -36.35
C SER I 188 1.77 45.05 -35.51
N SER I 189 1.80 45.82 -34.40
CA SER I 189 2.95 45.82 -33.50
C SER I 189 3.11 44.52 -32.74
N GLY I 190 2.05 43.73 -32.62
CA GLY I 190 2.04 42.56 -31.76
C GLY I 190 1.38 42.77 -30.42
N LEU I 191 0.83 43.95 -30.17
CA LEU I 191 0.16 44.28 -28.93
C LEU I 191 -1.35 44.38 -29.15
N TYR I 192 -2.09 44.26 -28.06
CA TYR I 192 -3.55 44.19 -28.10
C TYR I 192 -4.17 45.54 -27.74
N SER I 193 -5.42 45.71 -28.17
CA SER I 193 -6.18 46.93 -27.90
C SER I 193 -7.65 46.63 -28.01
N LEU I 194 -8.44 47.10 -27.04
CA LEU I 194 -9.88 46.93 -27.05
C LEU I 194 -10.52 48.24 -26.62
N SER I 195 -11.84 48.23 -26.49
CA SER I 195 -12.59 49.41 -26.08
C SER I 195 -13.72 48.99 -25.17
N SER I 196 -14.08 49.89 -24.25
CA SER I 196 -15.19 49.68 -23.34
C SER I 196 -15.93 51.00 -23.14
N VAL I 197 -17.24 50.98 -23.35
CA VAL I 197 -18.03 52.20 -23.28
C VAL I 197 -19.19 52.05 -22.29
N ILE I 211 -14.80 59.08 -15.94
CA ILE I 211 -14.38 58.23 -14.84
C ILE I 211 -14.22 56.79 -15.32
N CYS I 212 -13.01 56.44 -15.75
CA CYS I 212 -12.71 55.08 -16.20
C CYS I 212 -11.53 54.53 -15.42
N ASN I 213 -11.61 53.25 -15.06
CA ASN I 213 -10.57 52.55 -14.33
C ASN I 213 -10.53 51.11 -14.82
N VAL I 214 -9.37 50.68 -15.31
CA VAL I 214 -9.20 49.36 -15.90
C VAL I 214 -8.10 48.63 -15.14
N ASN I 215 -8.16 47.30 -15.17
CA ASN I 215 -7.16 46.46 -14.53
C ASN I 215 -6.53 45.51 -15.55
N HIS I 216 -5.29 45.12 -15.29
CA HIS I 216 -4.54 44.19 -16.14
C HIS I 216 -3.77 43.26 -15.21
N LYS I 217 -4.29 42.05 -15.01
CA LYS I 217 -3.74 41.15 -14.00
C LYS I 217 -2.26 40.83 -14.19
N PRO I 218 -1.76 40.46 -15.39
CA PRO I 218 -0.33 40.09 -15.49
C PRO I 218 0.64 41.26 -15.50
N SER I 219 0.21 42.44 -15.02
CA SER I 219 1.11 43.58 -14.88
C SER I 219 0.54 44.63 -13.95
N ASN I 220 -0.54 44.29 -13.25
CA ASN I 220 -1.22 45.17 -12.29
C ASN I 220 -1.73 46.42 -13.02
N THR I 221 -1.90 47.53 -12.31
CA THR I 221 -2.41 48.77 -12.88
C THR I 221 -1.97 49.97 -12.07
C1 NAG J . 9.68 27.37 16.98
C2 NAG J . 8.23 27.86 17.11
C3 NAG J . 8.21 29.27 17.70
C4 NAG J . 8.98 29.31 19.02
C5 NAG J . 10.39 28.73 18.83
C6 NAG J . 11.14 28.59 20.13
C7 NAG J . 6.25 27.65 15.65
C8 NAG J . 5.74 27.67 14.24
N2 NAG J . 7.57 27.85 15.80
O3 NAG J . 6.86 29.68 17.93
O4 NAG J . 9.10 30.65 19.47
O5 NAG J . 10.30 27.41 18.27
O6 NAG J . 11.83 27.35 20.21
O7 NAG J . 5.51 27.45 16.61
S SO4 K . 2.79 10.03 -3.63
O1 SO4 K . 3.63 9.84 -2.45
O2 SO4 K . 1.52 9.35 -3.46
O3 SO4 K . 2.56 11.45 -3.84
O4 SO4 K . 3.49 9.48 -4.80
N NO3 L . 37.08 23.62 0.90
O1 NO3 L . 36.57 24.76 1.13
O2 NO3 L . 36.35 22.58 0.96
O3 NO3 L . 38.32 23.52 0.63
S SO4 M . 21.53 26.32 22.58
O1 SO4 M . 22.19 26.06 23.86
O2 SO4 M . 20.60 25.24 22.26
O3 SO4 M . 20.79 27.57 22.66
O4 SO4 M . 22.55 26.41 21.53
CL CL N . 34.50 34.82 7.71
N NO3 O . 28.61 15.08 -5.66
O1 NO3 O . 27.85 14.59 -4.76
O2 NO3 O . 29.72 14.53 -5.92
O3 NO3 O . 28.24 16.11 -6.28
S SO4 P . 41.53 10.82 62.20
O1 SO4 P . 42.10 10.70 63.54
O2 SO4 P . 40.13 10.43 62.23
O3 SO4 P . 41.63 12.21 61.76
O4 SO4 P . 42.26 9.96 61.28
CL CL Q . 31.24 29.70 0.02
C1 NAG R . -10.87 -21.84 19.70
C2 NAG R . -11.30 -20.55 20.43
C3 NAG R . -12.55 -20.78 21.28
C4 NAG R . -13.66 -21.42 20.46
C5 NAG R . -13.15 -22.72 19.86
C6 NAG R . -14.15 -23.40 18.97
C7 NAG R . -9.25 -19.23 20.82
C8 NAG R . -8.22 -18.81 21.83
N2 NAG R . -10.22 -20.05 21.26
O3 NAG R . -13.01 -19.55 21.81
O4 NAG R . -14.80 -21.68 21.26
O5 NAG R . -12.01 -22.43 19.04
O6 NAG R . -13.69 -23.49 17.63
O7 NAG R . -9.20 -18.85 19.65
C1 GOL S . -12.71 -34.44 16.35
O1 GOL S . -13.02 -35.76 16.66
C2 GOL S . -11.39 -34.14 17.08
O2 GOL S . -10.46 -35.14 16.84
C3 GOL S . -10.94 -32.76 16.54
O3 GOL S . -12.09 -32.00 16.29
N NO3 T . 14.45 -29.09 -0.08
O1 NO3 T . 13.36 -28.54 -0.38
O2 NO3 T . 14.70 -30.27 -0.50
O3 NO3 T . 15.31 -28.47 0.62
C1 NAG U . -28.94 10.78 -17.25
C2 NAG U . -29.44 9.95 -16.06
C3 NAG U . -30.96 9.87 -16.07
C4 NAG U . -31.57 11.26 -16.13
C5 NAG U . -31.01 12.01 -17.34
C6 NAG U . -31.48 13.45 -17.40
C7 NAG U . -28.60 7.90 -14.96
C8 NAG U . -28.01 6.55 -15.17
N2 NAG U . -28.86 8.61 -16.07
O3 NAG U . -31.41 9.20 -14.88
O4 NAG U . -32.99 11.17 -16.25
O5 NAG U . -29.58 12.06 -17.25
O6 NAG U . -30.82 14.26 -16.44
O7 NAG U . -28.84 8.35 -13.84
C1 GOL V . -27.66 20.92 -26.56
O1 GOL V . -27.76 21.51 -27.81
C2 GOL V . -27.49 19.41 -26.81
O2 GOL V . -26.94 19.18 -28.07
C3 GOL V . -26.59 18.89 -25.65
O3 GOL V . -27.43 18.55 -24.59
CL CL W . -17.78 -0.24 -40.36
#